data_3E0D
#
_entry.id   3E0D
#
_cell.length_a   149.546
_cell.length_b   149.546
_cell.length_c   163.338
_cell.angle_alpha   90.00
_cell.angle_beta   90.00
_cell.angle_gamma   90.00
#
_symmetry.space_group_name_H-M   'P 41'
#
loop_
_entity.id
_entity.type
_entity.pdbx_description
1 polymer 'DNA substrate template strand'
2 polymer 'DNA substrate primer strand'
3 polymer 'DNA polymerase III subunit alpha'
4 non-polymer 'CALCIUM ION'
5 non-polymer "2'-DEOXYADENOSINE 5'-TRIPHOSPHATE"
#
loop_
_entity_poly.entity_id
_entity_poly.type
_entity_poly.pdbx_seq_one_letter_code
_entity_poly.pdbx_strand_id
1 'polydeoxyribonucleotide'
;(DT)(DT)(DT)(DT)(DT)(DT)(DG)(DT)(DG)(DG)(DC)(DA)(DC)(DT)(DG)(DG)(DC)(DC)(DG)(DT)
(DC)(DG)(DT)(DT)(DT)(DC)(DG)
;
C,E
2 'polydeoxyribonucleotide'
;(DC)(DG)(DA)(DA)(DA)(DC)(DG)(DA)(DC)(DG)(DG)(DC)(DC)(DA)(DG)(DT)(DG)(DC)(DC)(DA)
(DOC)
;
D,F
3 'polypeptide(L)'
;MGSKLKFAHLHQHTQFSLLNGAAKLQDLLKWVKETTPEDPALAMTDHGNLFGAVEFYKKATAMGVKPIIGYEAYVAAESR
FDRKRGKGLDGGYFHLTLLAKDFTGYQNLVRLASRAYLEGFYEKPRIDREILREHAQGLIALSGCLGAEIPQFILQDRLD
LAEARLNEDLSIFGDRFFIEIQNHGLPEQKKVNQVLKEFARKYGLGMVATNNGHYVRKEDARAHEVLLAIQSKTTLDDPE
RWRFPCDEFYVKTPEEMRAMLPEAEWGDEPFDNTVEIARMCDVDLPIGDKMVYRIPRFPLPEGRTEAQYLRELTFLGLLR
RYPDRITEAFYREVLRLLGTMPPHGDERALAEALARVEEKAWEELRKRLPPLEGVREWTAEAILHRALYELSVIERMGFP
GYFLIVQDYINWARGHGVSVGPGRGSAAGSLVAYAVGITNIDPLRFGLLFERFLNPERVSMPDIDTDFSDRERDRVIQYV
RERYGEDKVAQIGTFGSLASKAALKDVARVYGIPHKKAEELAKLIPVQFGKPKPLQEAFEAEPELRAEMEKDERIRQVIE
VAMRLEGLNRHASVHAAGVVIAAEPLTDLVPLMRDQEGRPVTQYDMGAVEALGLLKMDFLGLRTLTFLDEARRIVKESKG
VELDYDRLPLDDPKTFELLSRGETKGVFQLESGGMTATVRGLKPRRLEDIIALVSLYRPGPMEHIPTYIRRHHGQEPVSY
AEFPHAEKYLRPILDETYGIPVYQEQIMQIASQVAGYSLGEADLLRRAMGKKRVEEMQKHRERFVRGAKERGVPEEEANR
LFDMLEAFANYGFNKSHAAAYSLLSYQTAYVKAHYPVEFMAALLSVERHDSDKVAEYIRDARALGIPVLPPDVNRSGFDF
KVVGEEILFGLSAVKNVGEMAARAILEERERGGPFKSLGDFLKRLPEQVVNKRALESLVKAGALDAFGDRARLLASLEPL
LRWAAETRERGRSGLVGLFAEVEEPPLVEASPLDEITMLRYEKEALGIYVSGHPVLRYPGLREVASCTIEELSEFVRELP
GKPKVLLSGMVEEVVRKPTRSGGMMARFTLSDETGALEVVVFGRAYEGVSPKLKEDIPLLVLAEVEKGEELRVLAQAVWT
LEEVLEAPKALEVEVDHALLDEKGVARLKSLLDEHPGSLPVYLRVLGPFGEALFALREVRVGEEALGLLEAEGYRAYLVP
DREVFLQGNGGGPKEEVVPF
;
A,B
#
# COMPACT_ATOMS: atom_id res chain seq x y z
N LEU E 5 -22.67 25.36 -13.83
CA LEU E 5 -23.80 24.64 -13.17
C LEU E 5 -23.40 23.24 -12.71
N LYS E 6 -23.34 23.04 -11.40
CA LYS E 6 -23.06 21.71 -10.84
C LYS E 6 -24.20 21.22 -9.94
N PHE E 7 -24.05 20.01 -9.41
CA PHE E 7 -25.08 19.41 -8.57
C PHE E 7 -24.53 18.23 -7.77
N ALA E 8 -25.00 18.09 -6.54
CA ALA E 8 -24.58 17.00 -5.66
C ALA E 8 -25.79 16.26 -5.07
N HIS E 9 -25.96 15.01 -5.48
CA HIS E 9 -27.07 14.19 -5.00
C HIS E 9 -27.00 13.96 -3.49
N LEU E 10 -28.09 14.32 -2.80
CA LEU E 10 -28.16 14.20 -1.35
C LEU E 10 -29.20 13.19 -0.87
N HIS E 11 -30.01 12.69 -1.79
CA HIS E 11 -30.95 11.62 -1.51
C HIS E 11 -30.69 10.52 -2.54
N GLN E 12 -29.80 9.61 -2.18
CA GLN E 12 -29.41 8.52 -3.05
C GLN E 12 -29.47 7.19 -2.29
N HIS E 13 -30.11 6.20 -2.90
CA HIS E 13 -30.21 4.87 -2.31
C HIS E 13 -29.15 3.96 -2.90
N THR E 14 -28.64 3.06 -2.08
CA THR E 14 -27.60 2.15 -2.51
C THR E 14 -28.09 0.71 -2.44
N GLN E 15 -27.18 -0.23 -2.67
CA GLN E 15 -27.46 -1.65 -2.54
C GLN E 15 -27.89 -2.01 -1.13
N PHE E 16 -27.80 -1.04 -0.22
CA PHE E 16 -28.07 -1.29 1.19
C PHE E 16 -29.50 -1.01 1.63
N SER E 17 -30.26 -0.37 0.76
CA SER E 17 -31.72 -0.40 0.87
C SER E 17 -32.14 -1.75 0.28
N LEU E 18 -32.05 -2.77 1.11
CA LEU E 18 -32.11 -4.18 0.67
C LEU E 18 -33.33 -4.57 -0.17
N LEU E 19 -34.44 -3.90 0.01
CA LEU E 19 -35.65 -4.28 -0.73
C LEU E 19 -35.76 -3.64 -2.11
N ASN E 20 -35.41 -2.36 -2.22
CA ASN E 20 -35.58 -1.63 -3.49
C ASN E 20 -34.34 -0.93 -4.05
N GLY E 21 -33.21 -1.03 -3.34
CA GLY E 21 -31.95 -0.41 -3.78
C GLY E 21 -31.17 -1.25 -4.78
N ALA E 22 -30.79 -0.63 -5.90
CA ALA E 22 -30.11 -1.35 -6.99
C ALA E 22 -28.75 -0.75 -7.35
N ALA E 23 -28.39 0.36 -6.73
CA ALA E 23 -27.12 1.02 -7.02
C ALA E 23 -25.95 0.42 -6.25
N LYS E 24 -25.08 -0.28 -6.97
CA LYS E 24 -23.88 -0.87 -6.37
C LYS E 24 -22.90 0.24 -5.96
N LEU E 25 -22.26 0.05 -4.81
CA LEU E 25 -21.46 1.09 -4.17
C LEU E 25 -20.30 1.58 -5.03
N GLN E 26 -19.72 0.67 -5.80
CA GLN E 26 -18.56 0.99 -6.63
C GLN E 26 -18.91 1.81 -7.88
N ASP E 27 -19.68 1.25 -8.80
CA ASP E 27 -19.99 1.95 -10.06
C ASP E 27 -20.84 3.21 -9.87
N LEU E 28 -21.50 3.32 -8.72
CA LEU E 28 -22.21 4.53 -8.33
C LEU E 28 -21.23 5.66 -8.04
N LEU E 29 -20.18 5.34 -7.28
CA LEU E 29 -19.16 6.32 -6.92
C LEU E 29 -18.30 6.79 -8.09
N LYS E 30 -18.10 5.95 -9.11
CA LYS E 30 -17.37 6.39 -10.29
C LYS E 30 -18.25 7.25 -11.19
N TRP E 31 -19.55 6.95 -11.23
CA TRP E 31 -20.49 7.72 -12.05
C TRP E 31 -20.68 9.13 -11.53
N VAL E 32 -20.62 9.28 -10.21
CA VAL E 32 -20.63 10.60 -9.59
C VAL E 32 -19.33 11.32 -9.90
N LYS E 33 -18.22 10.59 -9.83
CA LYS E 33 -16.88 11.13 -10.09
C LYS E 33 -16.69 11.56 -11.54
N GLU E 34 -17.19 10.74 -12.47
CA GLU E 34 -17.04 11.03 -13.91
C GLU E 34 -17.96 12.13 -14.39
N THR E 35 -19.09 12.31 -13.72
CA THR E 35 -20.02 13.40 -14.04
C THR E 35 -19.49 14.73 -13.50
N THR E 36 -19.25 14.80 -12.19
CA THR E 36 -18.72 16.01 -11.55
C THR E 36 -17.30 15.77 -11.04
N PRO E 37 -16.28 16.15 -11.84
CA PRO E 37 -14.89 16.03 -11.37
C PRO E 37 -14.55 17.00 -10.24
N GLU E 38 -15.21 18.16 -10.22
CA GLU E 38 -14.96 19.20 -9.22
C GLU E 38 -15.65 18.91 -7.90
N ASP E 39 -14.85 18.78 -6.84
CA ASP E 39 -15.33 18.59 -5.46
C ASP E 39 -16.56 17.66 -5.33
N PRO E 40 -16.48 16.42 -5.86
CA PRO E 40 -17.67 15.59 -5.96
C PRO E 40 -18.17 15.15 -4.59
N ALA E 41 -19.48 15.15 -4.41
CA ALA E 41 -20.08 14.70 -3.15
C ALA E 41 -21.27 13.80 -3.40
N LEU E 42 -21.47 12.86 -2.48
CA LEU E 42 -22.63 11.96 -2.52
C LEU E 42 -23.06 11.60 -1.11
N ALA E 43 -24.37 11.64 -0.89
CA ALA E 43 -24.95 11.23 0.38
C ALA E 43 -25.58 9.84 0.25
N MET E 44 -25.22 8.98 1.18
CA MET E 44 -25.83 7.67 1.29
C MET E 44 -27.05 7.82 2.20
N THR E 45 -28.25 7.82 1.64
CA THR E 45 -29.48 7.84 2.44
C THR E 45 -30.33 6.59 2.17
N ASP E 46 -30.08 5.53 2.93
CA ASP E 46 -30.81 4.29 2.75
C ASP E 46 -32.09 4.18 3.60
N HIS E 47 -32.99 3.29 3.17
CA HIS E 47 -34.29 3.08 3.82
C HIS E 47 -34.13 2.47 5.21
N GLY E 48 -34.17 3.31 6.24
CA GLY E 48 -34.23 2.88 7.63
C GLY E 48 -33.11 1.97 8.11
N ASN E 49 -31.89 2.29 7.69
CA ASN E 49 -30.70 1.56 8.14
C ASN E 49 -29.40 2.29 7.82
N LEU E 50 -28.32 1.83 8.44
CA LEU E 50 -27.02 2.45 8.29
C LEU E 50 -25.96 1.44 7.82
N PHE E 51 -26.44 0.32 7.26
CA PHE E 51 -25.59 -0.80 6.85
C PHE E 51 -24.33 -0.39 6.07
N GLY E 52 -24.53 0.31 4.96
CA GLY E 52 -23.44 0.69 4.06
C GLY E 52 -22.43 1.68 4.64
N ALA E 53 -22.89 2.53 5.55
CA ALA E 53 -22.10 3.64 6.11
C ALA E 53 -20.58 3.49 6.04
N VAL E 54 -20.01 2.50 6.74
CA VAL E 54 -18.56 2.37 6.83
C VAL E 54 -17.90 2.05 5.49
N GLU E 55 -18.40 1.04 4.79
CA GLU E 55 -17.85 0.66 3.48
C GLU E 55 -18.01 1.79 2.44
N PHE E 56 -19.14 2.51 2.53
CA PHE E 56 -19.39 3.67 1.67
C PHE E 56 -18.38 4.78 1.94
N TYR E 57 -18.15 5.07 3.22
CA TYR E 57 -17.16 6.06 3.61
C TYR E 57 -15.76 5.73 3.11
N LYS E 58 -15.36 4.47 3.26
CA LYS E 58 -13.99 4.07 2.89
C LYS E 58 -13.77 3.85 1.38
N LYS E 59 -14.86 3.57 0.65
CA LYS E 59 -14.77 3.44 -0.81
C LYS E 59 -14.77 4.79 -1.51
N ALA E 60 -15.61 5.70 -1.03
CA ALA E 60 -15.69 7.06 -1.56
C ALA E 60 -14.45 7.86 -1.21
N THR E 61 -13.93 7.62 0.00
CA THR E 61 -12.75 8.35 0.47
C THR E 61 -11.49 8.00 -0.32
N ALA E 62 -11.42 6.76 -0.82
CA ALA E 62 -10.28 6.28 -1.61
C ALA E 62 -10.46 6.56 -3.10
N MET E 63 -11.63 7.11 -3.47
CA MET E 63 -11.91 7.51 -4.84
C MET E 63 -11.90 9.02 -5.02
N GLY E 64 -11.71 9.75 -3.91
CA GLY E 64 -11.67 11.21 -3.94
C GLY E 64 -13.03 11.87 -3.92
N VAL E 65 -14.07 11.09 -3.71
CA VAL E 65 -15.43 11.60 -3.53
C VAL E 65 -15.62 11.89 -2.05
N LYS E 66 -16.34 12.96 -1.73
CA LYS E 66 -16.68 13.26 -0.34
C LYS E 66 -17.99 12.57 0.03
N PRO E 67 -17.92 11.62 0.97
CA PRO E 67 -19.11 10.89 1.39
C PRO E 67 -19.94 11.71 2.36
N ILE E 68 -21.25 11.52 2.33
CA ILE E 68 -22.13 12.10 3.34
C ILE E 68 -23.04 11.00 3.88
N ILE E 69 -22.97 10.77 5.18
CA ILE E 69 -23.72 9.69 5.81
C ILE E 69 -25.13 10.16 6.13
N GLY E 70 -26.09 9.51 5.50
CA GLY E 70 -27.48 9.88 5.61
C GLY E 70 -28.37 8.69 5.94
N TYR E 71 -29.65 8.99 6.12
CA TYR E 71 -30.61 8.03 6.62
C TYR E 71 -31.98 8.50 6.17
N GLU E 72 -32.69 7.67 5.40
CA GLU E 72 -34.11 7.95 5.14
C GLU E 72 -34.94 7.20 6.17
N ALA E 73 -35.30 7.92 7.22
CA ALA E 73 -36.02 7.37 8.35
C ALA E 73 -37.46 7.05 8.01
N TYR E 74 -37.94 5.92 8.52
CA TYR E 74 -39.36 5.69 8.62
C TYR E 74 -39.76 6.36 9.93
N VAL E 75 -40.65 7.33 9.86
CA VAL E 75 -41.12 8.03 11.05
C VAL E 75 -42.58 7.69 11.30
N ALA E 76 -42.86 7.23 12.52
CA ALA E 76 -44.20 6.81 12.91
C ALA E 76 -45.13 7.99 13.02
N ALA E 77 -46.37 7.77 12.58
CA ALA E 77 -47.43 8.77 12.67
C ALA E 77 -47.48 9.39 14.06
N GLU E 78 -47.50 8.57 15.11
CA GLU E 78 -47.45 9.09 16.48
C GLU E 78 -46.23 8.57 17.26
N SER E 79 -46.39 7.49 18.02
CA SER E 79 -45.30 6.90 18.79
C SER E 79 -44.71 5.64 18.13
N ARG E 80 -43.41 5.43 18.36
CA ARG E 80 -42.69 4.29 17.79
C ARG E 80 -43.11 2.99 18.45
N PHE E 81 -43.85 3.11 19.56
CA PHE E 81 -44.35 1.93 20.26
C PHE E 81 -45.68 1.47 19.69
N ASP E 82 -46.32 2.31 18.90
CA ASP E 82 -47.60 1.99 18.29
C ASP E 82 -47.50 0.71 17.47
N ARG E 83 -48.43 -0.21 17.70
CA ARG E 83 -48.55 -1.39 16.86
C ARG E 83 -49.97 -1.33 16.30
N LYS E 84 -50.26 -0.20 15.64
CA LYS E 84 -51.61 0.10 15.21
C LYS E 84 -51.89 -0.53 13.85
N ARG E 85 -53.04 -1.21 13.77
CA ARG E 85 -53.42 -2.00 12.60
C ARG E 85 -54.54 -1.33 11.80
N GLY E 91 -52.52 5.58 12.51
CA GLY E 91 -51.91 5.68 11.19
C GLY E 91 -50.75 4.70 10.96
N GLY E 92 -49.92 5.02 9.96
CA GLY E 92 -48.78 4.17 9.60
C GLY E 92 -47.44 4.81 9.89
N TYR E 93 -46.66 5.03 8.84
CA TYR E 93 -45.33 5.65 8.93
C TYR E 93 -44.96 6.41 7.67
N PHE E 94 -44.11 7.42 7.83
CA PHE E 94 -43.75 8.33 6.75
C PHE E 94 -42.24 8.34 6.53
N HIS E 95 -41.79 8.94 5.43
CA HIS E 95 -40.38 9.07 5.16
C HIS E 95 -39.82 10.41 5.68
N LEU E 96 -38.52 10.42 5.96
CA LEU E 96 -37.80 11.64 6.27
C LEU E 96 -36.31 11.52 5.91
N THR E 97 -35.81 12.46 5.12
CA THR E 97 -34.39 12.48 4.76
C THR E 97 -33.57 13.19 5.84
N LEU E 98 -32.56 12.48 6.35
CA LEU E 98 -31.67 13.02 7.37
C LEU E 98 -30.22 12.92 6.93
N LEU E 99 -29.45 13.96 7.19
CA LEU E 99 -28.01 13.99 6.90
C LEU E 99 -27.21 14.41 8.12
N ALA E 100 -26.07 13.76 8.33
CA ALA E 100 -25.20 14.10 9.45
C ALA E 100 -24.19 15.14 8.99
N LYS E 101 -24.13 16.29 9.68
CA LYS E 101 -23.20 17.35 9.28
C LYS E 101 -21.87 17.35 10.03
N ASP E 102 -21.86 16.79 11.24
CA ASP E 102 -20.61 16.57 11.99
C ASP E 102 -20.68 15.23 12.73
N PHE E 103 -19.63 14.88 13.47
CA PHE E 103 -19.55 13.56 14.11
C PHE E 103 -20.63 13.30 15.17
N THR E 104 -21.01 14.33 15.92
CA THR E 104 -22.14 14.21 16.85
C THR E 104 -23.38 13.87 16.03
N GLY E 105 -23.51 14.51 14.86
CA GLY E 105 -24.53 14.16 13.89
C GLY E 105 -24.45 12.68 13.56
N TYR E 106 -23.26 12.21 13.19
CA TYR E 106 -23.06 10.80 12.90
C TYR E 106 -23.57 9.92 14.05
N GLN E 107 -23.11 10.21 15.27
CA GLN E 107 -23.48 9.42 16.45
C GLN E 107 -25.01 9.36 16.63
N ASN E 108 -25.67 10.51 16.50
CA ASN E 108 -27.12 10.57 16.63
C ASN E 108 -27.86 9.75 15.57
N LEU E 109 -27.34 9.72 14.35
CA LEU E 109 -27.89 8.82 13.34
C LEU E 109 -27.76 7.38 13.83
N VAL E 110 -26.59 7.05 14.37
CA VAL E 110 -26.31 5.71 14.89
C VAL E 110 -27.33 5.31 15.97
N ARG E 111 -27.63 6.24 16.88
CA ARG E 111 -28.62 5.99 17.92
C ARG E 111 -30.02 5.84 17.37
N LEU E 112 -30.43 6.78 16.50
CA LEU E 112 -31.74 6.71 15.86
C LEU E 112 -31.93 5.41 15.08
N ALA E 113 -30.98 5.09 14.21
CA ALA E 113 -31.03 3.84 13.43
C ALA E 113 -31.12 2.63 14.32
N SER E 114 -30.47 2.70 15.49
CA SER E 114 -30.48 1.61 16.46
C SER E 114 -31.84 1.52 17.10
N ARG E 115 -32.32 2.65 17.59
CA ARG E 115 -33.59 2.72 18.31
C ARG E 115 -34.76 2.33 17.43
N ALA E 116 -34.71 2.73 16.16
CA ALA E 116 -35.71 2.33 15.16
C ALA E 116 -35.91 0.82 15.12
N TYR E 117 -34.82 0.08 15.27
CA TYR E 117 -34.87 -1.37 15.28
C TYR E 117 -35.20 -1.95 16.67
N LEU E 118 -34.59 -1.41 17.71
CA LEU E 118 -34.71 -1.99 19.04
C LEU E 118 -36.00 -1.61 19.75
N GLU E 119 -36.49 -0.39 19.51
CA GLU E 119 -37.70 0.09 20.18
C GLU E 119 -38.88 0.29 19.24
N GLY E 120 -38.58 0.58 17.97
CA GLY E 120 -39.61 1.06 17.06
C GLY E 120 -39.92 0.19 15.87
N PHE E 121 -39.63 -1.10 15.97
CA PHE E 121 -39.82 -1.98 14.83
C PHE E 121 -41.20 -2.57 14.74
N TYR E 122 -42.00 -2.08 13.82
CA TYR E 122 -43.32 -2.69 13.55
C TYR E 122 -43.27 -3.54 12.27
N GLU E 123 -43.35 -2.93 11.10
CA GLU E 123 -43.17 -3.67 9.85
C GLU E 123 -41.81 -3.30 9.31
N LYS E 124 -41.52 -2.01 9.47
CA LYS E 124 -40.24 -1.40 9.15
C LYS E 124 -39.69 -0.87 10.48
N PRO E 125 -38.38 -0.55 10.54
CA PRO E 125 -37.86 0.07 11.75
C PRO E 125 -38.19 1.55 11.78
N ARG E 126 -38.96 1.98 12.76
CA ARG E 126 -39.46 3.36 12.78
C ARG E 126 -38.98 4.17 13.97
N ILE E 127 -38.90 5.48 13.79
CA ILE E 127 -38.51 6.40 14.86
C ILE E 127 -39.66 7.37 15.18
N ASP E 128 -39.45 8.18 16.20
CA ASP E 128 -40.44 9.12 16.70
C ASP E 128 -40.02 10.53 16.42
N ARG E 129 -40.99 11.42 16.31
CA ARG E 129 -40.70 12.83 16.37
C ARG E 129 -40.21 13.18 17.77
N GLU E 130 -40.61 12.39 18.76
CA GLU E 130 -40.06 12.52 20.10
C GLU E 130 -38.56 12.24 20.09
N ILE E 131 -38.18 11.04 19.67
CA ILE E 131 -36.77 10.65 19.74
C ILE E 131 -35.88 11.39 18.75
N LEU E 132 -36.47 11.87 17.64
CA LEU E 132 -35.79 12.76 16.70
C LEU E 132 -35.36 14.02 17.39
N ARG E 133 -36.29 14.60 18.15
CA ARG E 133 -36.05 15.80 18.91
C ARG E 133 -34.92 15.57 19.91
N GLU E 134 -34.88 14.38 20.49
CA GLU E 134 -33.84 14.01 21.44
C GLU E 134 -32.48 13.94 20.75
N HIS E 135 -32.44 13.36 19.55
CA HIS E 135 -31.20 13.16 18.82
C HIS E 135 -31.07 14.05 17.60
N ALA E 136 -31.52 15.30 17.71
CA ALA E 136 -31.53 16.20 16.57
C ALA E 136 -30.20 16.93 16.39
N GLN E 137 -29.41 16.99 17.46
CA GLN E 137 -28.14 17.71 17.45
C GLN E 137 -27.17 17.13 16.42
N GLY E 138 -26.75 17.98 15.47
CA GLY E 138 -25.82 17.58 14.42
C GLY E 138 -26.49 17.02 13.18
N LEU E 139 -27.79 17.25 13.04
CA LEU E 139 -28.54 16.74 11.90
C LEU E 139 -29.18 17.81 11.03
N ILE E 140 -29.02 17.65 9.71
CA ILE E 140 -29.79 18.39 8.72
C ILE E 140 -30.95 17.50 8.28
N ALA E 141 -32.13 18.08 8.14
CA ALA E 141 -33.28 17.31 7.70
C ALA E 141 -33.84 17.93 6.43
N LEU E 142 -34.41 17.10 5.56
CA LEU E 142 -35.08 17.60 4.36
C LEU E 142 -36.52 17.09 4.31
N SER E 143 -37.45 17.95 3.89
CA SER E 143 -38.89 17.68 3.91
C SER E 143 -39.30 16.30 3.38
N GLY E 144 -38.49 15.73 2.49
CA GLY E 144 -38.66 14.34 2.10
C GLY E 144 -39.46 14.06 0.85
N CYS E 145 -39.45 12.79 0.43
CA CYS E 145 -40.15 12.33 -0.78
C CYS E 145 -41.65 12.37 -0.60
N LEU E 146 -42.38 12.08 -1.68
CA LEU E 146 -43.85 12.06 -1.67
C LEU E 146 -44.44 11.27 -0.50
N GLY E 147 -43.72 10.27 -0.05
CA GLY E 147 -44.17 9.42 1.05
C GLY E 147 -43.93 10.01 2.43
N ALA E 148 -43.30 11.18 2.47
CA ALA E 148 -43.00 11.90 3.71
C ALA E 148 -44.25 12.60 4.23
N GLU E 149 -44.19 13.14 5.44
CA GLU E 149 -45.37 13.70 6.12
C GLU E 149 -45.97 14.94 5.43
N ILE E 150 -45.17 15.99 5.27
CA ILE E 150 -45.65 17.27 4.73
C ILE E 150 -46.24 17.15 3.30
N PRO E 151 -45.47 16.63 2.34
CA PRO E 151 -46.05 16.39 1.00
C PRO E 151 -47.30 15.50 1.05
N GLN E 152 -47.28 14.50 1.91
CA GLN E 152 -48.43 13.62 2.10
C GLN E 152 -49.67 14.39 2.58
N PHE E 153 -49.51 15.30 3.54
CA PHE E 153 -50.61 16.11 4.03
C PHE E 153 -51.14 17.01 2.94
N ILE E 154 -50.21 17.53 2.13
CA ILE E 154 -50.56 18.45 1.04
C ILE E 154 -51.45 17.74 0.02
N LEU E 155 -51.08 16.51 -0.32
CA LEU E 155 -51.86 15.67 -1.22
C LEU E 155 -53.28 15.39 -0.73
N GLN E 156 -53.45 15.35 0.59
CA GLN E 156 -54.73 15.03 1.22
C GLN E 156 -55.60 16.26 1.46
N ASP E 157 -55.13 17.40 0.96
CA ASP E 157 -55.84 18.69 1.08
C ASP E 157 -55.90 19.21 2.51
N ARG E 158 -55.08 18.64 3.38
CA ARG E 158 -54.99 19.10 4.76
C ARG E 158 -53.79 20.01 4.91
N LEU E 159 -53.89 21.18 4.31
CA LEU E 159 -52.82 22.18 4.35
C LEU E 159 -52.52 22.63 5.78
N ASP E 160 -53.56 22.66 6.61
CA ASP E 160 -53.44 23.01 8.03
C ASP E 160 -52.56 22.05 8.84
N LEU E 161 -52.70 20.75 8.57
CA LEU E 161 -51.88 19.75 9.24
C LEU E 161 -50.43 19.83 8.77
N ALA E 162 -50.24 20.08 7.47
CA ALA E 162 -48.92 20.18 6.86
C ALA E 162 -48.12 21.35 7.40
N GLU E 163 -48.76 22.51 7.52
CA GLU E 163 -48.09 23.69 8.08
C GLU E 163 -47.80 23.48 9.57
N ALA E 164 -48.77 22.90 10.28
CA ALA E 164 -48.60 22.54 11.68
C ALA E 164 -47.45 21.56 11.84
N ARG E 165 -47.32 20.61 10.93
CA ARG E 165 -46.21 19.67 10.99
C ARG E 165 -44.89 20.35 10.60
N LEU E 166 -44.96 21.28 9.64
CA LEU E 166 -43.80 22.06 9.27
C LEU E 166 -43.27 22.83 10.47
N ASN E 167 -44.16 23.47 11.22
CA ASN E 167 -43.80 24.16 12.46
C ASN E 167 -43.17 23.22 13.48
N GLU E 168 -43.75 22.04 13.66
CA GLU E 168 -43.23 21.06 14.60
C GLU E 168 -41.76 20.75 14.29
N ASP E 169 -41.48 20.45 13.02
CA ASP E 169 -40.12 20.15 12.57
C ASP E 169 -39.17 21.34 12.68
N LEU E 170 -39.68 22.55 12.46
CA LEU E 170 -38.86 23.77 12.60
C LEU E 170 -38.46 23.96 14.03
N SER E 171 -39.36 23.59 14.93
CA SER E 171 -39.13 23.60 16.36
C SER E 171 -38.07 22.56 16.78
N ILE E 172 -37.82 21.58 15.91
CA ILE E 172 -36.84 20.53 16.20
C ILE E 172 -35.45 20.82 15.62
N PHE E 173 -35.43 21.21 14.35
CA PHE E 173 -34.18 21.33 13.60
C PHE E 173 -33.67 22.76 13.38
N GLY E 174 -34.52 23.75 13.65
CA GLY E 174 -34.16 25.15 13.43
C GLY E 174 -33.92 25.42 11.96
N ASP E 175 -32.80 26.06 11.65
CA ASP E 175 -32.43 26.36 10.27
C ASP E 175 -31.69 25.20 9.58
N ARG E 176 -31.77 24.01 10.17
CA ARG E 176 -31.21 22.82 9.57
C ARG E 176 -32.33 22.02 8.91
N PHE E 177 -33.48 22.68 8.73
CA PHE E 177 -34.59 22.07 8.02
C PHE E 177 -34.71 22.70 6.65
N PHE E 178 -34.77 21.87 5.62
CA PHE E 178 -34.90 22.39 4.26
C PHE E 178 -36.11 21.79 3.57
N ILE E 179 -36.70 22.56 2.65
CA ILE E 179 -37.79 22.03 1.84
C ILE E 179 -37.16 21.22 0.71
N GLU E 180 -37.44 19.92 0.70
CA GLU E 180 -36.89 19.02 -0.31
C GLU E 180 -37.79 19.05 -1.55
N ILE E 181 -37.16 19.30 -2.69
CA ILE E 181 -37.87 19.42 -3.95
C ILE E 181 -37.32 18.46 -4.99
N GLN E 182 -38.15 17.49 -5.37
CA GLN E 182 -37.80 16.58 -6.43
C GLN E 182 -38.85 16.53 -7.51
N ASN E 183 -38.42 16.21 -8.73
CA ASN E 183 -39.37 16.13 -9.82
C ASN E 183 -39.07 15.02 -10.81
N HIS E 184 -40.00 14.08 -10.87
CA HIS E 184 -40.08 13.12 -11.95
C HIS E 184 -41.36 13.56 -12.64
N GLY E 185 -41.79 12.87 -13.70
CA GLY E 185 -42.96 13.33 -14.45
C GLY E 185 -44.26 13.48 -13.67
N LEU E 186 -44.27 13.02 -12.42
CA LEU E 186 -45.49 12.80 -11.64
C LEU E 186 -46.37 14.02 -11.35
N PRO E 187 -47.71 13.87 -11.56
CA PRO E 187 -48.69 14.95 -11.41
C PRO E 187 -48.89 15.38 -9.97
N GLU E 188 -48.60 14.45 -9.05
CA GLU E 188 -48.67 14.74 -7.62
C GLU E 188 -47.52 15.65 -7.24
N GLN E 189 -46.39 15.49 -7.91
CA GLN E 189 -45.23 16.34 -7.64
C GLN E 189 -45.49 17.81 -7.95
N LYS E 190 -46.30 18.05 -8.99
CA LYS E 190 -46.67 19.41 -9.38
C LYS E 190 -47.40 20.12 -8.24
N LYS E 191 -48.40 19.45 -7.68
CA LYS E 191 -49.22 20.00 -6.60
C LYS E 191 -48.43 20.16 -5.28
N VAL E 192 -47.62 19.16 -4.95
CA VAL E 192 -46.84 19.18 -3.73
C VAL E 192 -45.81 20.30 -3.76
N ASN E 193 -44.99 20.32 -4.81
CA ASN E 193 -43.91 21.31 -4.95
C ASN E 193 -44.42 22.75 -4.95
N GLN E 194 -45.53 22.98 -5.63
CA GLN E 194 -46.17 24.30 -5.68
C GLN E 194 -46.52 24.82 -4.28
N VAL E 195 -47.04 23.94 -3.43
CA VAL E 195 -47.40 24.28 -2.04
C VAL E 195 -46.16 24.28 -1.16
N LEU E 196 -45.21 23.39 -1.44
CA LEU E 196 -43.92 23.37 -0.76
C LEU E 196 -43.19 24.68 -0.98
N LYS E 197 -43.25 25.16 -2.22
CA LYS E 197 -42.62 26.40 -2.63
C LYS E 197 -43.15 27.55 -1.79
N GLU E 198 -44.46 27.55 -1.56
CA GLU E 198 -45.12 28.59 -0.75
C GLU E 198 -44.63 28.56 0.69
N PHE E 199 -44.51 27.35 1.24
CA PHE E 199 -44.02 27.18 2.60
C PHE E 199 -42.60 27.67 2.71
N ALA E 200 -41.79 27.33 1.70
CA ALA E 200 -40.38 27.68 1.68
C ALA E 200 -40.16 29.17 1.65
N ARG E 201 -41.11 29.91 1.10
CA ARG E 201 -41.01 31.35 0.96
C ARG E 201 -41.64 32.09 2.14
N LYS E 202 -42.63 31.45 2.78
CA LYS E 202 -43.36 32.05 3.89
C LYS E 202 -42.55 31.96 5.19
N TYR E 203 -41.81 30.87 5.34
CA TYR E 203 -41.00 30.68 6.54
C TYR E 203 -39.52 31.01 6.29
N GLY E 204 -39.20 31.35 5.03
CA GLY E 204 -37.83 31.64 4.60
C GLY E 204 -36.91 30.44 4.79
N LEU E 205 -37.22 29.35 4.10
CA LEU E 205 -36.61 28.06 4.42
C LEU E 205 -35.50 27.51 3.53
N GLY E 206 -35.47 27.92 2.26
CA GLY E 206 -34.43 27.43 1.36
C GLY E 206 -34.69 26.00 0.87
N MET E 207 -34.86 25.89 -0.44
CA MET E 207 -35.15 24.62 -1.08
C MET E 207 -33.87 23.91 -1.54
N VAL E 208 -33.88 22.59 -1.44
CA VAL E 208 -32.77 21.75 -1.89
C VAL E 208 -33.31 20.72 -2.86
N ALA E 209 -32.68 20.64 -4.03
CA ALA E 209 -33.05 19.67 -5.05
C ALA E 209 -32.39 18.30 -4.82
N THR E 210 -33.18 17.25 -4.96
CA THR E 210 -32.69 15.87 -4.95
C THR E 210 -33.53 15.13 -5.97
N ASN E 211 -33.17 13.89 -6.32
CA ASN E 211 -34.14 13.11 -7.08
C ASN E 211 -34.25 11.61 -6.74
N ASN E 212 -33.91 11.27 -5.50
CA ASN E 212 -34.27 9.97 -4.90
C ASN E 212 -33.82 8.80 -5.78
N GLY E 213 -32.52 8.70 -6.01
CA GLY E 213 -31.98 7.64 -6.87
C GLY E 213 -32.12 6.26 -6.26
N HIS E 214 -32.25 5.25 -7.12
CA HIS E 214 -32.35 3.85 -6.70
C HIS E 214 -31.53 2.96 -7.62
N TYR E 215 -31.13 3.53 -8.75
CA TYR E 215 -30.21 2.88 -9.67
C TYR E 215 -29.18 3.91 -10.13
N VAL E 216 -28.12 3.45 -10.80
CA VAL E 216 -27.04 4.37 -11.18
C VAL E 216 -27.35 5.17 -12.45
N ARG E 217 -27.47 4.49 -13.58
CA ARG E 217 -27.79 5.14 -14.87
C ARG E 217 -29.23 4.87 -15.32
N LYS E 218 -29.70 5.62 -16.31
CA LYS E 218 -31.07 5.50 -16.82
C LYS E 218 -31.37 4.10 -17.41
N GLU E 219 -30.33 3.43 -17.89
CA GLU E 219 -30.45 2.11 -18.48
C GLU E 219 -30.79 1.04 -17.45
N ASP E 220 -30.50 1.34 -16.18
CA ASP E 220 -30.69 0.38 -15.09
C ASP E 220 -32.14 0.26 -14.64
N ALA E 221 -33.03 1.07 -15.22
CA ALA E 221 -34.44 1.07 -14.84
C ALA E 221 -35.09 -0.31 -14.85
N ARG E 222 -34.96 -1.04 -15.97
CA ARG E 222 -35.52 -2.39 -16.06
C ARG E 222 -34.85 -3.40 -15.13
N ALA E 223 -33.53 -3.31 -15.00
CA ALA E 223 -32.78 -4.16 -14.08
C ALA E 223 -33.33 -3.99 -12.68
N HIS E 224 -33.60 -2.74 -12.32
CA HIS E 224 -34.21 -2.39 -11.05
C HIS E 224 -35.66 -2.90 -10.98
N GLU E 225 -36.38 -2.78 -12.10
CA GLU E 225 -37.77 -3.23 -12.14
C GLU E 225 -37.91 -4.74 -11.95
N VAL E 226 -36.92 -5.51 -12.39
CA VAL E 226 -36.93 -6.96 -12.12
C VAL E 226 -36.44 -7.26 -10.71
N LEU E 227 -35.60 -6.37 -10.15
CA LEU E 227 -35.16 -6.52 -8.77
C LEU E 227 -36.39 -6.55 -7.88
N LEU E 228 -37.27 -5.57 -8.08
CA LEU E 228 -38.55 -5.51 -7.38
C LEU E 228 -39.40 -6.75 -7.58
N ALA E 229 -39.29 -7.37 -8.77
CA ALA E 229 -40.04 -8.58 -9.08
C ALA E 229 -39.45 -9.81 -8.39
N ILE E 230 -38.22 -9.67 -7.90
CA ILE E 230 -37.57 -10.74 -7.14
C ILE E 230 -37.98 -10.67 -5.65
N GLN E 231 -38.19 -9.46 -5.15
CA GLN E 231 -38.75 -9.27 -3.80
C GLN E 231 -40.25 -9.51 -3.79
N SER E 232 -40.94 -8.96 -4.78
CA SER E 232 -42.38 -9.20 -5.00
C SER E 232 -42.68 -10.66 -5.40
N LYS E 233 -41.63 -11.38 -5.82
CA LYS E 233 -41.72 -12.79 -6.20
C LYS E 233 -42.84 -13.06 -7.21
N THR E 234 -42.79 -12.35 -8.33
CA THR E 234 -43.78 -12.47 -9.40
C THR E 234 -43.12 -12.44 -10.78
N THR E 235 -43.92 -12.69 -11.82
CA THR E 235 -43.45 -12.68 -13.20
C THR E 235 -43.29 -11.24 -13.69
N LEU E 236 -42.54 -11.05 -14.78
CA LEU E 236 -42.40 -9.76 -15.44
C LEU E 236 -43.77 -9.20 -15.86
N ASP E 237 -44.68 -10.09 -16.23
CA ASP E 237 -46.06 -9.72 -16.48
C ASP E 237 -46.95 -10.39 -15.43
N ASP E 238 -47.51 -9.58 -14.52
CA ASP E 238 -48.35 -10.12 -13.46
C ASP E 238 -49.85 -9.92 -13.75
N PRO E 239 -50.39 -8.68 -13.64
CA PRO E 239 -49.84 -7.43 -13.12
C PRO E 239 -50.12 -7.33 -11.63
N GLU E 240 -49.97 -6.13 -11.08
CA GLU E 240 -50.07 -5.93 -9.63
C GLU E 240 -48.69 -6.17 -9.01
N ARG E 241 -47.76 -6.66 -9.84
CA ARG E 241 -46.35 -6.75 -9.44
C ARG E 241 -45.80 -5.38 -9.07
N TRP E 242 -44.92 -5.38 -8.09
CA TRP E 242 -44.35 -4.14 -7.57
C TRP E 242 -43.56 -3.40 -8.64
N ARG E 243 -43.94 -2.15 -8.89
CA ARG E 243 -43.32 -1.29 -9.91
C ARG E 243 -43.19 0.13 -9.40
N PHE E 244 -42.18 0.84 -9.92
CA PHE E 244 -42.06 2.27 -9.64
C PHE E 244 -42.95 3.02 -10.65
N PRO E 245 -43.30 4.29 -10.34
CA PRO E 245 -44.21 5.06 -11.20
C PRO E 245 -43.65 5.47 -12.57
N CYS E 246 -42.33 5.57 -12.67
CA CYS E 246 -41.65 5.90 -13.92
C CYS E 246 -40.21 5.40 -13.89
N ASP E 247 -39.42 5.80 -14.88
CA ASP E 247 -38.03 5.35 -15.02
C ASP E 247 -37.05 6.50 -14.82
N GLU E 248 -37.24 7.25 -13.74
CA GLU E 248 -36.47 8.48 -13.52
C GLU E 248 -35.54 8.47 -12.31
N PHE E 249 -35.62 7.40 -11.52
CA PHE E 249 -34.90 7.33 -10.24
C PHE E 249 -33.46 6.89 -10.43
N TYR E 250 -32.70 7.73 -11.12
CA TYR E 250 -31.28 7.48 -11.39
C TYR E 250 -30.42 8.74 -11.16
N VAL E 251 -29.10 8.54 -11.11
CA VAL E 251 -28.16 9.63 -10.83
C VAL E 251 -27.98 10.53 -12.04
N LYS E 252 -28.74 11.63 -12.05
CA LYS E 252 -28.82 12.50 -13.22
C LYS E 252 -27.70 13.54 -13.28
N THR E 253 -27.37 13.94 -14.51
CA THR E 253 -26.43 15.02 -14.79
C THR E 253 -27.08 16.32 -14.33
N PRO E 254 -26.29 17.26 -13.80
CA PRO E 254 -26.83 18.59 -13.49
C PRO E 254 -27.77 19.15 -14.58
N GLU E 255 -27.52 18.75 -15.83
CA GLU E 255 -28.34 19.14 -16.99
C GLU E 255 -29.71 18.48 -16.99
N GLU E 256 -29.74 17.17 -16.76
CA GLU E 256 -30.99 16.39 -16.71
C GLU E 256 -31.86 16.84 -15.55
N MET E 257 -31.21 17.31 -14.48
CA MET E 257 -31.88 17.87 -13.31
C MET E 257 -32.63 19.13 -13.68
N ARG E 258 -31.99 19.97 -14.48
CA ARG E 258 -32.60 21.20 -14.96
C ARG E 258 -33.82 20.95 -15.81
N ALA E 259 -33.83 19.84 -16.55
CA ALA E 259 -34.96 19.49 -17.41
C ALA E 259 -36.22 19.25 -16.57
N MET E 260 -36.02 18.80 -15.33
CA MET E 260 -37.11 18.56 -14.39
C MET E 260 -37.44 19.82 -13.61
N LEU E 261 -36.43 20.65 -13.39
CA LEU E 261 -36.57 21.89 -12.63
C LEU E 261 -36.06 23.07 -13.45
N PRO E 262 -36.91 23.61 -14.36
CA PRO E 262 -36.51 24.70 -15.27
C PRO E 262 -36.04 25.98 -14.54
N GLU E 263 -35.17 26.75 -15.20
CA GLU E 263 -34.57 27.94 -14.59
C GLU E 263 -35.56 29.08 -14.35
N ALA E 264 -36.45 29.31 -15.31
CA ALA E 264 -37.42 30.41 -15.24
C ALA E 264 -38.57 30.11 -14.28
N GLU E 265 -38.38 29.12 -13.41
CA GLU E 265 -39.42 28.69 -12.49
C GLU E 265 -38.84 28.32 -11.12
N TRP E 266 -37.60 27.83 -11.11
CA TRP E 266 -36.94 27.40 -9.87
C TRP E 266 -35.73 28.23 -9.47
N GLY E 267 -35.06 28.81 -10.47
CA GLY E 267 -33.85 29.60 -10.23
C GLY E 267 -32.66 28.73 -9.91
N ASP E 268 -31.63 29.33 -9.31
CA ASP E 268 -30.40 28.61 -9.00
C ASP E 268 -30.36 28.05 -7.58
N GLU E 269 -31.24 28.58 -6.72
CA GLU E 269 -31.22 28.23 -5.30
C GLU E 269 -31.25 26.73 -5.00
N PRO E 270 -32.23 25.97 -5.55
CA PRO E 270 -32.28 24.52 -5.30
C PRO E 270 -31.01 23.77 -5.70
N PHE E 271 -30.26 24.33 -6.65
CA PHE E 271 -29.01 23.72 -7.11
C PHE E 271 -27.81 24.15 -6.28
N ASP E 272 -27.72 25.46 -6.02
CA ASP E 272 -26.64 26.02 -5.19
C ASP E 272 -26.65 25.48 -3.76
N ASN E 273 -27.84 25.28 -3.20
CA ASN E 273 -28.00 24.78 -1.83
C ASN E 273 -27.52 23.34 -1.69
N THR E 274 -27.64 22.60 -2.79
CA THR E 274 -27.15 21.24 -2.88
C THR E 274 -25.66 21.19 -2.58
N VAL E 275 -24.89 22.03 -3.26
CA VAL E 275 -23.43 22.05 -3.11
C VAL E 275 -23.02 22.63 -1.77
N GLU E 276 -23.83 23.56 -1.25
CA GLU E 276 -23.50 24.25 -0.01
C GLU E 276 -23.63 23.30 1.17
N ILE E 277 -24.73 22.56 1.22
CA ILE E 277 -24.95 21.57 2.27
C ILE E 277 -23.81 20.57 2.29
N ALA E 278 -23.55 19.95 1.13
CA ALA E 278 -22.50 18.95 0.96
C ALA E 278 -21.13 19.45 1.47
N ARG E 279 -20.87 20.74 1.29
CA ARG E 279 -19.64 21.36 1.80
C ARG E 279 -19.66 21.36 3.32
N MET E 280 -20.76 21.80 3.91
CA MET E 280 -20.84 21.98 5.35
C MET E 280 -21.14 20.67 6.11
N CYS E 281 -20.88 19.53 5.47
CA CYS E 281 -21.13 18.22 6.08
C CYS E 281 -19.83 17.47 6.39
N ASP E 282 -19.15 17.93 7.44
CA ASP E 282 -17.83 17.43 7.82
C ASP E 282 -17.90 16.24 8.80
N VAL E 283 -17.99 15.03 8.27
CA VAL E 283 -18.04 13.79 9.08
C VAL E 283 -16.86 12.86 8.81
N ASP E 284 -16.07 12.58 9.85
CA ASP E 284 -14.93 11.68 9.75
C ASP E 284 -15.06 10.47 10.66
N LEU E 285 -14.87 9.28 10.10
CA LEU E 285 -14.90 8.05 10.88
C LEU E 285 -13.47 7.64 11.33
N PRO E 286 -13.72 6.66 11.72
CA PRO E 286 -12.41 6.21 12.21
C PRO E 286 -11.90 4.96 11.47
N ILE E 287 -11.24 5.17 10.34
CA ILE E 287 -10.69 4.10 9.52
C ILE E 287 -9.25 4.40 9.09
N GLY E 288 -8.43 3.36 9.05
CA GLY E 288 -7.07 3.45 8.52
C GLY E 288 -6.20 4.41 9.28
N ASP E 289 -5.93 5.58 8.67
CA ASP E 289 -5.09 6.61 9.27
C ASP E 289 -5.49 6.84 10.73
N LYS E 290 -6.79 7.07 10.94
CA LYS E 290 -7.36 7.18 12.28
C LYS E 290 -7.44 5.80 12.94
N MET E 291 -8.65 5.34 13.25
CA MET E 291 -8.86 4.07 13.97
C MET E 291 -8.20 4.03 15.37
N VAL E 292 -9.02 3.86 16.39
CA VAL E 292 -8.54 3.67 17.74
C VAL E 292 -8.85 2.23 18.12
N TYR E 293 -7.96 1.61 18.87
CA TYR E 293 -8.26 0.30 19.44
C TYR E 293 -9.23 0.46 20.60
N ARG E 294 -10.38 -0.18 20.48
CA ARG E 294 -11.39 -0.19 21.51
C ARG E 294 -11.34 -1.53 22.22
N ILE E 295 -10.46 -1.63 23.20
CA ILE E 295 -10.36 -2.82 24.03
C ILE E 295 -11.22 -2.55 25.28
N PRO E 296 -12.22 -3.42 25.53
CA PRO E 296 -13.02 -3.28 26.74
C PRO E 296 -12.16 -3.42 27.99
N ARG E 297 -12.60 -2.81 29.10
CA ARG E 297 -11.86 -2.85 30.35
C ARG E 297 -12.18 -4.11 31.15
N PHE E 298 -11.16 -4.67 31.78
CA PHE E 298 -11.32 -5.85 32.60
C PHE E 298 -11.10 -5.49 34.06
N PRO E 299 -12.13 -5.71 34.91
CA PRO E 299 -12.07 -5.42 36.35
C PRO E 299 -11.05 -6.28 37.09
N LEU E 300 -10.35 -5.70 38.07
CA LEU E 300 -9.34 -6.41 38.84
C LEU E 300 -9.40 -6.03 40.32
N GLY E 303 -5.44 -3.37 43.52
CA GLY E 303 -3.99 -3.19 43.40
C GLY E 303 -3.34 -4.12 42.41
N ARG E 304 -4.02 -4.35 41.29
CA ARG E 304 -3.52 -5.21 40.21
C ARG E 304 -3.47 -4.43 38.90
N THR E 305 -2.32 -4.50 38.23
CA THR E 305 -2.20 -3.97 36.87
C THR E 305 -2.85 -4.98 35.94
N GLU E 306 -3.33 -4.50 34.81
CA GLU E 306 -3.89 -5.37 33.79
C GLU E 306 -2.79 -6.33 33.31
N ALA E 307 -1.57 -5.82 33.25
CA ALA E 307 -0.40 -6.59 32.81
C ALA E 307 0.12 -7.52 33.90
N GLN E 308 -0.06 -7.11 35.16
CA GLN E 308 0.39 -7.87 36.32
C GLN E 308 -0.46 -9.13 36.52
N TYR E 309 -1.77 -8.97 36.35
CA TYR E 309 -2.70 -10.07 36.58
C TYR E 309 -2.57 -11.16 35.51
N LEU E 310 -2.33 -10.77 34.26
CA LEU E 310 -2.10 -11.75 33.19
C LEU E 310 -0.84 -12.54 33.50
N ARG E 311 0.17 -11.84 34.01
CA ARG E 311 1.38 -12.48 34.51
C ARG E 311 1.02 -13.47 35.63
N GLU E 312 0.32 -12.97 36.66
CA GLU E 312 -0.13 -13.79 37.79
C GLU E 312 -0.70 -15.12 37.33
N LEU E 313 -1.69 -15.04 36.45
CA LEU E 313 -2.41 -16.21 35.97
C LEU E 313 -1.52 -17.17 35.20
N THR E 314 -0.49 -16.63 34.54
CA THR E 314 0.44 -17.46 33.76
C THR E 314 1.32 -18.30 34.69
N PHE E 315 1.84 -17.68 35.74
CA PHE E 315 2.70 -18.38 36.69
C PHE E 315 1.92 -19.42 37.49
N LEU E 316 0.67 -19.11 37.81
CA LEU E 316 -0.18 -20.05 38.52
C LEU E 316 -0.52 -21.20 37.60
N GLY E 317 -0.51 -20.90 36.30
CA GLY E 317 -0.95 -21.83 35.27
C GLY E 317 0.09 -22.86 34.95
N LEU E 318 1.35 -22.41 34.84
CA LEU E 318 2.46 -23.30 34.53
C LEU E 318 2.60 -24.39 35.59
N LEU E 319 2.45 -24.00 36.85
CA LEU E 319 2.50 -24.92 37.97
C LEU E 319 1.47 -26.06 37.83
N ARG E 320 0.29 -25.73 37.30
CA ARG E 320 -0.74 -26.73 37.03
C ARG E 320 -0.40 -27.50 35.76
N ARG E 321 0.31 -26.84 34.85
CA ARG E 321 0.52 -27.33 33.49
C ARG E 321 1.73 -28.27 33.35
N TYR E 322 2.79 -27.98 34.09
CA TYR E 322 4.00 -28.80 34.06
C TYR E 322 4.43 -29.25 35.46
N PRO E 323 3.71 -30.24 36.03
CA PRO E 323 3.85 -30.61 37.45
C PRO E 323 5.24 -31.13 37.82
N ASP E 324 5.90 -31.82 36.89
CA ASP E 324 7.17 -32.45 37.15
C ASP E 324 8.32 -31.47 37.11
N ARG E 325 8.22 -30.44 36.28
CA ARG E 325 9.33 -29.50 36.09
C ARG E 325 9.10 -28.06 36.57
N ILE E 326 7.85 -27.70 36.86
CA ILE E 326 7.59 -26.40 37.47
C ILE E 326 6.87 -26.54 38.82
N THR E 327 7.65 -26.37 39.89
CA THR E 327 7.18 -26.59 41.25
C THR E 327 7.39 -25.39 42.17
N GLU E 328 6.77 -25.43 43.36
CA GLU E 328 6.94 -24.40 44.38
C GLU E 328 8.42 -24.14 44.62
N ALA E 329 9.16 -25.23 44.83
CA ALA E 329 10.61 -25.18 45.02
C ALA E 329 11.31 -24.38 43.92
N PHE E 330 10.91 -24.61 42.67
CA PHE E 330 11.50 -23.95 41.51
C PHE E 330 11.31 -22.43 41.52
N TYR E 331 10.08 -21.98 41.77
CA TYR E 331 9.78 -20.56 41.87
C TYR E 331 10.56 -19.87 42.99
N ARG E 332 10.62 -20.52 44.16
CA ARG E 332 11.36 -20.00 45.31
C ARG E 332 12.82 -19.74 44.96
N GLU E 333 13.39 -20.63 44.16
CA GLU E 333 14.77 -20.47 43.70
C GLU E 333 14.95 -19.22 42.85
N VAL E 334 13.97 -18.98 41.98
CA VAL E 334 13.98 -17.84 41.05
C VAL E 334 13.84 -16.48 41.78
N LEU E 335 13.02 -16.51 42.86
CA LEU E 335 12.86 -15.33 43.71
C LEU E 335 14.09 -15.14 44.60
N ARG E 336 14.59 -16.25 45.12
CA ARG E 336 15.84 -16.24 45.93
C ARG E 336 17.03 -15.97 44.95
N LEU E 337 16.75 -15.96 43.64
CA LEU E 337 17.70 -15.40 42.65
C LEU E 337 17.36 -13.93 42.37
N LEU E 338 16.75 -13.34 43.33
CA LEU E 338 16.52 -11.89 43.35
C LEU E 338 16.23 -11.47 44.80
N ASP E 346 2.90 -20.62 50.72
CA ASP E 346 1.76 -20.78 49.83
C ASP E 346 2.16 -20.71 48.35
N GLU E 347 1.46 -21.49 47.53
CA GLU E 347 1.67 -21.56 46.07
C GLU E 347 1.35 -20.24 45.35
N ARG E 348 0.13 -19.75 45.54
CA ARG E 348 -0.37 -18.50 44.94
C ARG E 348 0.47 -17.26 45.29
N ALA E 349 0.97 -17.23 46.53
CA ALA E 349 1.76 -16.10 47.02
C ALA E 349 3.03 -15.88 46.21
N LEU E 350 3.61 -16.96 45.69
CA LEU E 350 4.82 -16.89 44.87
C LEU E 350 4.53 -16.30 43.48
N ALA E 351 3.41 -16.70 42.87
CA ALA E 351 2.96 -16.15 41.59
C ALA E 351 2.66 -14.65 41.71
N GLU E 352 1.89 -14.31 42.73
CA GLU E 352 1.56 -12.93 43.03
C GLU E 352 2.82 -12.08 43.12
N ALA E 353 3.88 -12.66 43.69
CA ALA E 353 5.18 -12.02 43.84
C ALA E 353 5.96 -11.96 42.51
N LEU E 354 5.98 -13.07 41.76
CA LEU E 354 6.69 -13.14 40.49
C LEU E 354 6.12 -12.15 39.47
N ALA E 355 4.83 -11.86 39.60
CA ALA E 355 4.13 -10.95 38.70
C ALA E 355 4.69 -9.53 38.77
N ARG E 356 5.11 -9.13 39.97
CA ARG E 356 5.62 -7.79 40.22
C ARG E 356 7.01 -7.55 39.65
N VAL E 357 7.84 -8.60 39.61
CA VAL E 357 9.20 -8.52 39.07
C VAL E 357 9.21 -7.73 37.76
N GLU E 358 10.04 -6.68 37.71
CA GLU E 358 10.06 -5.77 36.57
C GLU E 358 10.96 -6.25 35.44
N GLU E 359 10.82 -5.63 34.26
CA GLU E 359 11.53 -6.08 33.07
C GLU E 359 13.02 -5.69 33.02
N LYS E 360 13.40 -4.67 33.79
CA LYS E 360 14.81 -4.32 33.97
C LYS E 360 15.50 -5.36 34.86
N ALA E 361 14.74 -5.92 35.79
CA ALA E 361 15.23 -6.93 36.72
C ALA E 361 15.39 -8.30 36.08
N TRP E 362 14.46 -8.65 35.19
CA TRP E 362 14.44 -9.98 34.55
C TRP E 362 15.66 -10.29 33.69
N GLU E 363 16.13 -9.31 32.93
CA GLU E 363 17.22 -9.53 31.96
C GLU E 363 18.62 -9.63 32.58
N GLU E 364 18.66 -9.89 33.88
CA GLU E 364 19.90 -10.07 34.63
C GLU E 364 20.06 -11.51 35.12
N LEU E 365 19.26 -12.41 34.57
CA LEU E 365 19.30 -13.81 34.96
C LEU E 365 19.72 -14.72 33.79
N ARG E 366 19.20 -14.41 32.60
CA ARG E 366 19.56 -15.14 31.36
C ARG E 366 21.08 -15.07 31.05
N LYS E 367 21.69 -13.92 31.36
CA LYS E 367 23.14 -13.75 31.20
C LYS E 367 23.92 -14.30 32.41
N ARG E 368 23.34 -15.33 33.03
CA ARG E 368 23.92 -16.00 34.17
C ARG E 368 23.38 -17.42 34.24
N GLU E 377 15.65 -30.11 24.50
CA GLU E 377 14.75 -30.61 25.53
C GLU E 377 14.18 -29.47 26.39
N TRP E 378 12.89 -29.55 26.74
CA TRP E 378 12.20 -28.46 27.44
C TRP E 378 12.28 -28.46 28.96
N THR E 379 13.35 -27.86 29.49
CA THR E 379 13.57 -27.81 30.92
C THR E 379 12.72 -26.77 31.64
N ALA E 380 12.87 -26.72 32.96
CA ALA E 380 12.16 -25.79 33.82
C ALA E 380 12.52 -24.35 33.49
N GLU E 381 13.84 -24.11 33.35
CA GLU E 381 14.35 -22.77 33.01
C GLU E 381 13.87 -22.32 31.62
N ALA E 382 13.86 -23.27 30.68
CA ALA E 382 13.44 -22.99 29.30
C ALA E 382 12.02 -22.49 29.27
N ILE E 383 11.15 -23.15 30.04
CA ILE E 383 9.72 -22.81 30.08
C ILE E 383 9.54 -21.39 30.62
N LEU E 384 10.20 -21.08 31.73
CA LEU E 384 10.18 -19.72 32.27
C LEU E 384 10.50 -18.67 31.23
N HIS E 385 11.60 -18.87 30.50
CA HIS E 385 12.04 -17.91 29.48
C HIS E 385 10.98 -17.68 28.40
N ARG E 386 10.47 -18.76 27.80
CA ARG E 386 9.44 -18.63 26.77
C ARG E 386 8.23 -17.88 27.32
N ALA E 387 7.74 -18.29 28.50
CA ALA E 387 6.60 -17.64 29.13
C ALA E 387 6.88 -16.16 29.37
N LEU E 388 8.06 -15.87 29.95
CA LEU E 388 8.50 -14.49 30.23
C LEU E 388 8.68 -13.68 28.95
N TYR E 389 9.16 -14.32 27.89
CA TYR E 389 9.33 -13.65 26.63
C TYR E 389 7.98 -13.24 26.04
N GLU E 390 7.07 -14.20 25.95
CA GLU E 390 5.73 -13.96 25.41
C GLU E 390 5.05 -12.83 26.16
N LEU E 391 5.11 -12.89 27.49
CA LEU E 391 4.51 -11.87 28.35
C LEU E 391 5.09 -10.51 28.06
N SER E 392 6.39 -10.48 27.76
CA SER E 392 7.11 -9.26 27.41
C SER E 392 6.57 -8.63 26.13
N VAL E 393 6.34 -9.48 25.11
CA VAL E 393 5.82 -9.02 23.83
C VAL E 393 4.36 -8.60 23.96
N ILE E 394 3.57 -9.41 24.65
CA ILE E 394 2.16 -9.11 24.92
C ILE E 394 2.01 -7.76 25.61
N GLU E 395 2.77 -7.56 26.69
CA GLU E 395 2.72 -6.31 27.47
C GLU E 395 3.11 -5.09 26.64
N ARG E 396 4.19 -5.21 25.87
CA ARG E 396 4.71 -4.09 25.10
C ARG E 396 3.75 -3.64 24.00
N MET E 397 3.01 -4.60 23.45
CA MET E 397 2.06 -4.31 22.38
C MET E 397 0.71 -3.80 22.91
N GLY E 398 0.92 -4.25 24.26
CA GLY E 398 -0.25 -3.73 24.96
C GLY E 398 -1.47 -4.62 24.84
N PHE E 399 -1.28 -5.92 24.98
CA PHE E 399 -2.36 -6.88 24.82
C PHE E 399 -2.66 -7.77 26.05
N PRO E 400 -2.12 -7.43 27.24
CA PRO E 400 -2.45 -8.33 28.35
C PRO E 400 -3.94 -8.31 28.70
N GLY E 401 -4.56 -7.14 28.56
CA GLY E 401 -6.00 -6.98 28.82
C GLY E 401 -6.85 -7.86 27.92
N TYR E 402 -6.47 -7.90 26.65
CA TYR E 402 -7.11 -8.76 25.66
C TYR E 402 -7.12 -10.22 26.12
N PHE E 403 -5.96 -10.70 26.59
CA PHE E 403 -5.80 -12.08 27.05
C PHE E 403 -6.64 -12.37 28.28
N LEU E 404 -6.63 -11.43 29.22
CA LEU E 404 -7.42 -11.58 30.44
C LEU E 404 -8.89 -11.78 30.13
N ILE E 405 -9.45 -10.92 29.30
CA ILE E 405 -10.84 -11.05 28.87
C ILE E 405 -11.11 -12.48 28.38
N VAL E 406 -10.26 -12.97 27.49
CA VAL E 406 -10.48 -14.25 26.84
C VAL E 406 -10.36 -15.41 27.83
N GLN E 407 -9.31 -15.38 28.64
CA GLN E 407 -9.08 -16.39 29.65
C GLN E 407 -10.26 -16.48 30.61
N ASP E 408 -10.80 -15.33 30.96
CA ASP E 408 -11.89 -15.23 31.93
C ASP E 408 -13.13 -16.01 31.50
N TYR E 409 -13.65 -15.72 30.30
CA TYR E 409 -14.87 -16.35 29.86
C TYR E 409 -14.73 -17.82 29.50
N ILE E 410 -13.51 -18.24 29.15
CA ILE E 410 -13.24 -19.65 28.86
C ILE E 410 -13.22 -20.45 30.17
N ASN E 411 -12.56 -19.90 31.18
CA ASN E 411 -12.47 -20.55 32.49
C ASN E 411 -13.80 -20.55 33.21
N TRP E 412 -14.64 -19.57 32.91
CA TRP E 412 -16.02 -19.57 33.39
C TRP E 412 -16.70 -20.78 32.78
N ALA E 413 -16.74 -20.82 31.46
CA ALA E 413 -17.41 -21.87 30.72
C ALA E 413 -17.04 -23.28 31.18
N ARG E 414 -15.80 -23.47 31.61
CA ARG E 414 -15.37 -24.78 32.10
C ARG E 414 -16.04 -25.12 33.41
N GLY E 415 -15.96 -24.19 34.37
CA GLY E 415 -16.58 -24.39 35.68
C GLY E 415 -18.09 -24.35 35.65
N HIS E 416 -18.67 -24.27 34.45
CA HIS E 416 -20.12 -24.15 34.30
C HIS E 416 -20.73 -25.13 33.29
N GLY E 417 -20.11 -26.31 33.16
CA GLY E 417 -20.63 -27.39 32.31
C GLY E 417 -20.76 -27.05 30.84
N VAL E 418 -19.79 -26.29 30.34
CA VAL E 418 -19.72 -25.91 28.94
C VAL E 418 -18.37 -26.40 28.42
N SER E 419 -18.40 -27.34 27.47
CA SER E 419 -17.17 -27.89 26.88
C SER E 419 -16.41 -26.84 26.06
N VAL E 420 -15.08 -26.90 26.13
CA VAL E 420 -14.24 -25.96 25.39
C VAL E 420 -13.17 -26.72 24.58
N GLY E 421 -13.11 -26.46 23.28
CA GLY E 421 -12.09 -27.06 22.41
C GLY E 421 -10.66 -26.78 22.87
N PRO E 422 -9.71 -27.65 22.50
CA PRO E 422 -8.30 -27.45 22.85
C PRO E 422 -7.69 -26.20 22.24
N GLY E 423 -8.30 -25.71 21.17
CA GLY E 423 -7.98 -24.42 20.56
C GLY E 423 -8.33 -24.43 19.08
N ARG E 424 -8.34 -23.25 18.46
CA ARG E 424 -8.35 -23.20 16.99
C ARG E 424 -7.50 -22.07 16.42
N GLY E 425 -7.03 -22.27 15.19
CA GLY E 425 -6.14 -21.34 14.54
C GLY E 425 -4.80 -21.24 15.25
N SER E 426 -4.10 -20.15 15.01
CA SER E 426 -2.75 -19.94 15.53
C SER E 426 -2.66 -19.85 17.06
N ALA E 427 -3.80 -19.70 17.73
CA ALA E 427 -3.88 -19.51 19.19
C ALA E 427 -3.08 -20.51 20.03
N ALA E 428 -3.14 -21.78 19.66
CA ALA E 428 -2.49 -22.85 20.43
C ALA E 428 -0.96 -22.81 20.39
N GLY E 429 -0.41 -21.87 19.62
CA GLY E 429 1.03 -21.72 19.53
C GLY E 429 1.61 -20.99 20.73
N SER E 430 0.76 -20.29 21.47
CA SER E 430 1.23 -19.54 22.62
C SER E 430 1.22 -20.40 23.87
N LEU E 431 2.37 -20.45 24.55
CA LEU E 431 2.48 -21.14 25.84
C LEU E 431 1.64 -20.44 26.90
N VAL E 432 1.70 -19.11 26.92
CA VAL E 432 0.85 -18.30 27.79
C VAL E 432 -0.62 -18.71 27.63
N ALA E 433 -1.12 -18.66 26.39
CA ALA E 433 -2.48 -19.12 26.10
C ALA E 433 -2.74 -20.47 26.74
N TYR E 434 -1.82 -21.41 26.54
CA TYR E 434 -1.92 -22.76 27.09
C TYR E 434 -1.85 -22.79 28.60
N ALA E 435 -0.99 -21.97 29.17
CA ALA E 435 -0.81 -21.92 30.61
C ALA E 435 -2.10 -21.45 31.27
N VAL E 436 -2.61 -20.30 30.82
CA VAL E 436 -3.80 -19.67 31.40
C VAL E 436 -5.13 -20.33 30.95
N GLY E 437 -5.02 -21.48 30.27
CA GLY E 437 -6.19 -22.27 29.90
C GLY E 437 -7.11 -21.71 28.81
N ILE E 438 -6.59 -20.76 28.02
CA ILE E 438 -7.28 -20.31 26.81
C ILE E 438 -7.25 -21.49 25.85
N THR E 439 -6.11 -22.17 25.86
CA THR E 439 -5.79 -23.23 24.94
C THR E 439 -5.51 -24.52 25.72
N ASN E 440 -5.81 -25.67 25.12
CA ASN E 440 -5.59 -26.93 25.82
C ASN E 440 -4.76 -28.02 25.13
N ILE E 441 -3.76 -27.60 24.37
CA ILE E 441 -2.81 -28.56 23.80
C ILE E 441 -1.39 -28.05 24.10
N ASP E 442 -0.54 -28.95 24.57
CA ASP E 442 0.83 -28.56 24.94
C ASP E 442 1.61 -28.06 23.71
N PRO E 443 1.91 -26.74 23.68
CA PRO E 443 2.45 -26.10 22.49
C PRO E 443 3.87 -26.53 22.23
N LEU E 444 4.57 -26.94 23.29
CA LEU E 444 5.98 -27.28 23.15
C LEU E 444 6.22 -28.78 23.08
N ARG E 445 5.24 -29.58 23.50
CA ARG E 445 5.26 -31.01 23.17
C ARG E 445 5.17 -31.17 21.64
N PHE E 446 4.14 -30.57 21.05
CA PHE E 446 4.07 -30.50 19.59
C PHE E 446 4.83 -29.25 19.17
N GLY E 447 5.13 -29.12 17.88
CA GLY E 447 6.05 -28.06 17.44
C GLY E 447 5.44 -26.71 17.22
N LEU E 448 4.56 -26.29 18.13
CA LEU E 448 3.74 -25.10 17.94
C LEU E 448 4.50 -23.83 18.31
N LEU E 449 4.32 -22.78 17.50
CA LEU E 449 5.14 -21.58 17.62
C LEU E 449 4.35 -20.34 18.02
N PHE E 450 4.84 -19.64 19.04
CA PHE E 450 4.25 -18.39 19.51
C PHE E 450 4.28 -17.31 18.44
N GLU E 451 5.38 -17.29 17.68
CA GLU E 451 5.62 -16.25 16.70
C GLU E 451 4.66 -16.32 15.52
N ARG E 452 4.04 -17.48 15.33
CA ARG E 452 3.03 -17.61 14.29
C ARG E 452 1.69 -17.04 14.72
N PHE E 453 1.49 -17.01 16.04
CA PHE E 453 0.30 -16.43 16.66
C PHE E 453 0.40 -14.91 16.77
N LEU E 454 1.38 -14.43 17.54
CA LEU E 454 1.73 -13.01 17.61
C LEU E 454 3.09 -12.83 16.98
N ASN E 455 3.17 -12.09 15.89
CA ASN E 455 4.48 -11.77 15.31
C ASN E 455 5.06 -10.63 16.11
N PRO E 456 6.16 -10.88 16.84
CA PRO E 456 6.76 -9.85 17.68
C PRO E 456 7.16 -8.59 16.91
N GLU E 457 7.30 -8.70 15.60
CA GLU E 457 7.81 -7.61 14.78
C GLU E 457 6.76 -6.86 13.97
N ARG E 458 5.49 -7.04 14.32
CA ARG E 458 4.39 -6.28 13.74
C ARG E 458 3.26 -6.06 14.73
N VAL E 459 2.99 -4.80 15.06
CA VAL E 459 1.90 -4.45 15.97
C VAL E 459 0.56 -4.68 15.28
N SER E 460 -0.01 -5.86 15.52
CA SER E 460 -1.30 -6.25 14.98
C SER E 460 -2.07 -7.06 16.01
N MET E 461 -3.36 -6.75 16.16
CA MET E 461 -4.22 -7.44 17.12
C MET E 461 -4.41 -8.90 16.75
N PRO E 462 -4.18 -9.80 17.72
CA PRO E 462 -4.33 -11.23 17.47
C PRO E 462 -5.81 -11.61 17.47
N ASP E 463 -6.16 -12.66 16.73
CA ASP E 463 -7.52 -13.13 16.74
C ASP E 463 -7.55 -14.45 17.50
N ILE E 464 -8.35 -14.52 18.56
CA ILE E 464 -8.51 -15.78 19.30
C ILE E 464 -9.93 -16.33 19.15
N ASP E 465 -10.05 -17.36 18.33
CA ASP E 465 -11.32 -18.04 18.16
C ASP E 465 -11.34 -19.24 19.09
N THR E 466 -12.54 -19.58 19.58
CA THR E 466 -12.72 -20.66 20.55
C THR E 466 -13.92 -21.54 20.18
N ASP E 467 -13.78 -22.84 20.33
CA ASP E 467 -14.90 -23.74 20.12
C ASP E 467 -15.58 -24.06 21.44
N PHE E 468 -16.90 -24.10 21.42
CA PHE E 468 -17.67 -24.52 22.57
C PHE E 468 -18.64 -25.61 22.16
N SER E 469 -19.17 -26.32 23.17
CA SER E 469 -20.29 -27.22 22.97
C SER E 469 -21.41 -26.44 22.28
N ASP E 470 -21.90 -26.93 21.14
CA ASP E 470 -22.90 -26.19 20.36
C ASP E 470 -24.22 -25.95 21.10
N ARG E 471 -24.48 -26.78 22.12
CA ARG E 471 -25.68 -26.68 22.95
C ARG E 471 -25.55 -25.46 23.86
N GLU E 472 -24.35 -25.25 24.39
CA GLU E 472 -24.11 -24.30 25.47
C GLU E 472 -23.48 -22.98 25.04
N ARG E 473 -23.01 -22.89 23.80
CA ARG E 473 -22.32 -21.69 23.32
C ARG E 473 -23.02 -20.38 23.69
N ASP E 474 -24.33 -20.34 23.46
CA ASP E 474 -25.14 -19.17 23.81
C ASP E 474 -25.03 -18.72 25.28
N ARG E 475 -24.88 -19.68 26.20
CA ARG E 475 -24.70 -19.38 27.62
C ARG E 475 -23.40 -18.62 27.87
N VAL E 476 -22.37 -18.94 27.10
CA VAL E 476 -21.07 -18.27 27.18
C VAL E 476 -21.20 -16.82 26.69
N ILE E 477 -21.89 -16.63 25.56
CA ILE E 477 -22.18 -15.29 25.02
C ILE E 477 -22.96 -14.49 26.06
N GLN E 478 -23.93 -15.15 26.68
CA GLN E 478 -24.75 -14.55 27.74
C GLN E 478 -23.93 -14.15 28.96
N TYR E 479 -22.95 -14.98 29.33
CA TYR E 479 -22.03 -14.62 30.40
C TYR E 479 -21.36 -13.29 30.07
N VAL E 480 -20.78 -13.21 28.87
CA VAL E 480 -20.13 -12.00 28.39
C VAL E 480 -21.08 -10.81 28.40
N ARG E 481 -22.27 -10.99 27.85
CA ARG E 481 -23.28 -9.92 27.80
C ARG E 481 -23.49 -9.29 29.19
N GLU E 482 -23.67 -10.15 30.20
CA GLU E 482 -23.86 -9.70 31.58
C GLU E 482 -22.59 -9.09 32.17
N ARG E 483 -21.47 -9.72 31.86
CA ARG E 483 -20.18 -9.35 32.46
C ARG E 483 -19.62 -8.06 31.90
N TYR E 484 -19.80 -7.82 30.60
CA TYR E 484 -19.23 -6.62 29.98
C TYR E 484 -20.24 -5.51 29.69
N GLY E 485 -21.51 -5.81 29.87
CA GLY E 485 -22.56 -4.81 29.66
C GLY E 485 -23.46 -5.12 28.47
N GLU E 486 -24.75 -4.97 28.66
CA GLU E 486 -25.74 -5.26 27.64
C GLU E 486 -25.61 -4.34 26.43
N ASP E 487 -25.10 -3.13 26.67
CA ASP E 487 -24.98 -2.11 25.63
C ASP E 487 -23.61 -2.16 24.94
N LYS E 488 -22.81 -3.15 25.32
CA LYS E 488 -21.44 -3.25 24.83
C LYS E 488 -21.15 -4.57 24.12
N VAL E 489 -22.08 -5.51 24.19
CA VAL E 489 -21.88 -6.83 23.59
C VAL E 489 -22.97 -7.17 22.58
N ALA E 490 -22.56 -7.47 21.34
CA ALA E 490 -23.48 -7.95 20.31
C ALA E 490 -22.76 -8.95 19.39
N GLN E 491 -23.56 -9.75 18.70
CA GLN E 491 -23.03 -10.66 17.69
C GLN E 491 -22.94 -9.91 16.36
N ILE E 492 -20.67 -8.99 16.04
CA ILE E 492 -20.47 -8.58 14.65
C ILE E 492 -21.55 -9.15 13.72
N GLY E 493 -22.04 -8.33 12.79
CA GLY E 493 -23.08 -8.74 11.84
C GLY E 493 -22.53 -9.51 10.65
N THR E 494 -23.41 -10.27 9.99
CA THR E 494 -23.03 -11.07 8.83
C THR E 494 -24.04 -10.87 7.72
N PHE E 495 -23.58 -10.91 6.46
CA PHE E 495 -24.44 -10.67 5.31
C PHE E 495 -24.26 -11.75 4.24
N GLY E 496 -24.87 -10.59 3.75
CA GLY E 496 -24.77 -11.73 2.85
C GLY E 496 -24.90 -11.37 1.38
N SER E 497 -24.00 -11.92 0.57
CA SER E 497 -24.02 -11.77 -0.88
C SER E 497 -24.99 -12.77 -1.50
N LEU E 498 -25.49 -12.46 -2.70
CA LEU E 498 -26.32 -13.39 -3.42
C LEU E 498 -25.43 -14.40 -4.15
N ALA E 499 -25.52 -15.66 -3.73
CA ALA E 499 -24.74 -16.75 -4.34
C ALA E 499 -25.26 -17.11 -5.73
N SER E 500 -24.33 -17.37 -6.64
CA SER E 500 -24.63 -17.69 -8.04
C SER E 500 -25.70 -18.77 -8.19
N LYS E 501 -25.58 -19.84 -7.40
CA LYS E 501 -26.59 -20.91 -7.39
C LYS E 501 -27.95 -20.43 -6.91
N ALA E 502 -27.97 -19.83 -5.72
CA ALA E 502 -29.20 -19.30 -5.13
C ALA E 502 -29.86 -18.28 -6.05
N ALA E 503 -29.05 -17.48 -6.73
CA ALA E 503 -29.54 -16.46 -7.67
C ALA E 503 -30.33 -17.11 -8.81
N LEU E 504 -29.76 -18.16 -9.41
CA LEU E 504 -30.43 -18.92 -10.46
C LEU E 504 -31.77 -19.50 -10.05
N LYS E 505 -31.83 -20.07 -8.85
CA LYS E 505 -33.06 -20.67 -8.33
C LYS E 505 -34.16 -19.62 -8.10
N ASP E 506 -33.80 -18.52 -7.45
CA ASP E 506 -34.74 -17.45 -7.14
C ASP E 506 -35.36 -16.84 -8.40
N VAL E 507 -34.53 -16.64 -9.42
CA VAL E 507 -34.98 -16.11 -10.71
C VAL E 507 -35.87 -17.13 -11.42
N ALA E 508 -35.42 -18.38 -11.45
CA ALA E 508 -36.15 -19.47 -12.10
C ALA E 508 -37.55 -19.67 -11.52
N ARG E 509 -37.70 -19.54 -10.20
CA ARG E 509 -39.01 -19.56 -9.55
C ARG E 509 -39.92 -18.57 -10.23
N VAL E 510 -39.50 -17.30 -10.22
CA VAL E 510 -40.25 -16.18 -10.76
C VAL E 510 -40.74 -16.46 -12.18
N TYR E 511 -39.86 -16.99 -13.03
CA TYR E 511 -40.19 -17.23 -14.42
C TYR E 511 -41.12 -18.42 -14.67
N GLY E 512 -41.68 -18.97 -13.59
CA GLY E 512 -42.61 -20.10 -13.67
C GLY E 512 -41.97 -21.37 -14.23
N ILE E 513 -40.78 -21.70 -13.73
CA ILE E 513 -40.05 -22.89 -14.13
C ILE E 513 -40.15 -23.94 -13.01
N PRO E 514 -40.47 -25.20 -13.37
CA PRO E 514 -40.53 -26.31 -12.42
C PRO E 514 -39.22 -26.50 -11.65
N HIS E 515 -39.32 -26.60 -10.33
CA HIS E 515 -38.20 -26.72 -9.39
C HIS E 515 -37.07 -27.64 -9.86
N LYS E 516 -37.46 -28.81 -10.36
CA LYS E 516 -36.54 -29.87 -10.71
C LYS E 516 -35.54 -29.51 -11.83
N LYS E 517 -36.06 -29.06 -12.97
CA LYS E 517 -35.20 -28.69 -14.12
C LYS E 517 -34.35 -27.46 -13.82
N ALA E 518 -34.80 -26.67 -12.85
CA ALA E 518 -34.05 -25.54 -12.34
C ALA E 518 -32.87 -26.04 -11.51
N GLU E 519 -33.13 -27.05 -10.68
CA GLU E 519 -32.09 -27.66 -9.85
C GLU E 519 -30.96 -28.30 -10.67
N GLU E 520 -31.31 -28.77 -11.86
CA GLU E 520 -30.33 -29.35 -12.79
C GLU E 520 -29.46 -28.25 -13.42
N LEU E 521 -30.05 -27.07 -13.58
CA LEU E 521 -29.33 -25.92 -14.09
C LEU E 521 -28.34 -25.37 -13.06
N ALA E 522 -28.71 -25.46 -11.79
CA ALA E 522 -27.90 -24.98 -10.68
C ALA E 522 -26.67 -25.86 -10.41
N LYS E 523 -26.79 -27.15 -10.74
CA LYS E 523 -25.72 -28.12 -10.53
C LYS E 523 -24.66 -28.09 -11.64
N LEU E 524 -24.90 -27.29 -12.68
CA LEU E 524 -23.96 -27.10 -13.78
C LEU E 524 -22.82 -26.17 -13.39
N ILE E 525 -23.07 -25.32 -12.40
CA ILE E 525 -22.12 -24.32 -11.96
C ILE E 525 -21.07 -24.96 -11.05
N PRO E 526 -19.77 -24.75 -11.36
CA PRO E 526 -18.67 -25.33 -10.58
C PRO E 526 -18.53 -24.77 -9.17
N VAL E 527 -17.98 -25.58 -8.27
CA VAL E 527 -17.71 -25.18 -6.89
C VAL E 527 -16.21 -25.35 -6.66
N GLN E 528 -15.47 -24.25 -6.59
CA GLN E 528 -14.01 -24.34 -6.51
C GLN E 528 -13.42 -24.24 -5.10
N PHE E 529 -14.10 -23.54 -4.20
CA PHE E 529 -13.70 -23.52 -2.80
C PHE E 529 -14.90 -23.24 -1.91
N GLY E 530 -15.62 -24.31 -1.57
CA GLY E 530 -16.80 -24.22 -0.72
C GLY E 530 -18.01 -23.62 -1.43
N LYS E 531 -17.85 -22.37 -1.89
CA LYS E 531 -18.92 -21.62 -2.56
C LYS E 531 -18.83 -21.70 -4.09
N PRO E 532 -19.98 -21.62 -4.79
CA PRO E 532 -20.07 -21.67 -6.25
C PRO E 532 -19.31 -20.56 -6.98
N LYS E 533 -19.12 -20.77 -8.26
CA LYS E 533 -18.50 -19.76 -9.13
C LYS E 533 -19.61 -18.87 -9.70
N PRO E 534 -19.20 -17.54 -10.11
CA PRO E 534 -20.07 -16.61 -10.85
C PRO E 534 -20.67 -17.18 -12.14
N LEU E 535 -21.74 -16.53 -12.64
CA LEU E 535 -22.31 -16.92 -13.92
C LEU E 535 -21.41 -16.45 -15.09
N GLN E 536 -20.89 -15.21 -15.00
CA GLN E 536 -19.92 -14.73 -16.00
C GLN E 536 -18.92 -15.83 -16.48
N GLU E 537 -18.18 -16.42 -15.50
CA GLU E 537 -17.35 -17.63 -15.72
C GLU E 537 -18.25 -18.80 -16.13
N ALA E 538 -18.47 -19.73 -15.18
CA ALA E 538 -19.68 -20.75 -15.40
C ALA E 538 -20.47 -20.88 -16.72
N PHE E 539 -19.71 -20.77 -17.83
CA PHE E 539 -20.24 -20.41 -19.18
C PHE E 539 -19.00 -20.50 -20.07
N GLU E 540 -17.87 -20.12 -19.47
CA GLU E 540 -16.52 -20.47 -19.95
C GLU E 540 -16.18 -21.89 -19.42
N ALA E 541 -16.35 -22.07 -18.09
CA ALA E 541 -15.98 -23.32 -17.42
C ALA E 541 -16.97 -24.48 -17.67
N GLU E 542 -18.22 -24.16 -18.04
CA GLU E 542 -19.18 -25.22 -18.38
C GLU E 542 -19.68 -25.06 -19.84
N PRO E 543 -19.25 -25.97 -20.73
CA PRO E 543 -19.69 -26.00 -22.16
C PRO E 543 -21.22 -26.19 -22.34
N GLU E 544 -21.90 -26.64 -21.27
CA GLU E 544 -23.36 -26.86 -21.34
C GLU E 544 -24.23 -25.72 -20.77
N LEU E 545 -23.54 -24.85 -20.01
CA LEU E 545 -24.10 -23.54 -19.64
C LEU E 545 -23.69 -22.50 -20.69
N ARG E 546 -23.64 -22.97 -21.93
CA ARG E 546 -23.43 -22.12 -23.10
C ARG E 546 -24.40 -22.65 -24.15
N ALA E 547 -25.22 -23.61 -23.73
CA ALA E 547 -26.19 -24.24 -24.61
C ALA E 547 -27.59 -24.26 -24.01
N GLU E 548 -27.73 -24.84 -22.82
CA GLU E 548 -29.04 -24.94 -22.21
C GLU E 548 -29.84 -23.66 -22.52
N MET E 549 -29.10 -22.59 -22.86
CA MET E 549 -29.66 -21.30 -23.28
C MET E 549 -30.24 -21.36 -24.70
N GLU E 550 -29.45 -22.06 -25.70
CA GLU E 550 -29.85 -22.15 -27.10
C GLU E 550 -31.22 -22.80 -27.31
N LYS E 551 -31.52 -23.82 -26.50
CA LYS E 551 -32.79 -24.55 -26.60
C LYS E 551 -33.98 -23.66 -26.28
N ASP E 552 -34.11 -23.25 -25.02
CA ASP E 552 -35.26 -22.49 -24.57
C ASP E 552 -34.93 -21.01 -24.45
N GLU E 553 -35.82 -20.16 -24.96
CA GLU E 553 -35.69 -18.70 -24.83
C GLU E 553 -36.03 -18.22 -23.42
N ARG E 554 -36.83 -18.99 -22.70
CA ARG E 554 -37.16 -18.73 -21.30
C ARG E 554 -35.88 -18.70 -20.45
N ILE E 555 -35.06 -19.73 -20.64
CA ILE E 555 -33.84 -19.89 -19.86
C ILE E 555 -32.74 -18.91 -20.30
N ARG E 556 -32.87 -18.38 -21.52
CA ARG E 556 -31.98 -17.32 -21.99
C ARG E 556 -31.98 -16.15 -21.02
N GLN E 557 -33.17 -15.66 -20.71
CA GLN E 557 -33.33 -14.58 -19.75
C GLN E 557 -32.81 -15.03 -18.39
N VAL E 558 -33.43 -16.07 -17.82
CA VAL E 558 -33.11 -16.58 -16.49
C VAL E 558 -31.61 -16.52 -16.16
N ILE E 559 -30.78 -17.00 -17.08
CA ILE E 559 -29.33 -17.03 -16.88
C ILE E 559 -28.69 -15.64 -16.92
N GLU E 560 -29.10 -14.82 -17.88
CA GLU E 560 -28.60 -13.45 -17.99
C GLU E 560 -29.04 -12.61 -16.80
N VAL E 561 -30.31 -12.76 -16.42
CA VAL E 561 -30.89 -12.03 -15.28
C VAL E 561 -30.19 -12.39 -13.97
N ALA E 562 -29.92 -13.68 -13.77
CA ALA E 562 -29.26 -14.16 -12.55
C ALA E 562 -27.83 -13.63 -12.37
N MET E 563 -27.14 -13.35 -13.47
CA MET E 563 -25.79 -12.76 -13.38
C MET E 563 -25.88 -11.23 -13.26
N ARG E 564 -27.04 -10.68 -13.59
CA ARG E 564 -27.31 -9.27 -13.42
C ARG E 564 -27.67 -9.00 -11.96
N LEU E 565 -28.14 -10.03 -11.27
CA LEU E 565 -28.52 -9.91 -9.87
C LEU E 565 -27.51 -10.53 -8.89
N GLU E 566 -26.40 -11.04 -9.42
CA GLU E 566 -25.46 -11.80 -8.60
C GLU E 566 -24.85 -11.03 -7.44
N GLY E 567 -24.31 -9.84 -7.72
CA GLY E 567 -23.60 -9.07 -6.69
C GLY E 567 -24.43 -8.55 -5.52
N LEU E 568 -25.71 -9.98 -5.03
CA LEU E 568 -26.60 -9.37 -4.04
C LEU E 568 -26.62 -10.07 -2.68
N ASN E 569 -27.22 -9.40 -1.70
CA ASN E 569 -27.24 -9.86 -0.31
C ASN E 569 -28.61 -10.36 0.14
N ARG E 570 -28.59 -11.30 1.10
CA ARG E 570 -29.80 -11.74 1.78
C ARG E 570 -30.24 -10.73 2.85
N HIS E 571 -30.20 -11.13 4.12
CA HIS E 571 -30.44 -10.21 5.24
C HIS E 571 -29.23 -10.12 6.19
N ALA E 572 -29.44 -9.57 7.39
CA ALA E 572 -28.36 -9.33 8.34
C ALA E 572 -28.45 -10.21 9.60
N SER E 573 -27.71 -11.31 9.61
CA SER E 573 -27.64 -12.22 10.75
C SER E 573 -26.58 -11.75 11.74
N VAL E 574 -26.62 -12.33 12.94
CA VAL E 574 -25.54 -12.17 13.89
C VAL E 574 -24.51 -13.21 13.50
N HIS E 575 -23.24 -12.89 13.70
CA HIS E 575 -22.18 -13.88 13.57
C HIS E 575 -22.22 -14.77 14.81
N ALA E 576 -22.60 -17.09 12.65
CA ALA E 576 -22.57 -18.27 13.51
C ALA E 576 -21.54 -18.17 14.64
N ALA E 577 -20.61 -17.21 14.54
CA ALA E 577 -19.51 -17.13 15.49
C ALA E 577 -19.17 -15.74 15.98
N GLY E 578 -19.40 -14.73 15.16
CA GLY E 578 -18.97 -13.37 15.46
C GLY E 578 -19.56 -12.77 16.72
N VAL E 579 -18.70 -12.18 17.54
CA VAL E 579 -19.12 -11.48 18.76
C VAL E 579 -18.23 -10.26 18.94
N VAL E 580 -18.81 -9.16 19.37
CA VAL E 580 -18.04 -7.96 19.66
C VAL E 580 -18.20 -7.61 21.13
N ILE E 581 -17.08 -7.35 21.79
CA ILE E 581 -17.11 -6.71 23.09
C ILE E 581 -16.49 -5.35 22.87
N ALA E 582 -17.32 -4.31 22.91
CA ALA E 582 -16.85 -2.93 22.73
C ALA E 582 -16.43 -2.34 24.07
N ALA E 583 -15.61 -1.29 24.02
CA ALA E 583 -15.13 -0.64 25.24
C ALA E 583 -16.13 0.41 25.75
N GLU E 584 -16.73 1.14 24.83
CA GLU E 584 -17.77 2.13 25.12
C GLU E 584 -19.11 1.65 24.57
N PRO E 585 -20.23 2.27 24.99
CA PRO E 585 -21.53 1.80 24.50
C PRO E 585 -21.55 1.62 22.99
N LEU E 586 -21.90 0.42 22.52
CA LEU E 586 -21.88 0.09 21.10
C LEU E 586 -22.49 1.18 20.20
N THR E 587 -23.67 1.65 20.60
CA THR E 587 -24.45 2.62 19.83
C THR E 587 -23.69 3.93 19.58
N ASP E 588 -22.54 4.09 20.23
CA ASP E 588 -21.69 5.26 20.02
C ASP E 588 -20.89 5.19 18.71
N LEU E 589 -20.82 4.04 18.09
CA LEU E 589 -19.96 3.86 16.93
C LEU E 589 -20.52 2.86 15.93
N VAL E 590 -21.24 1.87 16.44
CA VAL E 590 -21.75 0.77 15.62
C VAL E 590 -23.25 0.56 15.83
N PRO E 591 -24.07 0.69 14.76
CA PRO E 591 -25.51 0.50 14.85
C PRO E 591 -25.90 -0.95 15.08
N LEU E 592 -27.02 -1.17 15.76
CA LEU E 592 -27.45 -2.50 16.13
C LEU E 592 -28.78 -2.94 15.51
N MET E 593 -29.08 -4.21 15.71
CA MET E 593 -30.29 -4.87 15.25
C MET E 593 -30.65 -5.88 16.31
N ARG E 594 -31.78 -6.55 16.13
CA ARG E 594 -32.12 -7.68 16.94
C ARG E 594 -32.76 -8.68 16.00
N ASP E 595 -32.18 -9.87 15.90
CA ASP E 595 -32.68 -10.90 14.99
C ASP E 595 -33.98 -11.50 15.48
N GLN E 596 -34.45 -12.56 14.81
CA GLN E 596 -35.76 -13.12 15.10
C GLN E 596 -35.82 -13.87 16.42
N GLU E 597 -34.66 -14.32 16.88
CA GLU E 597 -34.54 -15.02 18.15
C GLU E 597 -34.14 -14.07 19.29
N GLY E 598 -34.13 -12.77 19.03
CA GLY E 598 -33.81 -11.80 20.06
C GLY E 598 -32.33 -11.54 20.29
N ARG E 599 -31.49 -12.05 19.40
CA ARG E 599 -30.05 -11.81 19.46
C ARG E 599 -29.74 -10.36 19.08
N PRO E 600 -28.92 -9.66 19.89
CA PRO E 600 -28.50 -8.33 19.48
C PRO E 600 -27.40 -8.45 18.42
N VAL E 601 -27.62 -7.82 17.27
CA VAL E 601 -26.73 -7.97 16.13
C VAL E 601 -26.23 -6.64 15.59
N THR E 602 -24.96 -6.62 15.22
CA THR E 602 -24.29 -5.50 14.59
C THR E 602 -24.82 -5.26 13.18
N GLN E 603 -25.03 -4.00 12.80
CA GLN E 603 -25.45 -3.68 11.43
C GLN E 603 -24.29 -3.69 10.44
N TYR E 604 -23.07 -3.66 10.96
CA TYR E 604 -21.85 -3.73 10.15
C TYR E 604 -21.36 -5.18 10.11
N ASP E 605 -20.66 -5.55 9.04
CA ASP E 605 -20.14 -6.92 8.94
C ASP E 605 -18.80 -7.15 9.65
N MET E 606 -18.33 -8.39 9.64
CA MET E 606 -17.01 -8.81 10.12
C MET E 606 -15.94 -7.71 10.00
N GLY E 607 -15.67 -7.34 8.75
CA GLY E 607 -14.57 -6.45 8.39
C GLY E 607 -14.79 -5.01 8.80
N ALA E 608 -15.97 -4.49 8.50
CA ALA E 608 -16.34 -3.13 8.88
C ALA E 608 -16.15 -2.91 10.37
N VAL E 609 -16.60 -3.86 11.18
CA VAL E 609 -16.43 -3.81 12.63
C VAL E 609 -14.94 -3.79 12.97
N GLU E 610 -14.20 -4.73 12.37
CA GLU E 610 -12.76 -4.81 12.65
C GLU E 610 -11.98 -3.60 12.17
N ALA E 611 -12.45 -2.98 11.09
CA ALA E 611 -11.81 -1.78 10.55
C ALA E 611 -12.11 -0.52 11.38
N LEU E 612 -12.97 -0.66 12.39
CA LEU E 612 -13.22 0.42 13.35
C LEU E 612 -12.47 0.16 14.66
N GLY E 613 -11.59 -0.85 14.62
CA GLY E 613 -10.76 -1.22 15.76
C GLY E 613 -11.57 -1.62 16.97
N LEU E 614 -12.40 -2.65 16.81
CA LEU E 614 -13.19 -3.17 17.91
C LEU E 614 -12.80 -4.60 18.17
N LEU E 615 -12.86 -4.99 19.44
CA LEU E 615 -12.48 -6.33 19.85
C LEU E 615 -13.52 -7.33 19.37
N LYS E 616 -13.10 -8.18 18.42
CA LYS E 616 -13.98 -9.21 17.87
C LYS E 616 -13.44 -10.59 18.17
N MET E 617 -14.31 -11.45 18.68
CA MET E 617 -14.00 -12.83 19.03
C MET E 617 -14.83 -13.74 18.14
N ASP E 618 -14.49 -15.03 18.10
CA ASP E 618 -15.38 -16.03 17.53
C ASP E 618 -15.71 -17.06 18.60
N PHE E 619 -17.00 -17.27 18.82
CA PHE E 619 -17.47 -18.35 19.68
C PHE E 619 -18.15 -19.29 18.72
N LEU E 620 -17.47 -20.39 18.39
CA LEU E 620 -18.01 -21.38 17.46
C LEU E 620 -18.78 -22.48 18.19
N GLY E 621 -19.93 -22.86 17.65
CA GLY E 621 -20.66 -24.03 18.14
C GLY E 621 -20.10 -25.26 17.47
N LEU E 622 -19.50 -26.04 17.94
CA LEU E 622 -18.92 -27.20 17.29
C LEU E 622 -19.70 -28.47 17.61
N ARG E 623 -20.19 -29.15 16.57
CA ARG E 623 -20.91 -30.42 16.73
C ARG E 623 -20.13 -31.47 17.50
N THR E 624 -18.92 -31.74 17.05
CA THR E 624 -18.11 -32.80 17.64
C THR E 624 -18.05 -32.71 19.17
N LEU E 625 -17.88 -31.50 19.69
CA LEU E 625 -17.89 -31.28 21.13
C LEU E 625 -19.19 -31.76 21.82
N THR E 626 -20.34 -31.30 21.31
CA THR E 626 -21.65 -31.75 21.76
C THR E 626 -21.81 -33.27 21.70
N PHE E 627 -21.22 -33.88 20.67
CA PHE E 627 -21.24 -35.34 20.51
C PHE E 627 -20.38 -36.04 21.57
N LEU E 628 -19.21 -35.49 21.84
CA LEU E 628 -18.32 -36.11 22.81
C LEU E 628 -18.89 -36.04 24.23
N ASP E 629 -19.84 -35.12 24.44
CA ASP E 629 -20.52 -35.02 25.74
C ASP E 629 -21.49 -36.16 25.96
N GLU E 630 -22.41 -36.37 25.01
CA GLU E 630 -23.36 -37.46 25.07
C GLU E 630 -22.68 -38.82 25.12
N ALA E 631 -21.56 -38.94 24.40
CA ALA E 631 -20.76 -40.15 24.45
C ALA E 631 -20.32 -40.43 25.88
N ARG E 632 -19.69 -39.45 26.52
CA ARG E 632 -19.24 -39.57 27.90
C ARG E 632 -20.38 -39.91 28.86
N ARG E 633 -21.52 -39.24 28.67
CA ARG E 633 -22.71 -39.48 29.46
C ARG E 633 -23.18 -40.90 29.31
N ILE E 634 -23.32 -41.35 28.06
CA ILE E 634 -23.85 -42.69 27.79
C ILE E 634 -22.91 -43.79 28.27
N VAL E 635 -21.61 -43.60 28.02
CA VAL E 635 -20.57 -44.52 28.51
C VAL E 635 -20.67 -44.70 30.03
N LYS E 636 -20.76 -43.59 30.76
CA LYS E 636 -20.87 -43.61 32.21
C LYS E 636 -22.04 -44.48 32.63
N GLU E 637 -23.22 -44.18 32.10
CA GLU E 637 -24.42 -44.92 32.46
C GLU E 637 -24.38 -46.38 32.01
N SER E 638 -23.69 -46.64 30.89
CA SER E 638 -23.65 -47.99 30.33
C SER E 638 -22.75 -48.91 31.13
N LYS E 639 -21.52 -48.47 31.40
CA LYS E 639 -20.53 -49.33 32.08
C LYS E 639 -19.71 -48.69 33.23
N GLY E 640 -20.17 -47.55 33.73
CA GLY E 640 -19.56 -46.92 34.91
C GLY E 640 -18.22 -46.24 34.67
N VAL E 641 -17.79 -46.23 33.41
CA VAL E 641 -16.50 -45.66 33.04
C VAL E 641 -16.58 -44.15 32.94
N GLU E 642 -15.64 -43.46 33.60
CA GLU E 642 -15.53 -42.02 33.48
C GLU E 642 -14.54 -41.64 32.40
N LEU E 643 -15.06 -41.29 31.21
CA LEU E 643 -14.23 -40.86 30.10
C LEU E 643 -13.66 -39.45 30.31
N ASP E 644 -12.38 -39.38 30.64
CA ASP E 644 -11.73 -38.11 30.87
C ASP E 644 -10.89 -37.76 29.65
N TYR E 645 -11.54 -37.21 28.61
CA TYR E 645 -10.87 -36.94 27.33
C TYR E 645 -9.49 -36.31 27.42
N ASP E 646 -9.31 -35.39 28.37
CA ASP E 646 -8.07 -34.63 28.50
C ASP E 646 -7.01 -35.39 29.30
N ARG E 647 -7.21 -36.69 29.46
CA ARG E 647 -6.30 -37.55 30.22
C ARG E 647 -6.07 -38.87 29.51
N LEU E 648 -6.57 -38.97 28.28
CA LEU E 648 -6.44 -40.19 27.49
C LEU E 648 -5.02 -40.36 26.96
N PRO E 649 -4.51 -41.61 26.91
CA PRO E 649 -3.24 -41.85 26.21
C PRO E 649 -3.39 -41.62 24.70
N LEU E 650 -2.36 -41.03 24.10
CA LEU E 650 -2.42 -40.61 22.71
C LEU E 650 -1.73 -41.61 21.80
N ASP E 651 -1.40 -42.78 22.37
CA ASP E 651 -0.73 -43.84 21.64
C ASP E 651 -1.48 -45.17 21.78
N ASP E 652 -2.80 -45.09 21.86
CA ASP E 652 -3.63 -46.28 21.99
C ASP E 652 -3.73 -47.05 20.67
N PRO E 653 -3.28 -48.32 20.67
CA PRO E 653 -3.24 -49.14 19.45
C PRO E 653 -4.58 -49.31 18.76
N LYS E 654 -5.60 -49.76 19.50
CA LYS E 654 -6.91 -50.07 18.91
C LYS E 654 -7.60 -48.89 18.21
N THR E 655 -7.20 -47.67 18.56
CA THR E 655 -7.70 -46.45 17.91
C THR E 655 -7.10 -46.32 16.50
N PHE E 656 -5.77 -46.38 16.41
CA PHE E 656 -5.10 -46.25 15.12
C PHE E 656 -5.41 -47.40 14.17
N GLU E 657 -5.57 -48.61 14.72
CA GLU E 657 -5.95 -49.79 13.94
C GLU E 657 -7.30 -49.59 13.26
N LEU E 658 -8.21 -48.89 13.94
CA LEU E 658 -9.55 -48.60 13.41
C LEU E 658 -9.49 -47.57 12.29
N LEU E 659 -8.67 -46.54 12.47
CA LEU E 659 -8.45 -45.55 11.43
C LEU E 659 -7.78 -46.20 10.23
N SER E 660 -6.82 -47.09 10.51
CA SER E 660 -6.12 -47.84 9.47
C SER E 660 -7.08 -48.73 8.68
N ARG E 661 -8.11 -49.26 9.35
CA ARG E 661 -9.13 -50.05 8.68
C ARG E 661 -10.07 -49.17 7.87
N GLY E 662 -9.97 -47.86 8.05
CA GLY E 662 -10.79 -46.89 7.32
C GLY E 662 -12.23 -46.81 7.80
N GLU E 663 -12.43 -47.11 9.08
CA GLU E 663 -13.75 -47.07 9.70
C GLU E 663 -14.01 -45.69 10.32
N THR E 664 -13.92 -44.68 9.45
CA THR E 664 -14.01 -43.27 9.82
C THR E 664 -15.45 -42.73 9.84
N LYS E 665 -16.41 -43.64 9.86
CA LYS E 665 -17.83 -43.32 9.68
C LYS E 665 -18.33 -42.09 10.47
N GLY E 666 -17.96 -41.96 11.74
CA GLY E 666 -18.42 -40.83 12.55
C GLY E 666 -17.28 -40.03 13.14
N VAL E 667 -16.12 -40.12 12.50
CA VAL E 667 -14.89 -39.58 13.04
C VAL E 667 -14.54 -38.18 12.53
N PHE E 668 -14.50 -37.24 13.47
CA PHE E 668 -14.31 -35.83 13.18
C PHE E 668 -13.17 -35.57 12.24
N GLN E 669 -13.43 -34.68 11.28
CA GLN E 669 -12.41 -34.17 10.35
C GLN E 669 -12.11 -35.08 9.17
N LEU E 670 -12.22 -36.40 9.36
CA LEU E 670 -11.83 -37.30 8.28
C LEU E 670 -12.92 -38.25 7.79
N GLU E 671 -14.00 -37.67 7.27
CA GLU E 671 -15.18 -38.42 6.85
C GLU E 671 -15.46 -38.37 5.35
N SER E 672 -14.67 -37.57 4.62
CA SER E 672 -14.81 -37.42 3.17
C SER E 672 -14.53 -38.78 2.53
N GLY E 673 -15.23 -39.05 1.44
CA GLY E 673 -14.98 -40.27 0.67
C GLY E 673 -13.49 -40.47 0.45
N GLY E 674 -12.86 -39.48 -0.20
CA GLY E 674 -11.43 -39.54 -0.50
C GLY E 674 -10.55 -39.64 0.73
N MET E 675 -10.84 -38.81 1.73
CA MET E 675 -10.08 -38.82 2.96
C MET E 675 -10.07 -40.21 3.61
N THR E 676 -11.24 -40.85 3.66
CA THR E 676 -11.39 -42.19 4.21
C THR E 676 -10.46 -43.18 3.51
N ALA E 677 -10.44 -43.15 2.18
CA ALA E 677 -9.54 -43.99 1.40
C ALA E 677 -8.07 -43.71 1.77
N THR E 678 -7.71 -42.43 1.88
CA THR E 678 -6.34 -42.04 2.18
C THR E 678 -5.87 -42.57 3.54
N VAL E 679 -6.74 -42.53 4.54
CA VAL E 679 -6.38 -43.03 5.87
C VAL E 679 -6.12 -44.54 5.84
N ARG E 680 -6.97 -45.28 5.11
CA ARG E 680 -6.76 -46.72 4.88
C ARG E 680 -5.44 -46.99 4.19
N GLY E 681 -5.03 -46.07 3.32
CA GLY E 681 -3.79 -46.20 2.58
C GLY E 681 -2.60 -45.91 3.47
N LEU E 682 -2.69 -44.81 4.21
CA LEU E 682 -1.60 -44.36 5.07
C LEU E 682 -1.35 -45.32 6.23
N LYS E 683 -2.44 -45.77 6.87
CA LYS E 683 -2.38 -46.62 8.07
C LYS E 683 -1.63 -45.91 9.21
N PRO E 684 -2.21 -44.84 9.75
CA PRO E 684 -1.52 -44.00 10.72
C PRO E 684 -1.26 -44.77 12.02
N ARG E 685 -0.13 -44.49 12.67
CA ARG E 685 0.25 -45.21 13.89
C ARG E 685 0.39 -44.32 15.11
N ARG E 686 0.58 -43.02 14.89
CA ARG E 686 0.69 -42.04 15.95
C ARG E 686 -0.14 -40.81 15.60
N LEU E 687 -0.40 -39.96 16.58
CA LEU E 687 -1.25 -38.79 16.37
C LEU E 687 -0.69 -37.89 15.27
N GLU E 688 0.63 -37.79 15.20
CA GLU E 688 1.31 -36.93 14.22
C GLU E 688 0.98 -37.28 12.78
N ASP E 689 0.60 -38.54 12.54
CA ASP E 689 0.15 -38.95 11.23
C ASP E 689 -1.19 -38.28 10.88
N ILE E 690 -2.09 -38.21 11.86
CA ILE E 690 -3.37 -37.54 11.64
C ILE E 690 -3.13 -36.06 11.35
N ILE E 691 -2.29 -35.43 12.18
CA ILE E 691 -1.97 -34.01 12.02
C ILE E 691 -1.51 -33.70 10.58
N ALA E 692 -0.54 -34.49 10.09
CA ALA E 692 0.03 -34.31 8.75
C ALA E 692 -0.95 -34.67 7.65
N LEU E 693 -1.77 -35.69 7.90
CA LEU E 693 -2.71 -36.12 6.90
C LEU E 693 -3.75 -35.03 6.66
N VAL E 694 -4.27 -34.46 7.74
CA VAL E 694 -5.30 -33.43 7.67
C VAL E 694 -4.75 -32.16 7.04
N SER E 695 -3.47 -31.89 7.31
CA SER E 695 -2.82 -30.70 6.78
C SER E 695 -2.58 -30.79 5.27
N LEU E 696 -2.22 -31.98 4.80
CA LEU E 696 -1.86 -32.17 3.39
C LEU E 696 -3.04 -32.51 2.49
N TYR E 697 -4.11 -33.06 3.05
CA TYR E 697 -5.24 -33.47 2.23
C TYR E 697 -6.13 -32.28 1.87
N ARG E 698 -5.76 -31.65 0.76
CA ARG E 698 -6.47 -30.50 0.20
C ARG E 698 -5.79 -30.18 -1.13
N PRO E 699 -6.54 -29.60 -2.10
CA PRO E 699 -5.96 -29.27 -3.40
C PRO E 699 -4.63 -28.53 -3.24
N GLY E 700 -5.46 -29.95 -3.82
CA GLY E 700 -4.17 -29.26 -3.91
C GLY E 700 -3.02 -30.08 -3.34
N PRO E 701 -2.75 -29.95 -2.03
CA PRO E 701 -1.74 -30.79 -1.42
C PRO E 701 -2.06 -32.29 -1.49
N MET E 702 -3.32 -32.63 -1.69
CA MET E 702 -3.78 -34.03 -1.83
C MET E 702 -2.74 -34.92 -2.54
N GLU E 703 -2.16 -34.39 -3.62
CA GLU E 703 -1.20 -35.11 -4.45
C GLU E 703 0.10 -35.50 -3.74
N HIS E 704 0.49 -34.77 -2.70
CA HIS E 704 1.74 -35.07 -1.99
C HIS E 704 1.64 -36.30 -1.08
N ILE E 705 0.43 -36.82 -0.91
CA ILE E 705 0.19 -37.93 0.03
C ILE E 705 0.78 -39.29 -0.40
N PRO E 706 0.65 -39.66 -1.70
CA PRO E 706 1.32 -40.88 -2.17
C PRO E 706 2.82 -40.87 -1.88
N THR E 707 3.46 -39.74 -2.16
CA THR E 707 4.88 -39.56 -1.87
C THR E 707 5.13 -39.78 -0.39
N TYR E 708 4.33 -39.12 0.45
CA TYR E 708 4.39 -39.24 1.91
C TYR E 708 4.33 -40.71 2.34
N ILE E 709 3.39 -41.44 1.75
CA ILE E 709 3.15 -42.85 2.09
C ILE E 709 4.33 -43.78 1.75
N ARG E 710 4.85 -43.69 0.52
CA ARG E 710 5.96 -44.53 0.10
C ARG E 710 7.20 -44.28 0.96
N ARG E 711 7.39 -43.02 1.34
CA ARG E 711 8.48 -42.61 2.21
C ARG E 711 8.21 -43.07 3.65
N HIS E 712 6.96 -42.94 4.09
CA HIS E 712 6.54 -43.42 5.40
C HIS E 712 6.66 -44.95 5.54
N HIS E 713 6.34 -45.68 4.49
CA HIS E 713 6.45 -47.14 4.49
C HIS E 713 7.89 -47.65 4.43
N GLY E 714 9.30 -46.62 4.67
CA GLY E 714 10.73 -46.89 4.60
C GLY E 714 11.14 -47.57 3.30
N GLN E 715 10.60 -47.10 2.18
CA GLN E 715 10.91 -47.68 0.87
C GLN E 715 11.25 -46.63 -0.18
N GLU E 716 11.60 -45.43 0.28
CA GLU E 716 12.06 -44.36 -0.59
C GLU E 716 12.89 -43.37 0.23
N PRO E 717 14.16 -43.15 -0.14
CA PRO E 717 14.99 -42.20 0.57
C PRO E 717 14.41 -40.79 0.55
N VAL E 718 14.64 -40.06 1.63
CA VAL E 718 14.29 -38.65 1.76
C VAL E 718 15.57 -37.86 1.45
N SER E 719 15.68 -37.30 0.24
CA SER E 719 16.93 -36.63 -0.16
C SER E 719 16.77 -35.14 -0.45
N TYR E 720 17.80 -34.38 -0.12
CA TYR E 720 17.81 -32.93 -0.28
C TYR E 720 18.96 -32.53 -1.19
N ALA E 721 19.28 -33.39 -2.14
CA ALA E 721 20.42 -33.19 -3.04
C ALA E 721 20.33 -31.94 -3.89
N GLU E 722 19.11 -31.48 -4.17
CA GLU E 722 18.86 -30.29 -4.99
C GLU E 722 19.23 -29.00 -4.28
N PHE E 723 19.45 -29.09 -2.97
CA PHE E 723 19.90 -27.95 -2.16
C PHE E 723 20.96 -28.43 -1.16
N PRO E 724 22.16 -28.82 -1.67
CA PRO E 724 23.19 -29.40 -0.80
C PRO E 724 23.67 -28.45 0.30
N HIS E 725 23.71 -27.15 0.01
CA HIS E 725 24.17 -26.16 0.99
C HIS E 725 23.07 -25.74 1.96
N ALA E 726 21.81 -25.96 1.58
CA ALA E 726 20.66 -25.62 2.44
C ALA E 726 20.21 -26.79 3.31
N GLU E 727 20.72 -27.98 3.01
CA GLU E 727 20.33 -29.23 3.68
C GLU E 727 20.41 -29.12 5.19
N LYS E 728 21.45 -28.48 5.70
CA LYS E 728 21.64 -28.31 7.15
C LYS E 728 20.47 -27.56 7.83
N TYR E 729 19.69 -26.83 7.05
CA TYR E 729 18.51 -26.14 7.56
C TYR E 729 17.22 -26.90 7.24
N LEU E 730 17.18 -27.49 6.04
CA LEU E 730 16.00 -28.19 5.55
C LEU E 730 15.66 -29.46 6.33
N ARG E 731 16.68 -30.28 6.61
CA ARG E 731 16.45 -31.56 7.29
C ARG E 731 15.68 -31.42 8.61
N PRO E 732 16.22 -30.63 9.56
CA PRO E 732 15.57 -30.54 10.87
C PRO E 732 14.10 -30.14 10.79
N ILE E 733 13.75 -29.38 9.76
CA ILE E 733 12.38 -28.90 9.57
C ILE E 733 11.53 -29.96 8.88
N LEU E 734 12.00 -30.49 7.75
CA LEU E 734 11.19 -31.34 6.88
C LEU E 734 11.33 -32.85 7.15
N ASP E 735 12.22 -33.23 8.07
CA ASP E 735 12.37 -34.65 8.40
C ASP E 735 11.10 -35.19 9.02
N GLU E 736 10.61 -34.50 10.05
CA GLU E 736 9.34 -34.85 10.67
C GLU E 736 8.23 -35.23 9.67
N THR E 737 8.34 -34.72 8.44
CA THR E 737 7.29 -34.90 7.45
C THR E 737 7.81 -35.40 6.11
N TYR E 738 8.86 -36.22 6.17
CA TYR E 738 9.52 -36.87 5.02
C TYR E 738 9.86 -35.96 3.85
N GLY E 739 10.48 -34.83 4.16
CA GLY E 739 10.94 -33.87 3.15
C GLY E 739 9.89 -32.96 2.54
N ILE E 740 8.62 -33.28 2.73
CA ILE E 740 7.54 -32.50 2.14
C ILE E 740 7.17 -31.27 2.98
N PRO E 741 7.21 -30.05 2.38
CA PRO E 741 6.68 -28.87 3.03
C PRO E 741 5.15 -28.90 3.05
N VAL E 742 4.61 -29.30 4.20
CA VAL E 742 3.19 -29.51 4.38
C VAL E 742 2.62 -28.31 5.11
N TYR E 743 3.35 -27.85 6.11
CA TYR E 743 2.85 -26.82 7.00
C TYR E 743 3.38 -25.45 6.65
N GLN E 744 2.53 -24.45 6.81
CA GLN E 744 2.93 -23.06 6.65
C GLN E 744 4.11 -22.76 7.56
N GLU E 745 4.04 -23.29 8.78
CA GLU E 745 5.09 -23.10 9.78
C GLU E 745 6.44 -23.61 9.26
N GLN E 746 6.40 -24.70 8.48
CA GLN E 746 7.60 -25.29 7.92
C GLN E 746 8.27 -24.32 6.95
N ILE E 747 7.45 -23.64 6.16
CA ILE E 747 7.93 -22.64 5.23
C ILE E 747 8.54 -21.46 5.99
N MET E 748 7.79 -20.92 6.94
CA MET E 748 8.25 -19.79 7.73
C MET E 748 9.64 -20.07 8.28
N GLN E 749 9.83 -21.25 8.85
CA GLN E 749 11.10 -21.62 9.44
C GLN E 749 12.21 -21.69 8.40
N ILE E 750 11.91 -22.34 7.26
CA ILE E 750 12.87 -22.45 6.15
C ILE E 750 13.36 -21.06 5.78
N ALA E 751 12.44 -20.16 5.48
CA ALA E 751 12.76 -18.79 5.09
C ALA E 751 13.42 -17.99 6.20
N SER E 752 13.11 -18.32 7.46
CA SER E 752 13.72 -17.62 8.58
C SER E 752 15.15 -18.06 8.85
N GLN E 753 15.45 -19.31 8.55
CA GLN E 753 16.77 -19.85 8.82
C GLN E 753 17.73 -19.70 7.64
N VAL E 754 17.24 -20.01 6.44
CA VAL E 754 18.07 -19.91 5.23
C VAL E 754 18.37 -18.44 4.89
N ALA E 755 17.33 -17.61 4.88
CA ALA E 755 17.46 -16.21 4.51
C ALA E 755 17.89 -15.27 5.66
N GLY E 756 17.77 -15.76 6.89
CA GLY E 756 18.10 -14.95 8.06
C GLY E 756 16.95 -14.06 8.49
N TYR E 757 15.80 -14.23 7.82
CA TYR E 757 14.57 -13.52 8.14
C TYR E 757 14.18 -13.65 9.62
N SER E 758 13.55 -12.61 10.14
CA SER E 758 12.83 -12.72 11.42
C SER E 758 11.65 -13.64 11.20
N LEU E 759 11.40 -14.51 12.17
CA LEU E 759 10.31 -15.47 12.08
C LEU E 759 8.98 -14.76 11.80
N GLY E 760 8.82 -13.55 12.36
CA GLY E 760 7.69 -12.68 12.06
C GLY E 760 7.66 -12.19 10.62
N GLU E 761 8.83 -11.94 10.03
CA GLU E 761 8.92 -11.50 8.64
C GLU E 761 8.57 -12.64 7.70
N ALA E 762 9.00 -13.85 8.04
CA ALA E 762 8.68 -15.03 7.25
C ALA E 762 7.17 -15.20 7.14
N ASP E 763 6.45 -14.78 8.19
CA ASP E 763 5.00 -14.76 8.18
C ASP E 763 4.50 -13.83 7.07
N LEU E 764 4.97 -12.58 7.09
CA LEU E 764 4.65 -11.59 6.05
C LEU E 764 4.94 -12.15 4.67
N LEU E 765 6.06 -12.87 4.55
CA LEU E 765 6.45 -13.50 3.29
C LEU E 765 5.39 -14.48 2.80
N ARG E 766 4.94 -15.36 3.70
CA ARG E 766 3.88 -16.31 3.39
C ARG E 766 2.57 -15.62 2.93
N ARG E 767 2.27 -14.46 3.53
CA ARG E 767 1.11 -13.67 3.13
C ARG E 767 1.31 -13.16 1.70
N ALA E 768 2.54 -12.71 1.41
CA ALA E 768 2.90 -12.17 0.11
C ALA E 768 2.97 -13.25 -0.97
N MET E 769 3.31 -14.48 -0.57
CA MET E 769 3.27 -15.63 -1.46
C MET E 769 1.80 -15.93 -1.83
N GLY E 770 0.91 -15.74 -0.87
CA GLY E 770 -0.52 -16.00 -1.03
C GLY E 770 -1.24 -14.94 -1.85
N LYS E 771 -0.86 -13.68 -1.65
CA LYS E 771 -1.41 -12.56 -2.43
C LYS E 771 -0.98 -12.65 -3.89
N LYS E 772 0.22 -13.19 -4.12
CA LYS E 772 0.82 -13.31 -5.45
C LYS E 772 0.90 -11.97 -6.17
N ARG E 773 1.34 -10.96 -5.43
CA ARG E 773 1.42 -9.59 -5.94
C ARG E 773 2.38 -9.52 -7.12
N VAL E 774 1.81 -9.18 -8.27
CA VAL E 774 2.50 -9.14 -9.57
C VAL E 774 4.04 -9.18 -9.48
N GLU E 775 4.65 -8.07 -9.05
CA GLU E 775 6.11 -7.94 -9.07
C GLU E 775 6.73 -7.55 -7.71
N GLU E 776 5.88 -7.35 -6.70
CA GLU E 776 6.33 -7.11 -5.33
C GLU E 776 6.97 -8.38 -4.77
N MET E 777 6.70 -9.50 -5.42
CA MET E 777 7.33 -10.78 -5.10
C MET E 777 8.83 -10.78 -5.37
N GLN E 778 9.24 -10.01 -6.38
CA GLN E 778 10.65 -9.90 -6.75
C GLN E 778 11.48 -9.11 -5.73
N LYS E 779 10.81 -8.38 -4.85
CA LYS E 779 11.47 -7.65 -3.76
C LYS E 779 11.98 -8.63 -2.70
N HIS E 780 11.13 -9.59 -2.35
CA HIS E 780 11.45 -10.63 -1.38
C HIS E 780 12.50 -11.58 -1.94
N ARG E 781 12.44 -11.84 -3.24
CA ARG E 781 13.43 -12.68 -3.94
C ARG E 781 14.85 -12.19 -3.69
N GLU E 782 15.09 -10.92 -4.02
CA GLU E 782 16.42 -10.33 -3.86
C GLU E 782 16.83 -10.32 -2.39
N ARG E 783 15.88 -9.98 -1.51
CA ARG E 783 16.11 -9.99 -0.06
C ARG E 783 16.45 -11.39 0.44
N PHE E 784 15.77 -12.40 -0.11
CA PHE E 784 16.00 -13.80 0.23
C PHE E 784 17.43 -14.22 -0.13
N VAL E 785 17.77 -14.08 -1.41
CA VAL E 785 19.11 -14.46 -1.93
C VAL E 785 20.25 -13.77 -1.19
N ARG E 786 20.07 -12.48 -0.91
CA ARG E 786 20.99 -11.71 -0.08
C ARG E 786 21.37 -12.46 1.19
N GLY E 787 20.36 -12.71 2.04
CA GLY E 787 20.55 -13.41 3.30
C GLY E 787 20.95 -14.87 3.13
N ALA E 788 20.52 -15.47 2.01
CA ALA E 788 20.85 -16.85 1.69
C ALA E 788 22.35 -17.04 1.43
N LYS E 789 22.91 -16.20 0.56
CA LYS E 789 24.35 -16.17 0.34
C LYS E 789 25.06 -15.95 1.66
N GLU E 790 24.70 -14.86 2.33
CA GLU E 790 25.31 -14.42 3.59
C GLU E 790 25.36 -15.53 4.64
N ARG E 791 24.44 -16.49 4.52
CA ARG E 791 24.37 -17.61 5.45
C ARG E 791 25.12 -18.82 4.91
N GLY E 792 24.68 -19.34 3.77
CA GLY E 792 25.35 -20.48 3.16
C GLY E 792 25.18 -20.60 1.66
N VAL E 793 23.98 -21.00 1.24
CA VAL E 793 23.65 -21.31 -0.16
C VAL E 793 24.28 -20.40 -1.22
N PRO E 794 24.86 -21.01 -2.28
CA PRO E 794 25.62 -20.29 -3.32
C PRO E 794 24.78 -19.39 -4.22
N GLU E 795 23.47 -19.35 -3.97
CA GLU E 795 22.48 -18.49 -4.66
C GLU E 795 21.88 -19.07 -5.95
N GLU E 796 22.59 -20.03 -6.55
CA GLU E 796 22.00 -20.86 -7.59
C GLU E 796 20.88 -21.69 -6.96
N GLU E 797 21.15 -22.22 -5.77
CA GLU E 797 20.16 -22.95 -4.98
C GLU E 797 19.09 -21.99 -4.49
N ALA E 798 19.53 -20.86 -3.93
CA ALA E 798 18.61 -19.88 -3.35
C ALA E 798 17.42 -19.58 -4.25
N ASN E 799 17.70 -19.13 -5.47
CA ASN E 799 16.65 -18.78 -6.45
C ASN E 799 15.68 -19.91 -6.73
N ARG E 800 16.18 -21.14 -6.71
CA ARG E 800 15.37 -22.33 -6.99
C ARG E 800 14.71 -22.84 -5.70
N LEU E 801 15.31 -22.52 -4.57
CA LEU E 801 14.77 -22.86 -3.25
C LEU E 801 13.55 -21.98 -2.97
N PHE E 802 13.66 -20.72 -3.38
CA PHE E 802 12.54 -19.80 -3.35
C PHE E 802 11.43 -20.28 -4.28
N ASP E 803 11.83 -20.90 -5.40
CA ASP E 803 10.90 -21.57 -6.30
C ASP E 803 10.16 -22.70 -5.61
N MET E 804 10.86 -23.43 -4.75
CA MET E 804 10.22 -24.51 -4.01
C MET E 804 9.25 -23.94 -2.99
N LEU E 805 9.63 -22.85 -2.33
CA LEU E 805 8.75 -22.20 -1.36
C LEU E 805 7.46 -21.70 -2.00
N GLU E 806 7.58 -20.90 -3.05
CA GLU E 806 6.40 -20.37 -3.73
C GLU E 806 5.48 -21.47 -4.28
N ALA E 807 6.05 -22.65 -4.52
CA ALA E 807 5.29 -23.79 -5.00
C ALA E 807 4.44 -24.41 -3.89
N PHE E 808 5.09 -24.68 -2.75
CA PHE E 808 4.43 -25.32 -1.61
C PHE E 808 3.61 -24.36 -0.73
N ALA E 809 3.84 -23.06 -0.88
CA ALA E 809 3.13 -22.06 -0.09
C ALA E 809 1.68 -21.87 -0.55
N ASN E 810 1.35 -22.38 -1.72
CA ASN E 810 -0.03 -22.36 -2.21
C ASN E 810 -0.94 -23.26 -1.38
N TYR E 811 -0.41 -24.42 -0.99
CA TYR E 811 -1.20 -25.44 -0.31
C TYR E 811 -0.67 -25.72 1.08
N GLY E 812 0.15 -24.81 1.59
CA GLY E 812 0.73 -24.96 2.92
C GLY E 812 -0.36 -24.84 3.95
N PHE E 813 1.07 -25.35 6.28
CA PHE E 813 -0.09 -25.30 7.13
C PHE E 813 0.20 -24.88 8.58
N ASN E 814 -0.78 -24.27 9.23
CA ASN E 814 -0.62 -23.88 10.63
C ASN E 814 -0.78 -25.11 11.50
N LYS E 815 0.33 -25.57 12.09
CA LYS E 815 0.36 -26.81 12.84
C LYS E 815 -0.45 -26.75 14.14
N SER E 816 -0.40 -25.62 14.84
CA SER E 816 -1.15 -25.50 16.07
C SER E 816 -2.61 -25.81 15.80
N HIS E 817 -3.17 -25.19 14.76
CA HIS E 817 -4.55 -25.45 14.43
C HIS E 817 -4.77 -26.93 14.07
N ALA E 818 -3.89 -27.48 13.25
CA ALA E 818 -3.98 -28.87 12.83
C ALA E 818 -3.91 -29.81 14.03
N ALA E 819 -2.93 -29.61 14.90
CA ALA E 819 -2.71 -30.48 16.07
C ALA E 819 -3.91 -30.49 16.99
N ALA E 820 -4.37 -29.29 17.37
CA ALA E 820 -5.51 -29.15 18.25
C ALA E 820 -6.71 -29.90 17.68
N TYR E 821 -7.04 -29.65 16.43
CA TYR E 821 -8.19 -30.34 15.85
C TYR E 821 -7.98 -31.85 15.76
N SER E 822 -6.79 -32.28 15.38
CA SER E 822 -6.47 -33.70 15.28
C SER E 822 -6.87 -34.48 16.52
N LEU E 823 -6.66 -33.85 17.68
CA LEU E 823 -6.97 -34.42 18.98
C LEU E 823 -8.47 -34.78 19.08
N LEU E 824 -9.33 -33.92 18.55
CA LEU E 824 -10.76 -34.23 18.54
C LEU E 824 -11.05 -35.44 17.65
N SER E 825 -10.38 -35.51 16.51
CA SER E 825 -10.48 -36.68 15.63
C SER E 825 -10.13 -37.95 16.40
N TYR E 826 -8.96 -37.95 17.04
CA TYR E 826 -8.51 -39.07 17.86
C TYR E 826 -9.58 -39.45 18.87
N GLN E 827 -9.97 -38.48 19.69
CA GLN E 827 -10.96 -38.69 20.73
C GLN E 827 -12.20 -39.36 20.16
N THR E 828 -12.73 -38.80 19.08
CA THR E 828 -13.87 -39.41 18.36
C THR E 828 -13.58 -40.88 18.03
N ALA E 829 -12.54 -41.12 17.23
CA ALA E 829 -12.11 -42.49 16.87
C ALA E 829 -11.89 -43.42 18.08
N TYR E 830 -11.23 -42.92 19.12
CA TYR E 830 -10.97 -43.68 20.34
C TYR E 830 -12.27 -44.21 20.96
N VAL E 831 -13.27 -43.34 21.08
CA VAL E 831 -14.58 -43.75 21.59
C VAL E 831 -15.13 -44.88 20.73
N LYS E 832 -15.20 -44.66 19.42
CA LYS E 832 -15.67 -45.66 18.45
C LYS E 832 -14.90 -46.97 18.50
N ALA E 833 -13.61 -46.90 18.79
CA ALA E 833 -12.77 -48.10 18.87
C ALA E 833 -13.15 -48.93 20.08
N HIS E 834 -13.28 -48.26 21.22
CA HIS E 834 -13.47 -48.93 22.51
C HIS E 834 -14.93 -49.05 22.97
N TYR E 835 -15.89 -48.36 22.39
CA TYR E 835 -17.28 -48.45 22.78
C TYR E 835 -18.17 -48.27 21.56
N PRO E 836 -18.75 -49.05 22.74
CA PRO E 836 -18.94 -48.97 21.29
C PRO E 836 -20.37 -48.69 20.86
N VAL E 837 -21.35 -49.26 21.56
CA VAL E 837 -22.76 -49.11 21.20
C VAL E 837 -23.23 -47.69 21.51
N GLU E 838 -22.98 -47.24 22.74
CA GLU E 838 -23.36 -45.90 23.14
C GLU E 838 -22.65 -44.87 22.27
N PHE E 839 -21.37 -45.10 21.99
CA PHE E 839 -20.62 -44.28 21.04
C PHE E 839 -21.45 -44.07 19.76
N MET E 840 -21.92 -45.16 19.16
CA MET E 840 -22.67 -45.10 17.92
C MET E 840 -24.02 -44.40 18.09
N ALA E 841 -24.67 -44.67 19.21
CA ALA E 841 -25.94 -44.01 19.54
C ALA E 841 -25.75 -42.51 19.79
N ALA E 842 -24.56 -42.12 20.23
CA ALA E 842 -24.29 -40.72 20.42
C ALA E 842 -24.02 -40.08 19.06
N LEU E 843 -23.35 -40.80 18.18
CA LEU E 843 -23.12 -40.31 16.82
C LEU E 843 -24.45 -40.08 16.13
N LEU E 844 -25.39 -41.00 16.35
CA LEU E 844 -26.73 -40.87 15.82
C LEU E 844 -27.43 -39.66 16.45
N SER E 845 -27.47 -39.62 17.79
CA SER E 845 -28.08 -38.53 18.52
C SER E 845 -27.60 -37.15 18.05
N VAL E 846 -26.29 -36.98 17.94
CA VAL E 846 -25.70 -35.68 17.63
C VAL E 846 -26.09 -35.16 16.25
N GLU E 847 -26.28 -36.07 15.30
CA GLU E 847 -26.66 -35.67 13.95
C GLU E 847 -28.04 -36.17 13.58
N ARG E 848 -28.94 -36.19 14.56
CA ARG E 848 -30.27 -36.77 14.37
C ARG E 848 -31.14 -36.04 13.34
N HIS E 849 -30.84 -34.76 13.08
CA HIS E 849 -31.65 -33.97 12.15
C HIS E 849 -31.17 -34.07 10.70
N ASP E 850 -30.10 -34.82 10.47
CA ASP E 850 -29.56 -35.05 9.13
C ASP E 850 -29.94 -36.45 8.67
N SER E 851 -30.89 -36.53 7.73
CA SER E 851 -31.40 -37.81 7.24
C SER E 851 -30.31 -38.64 6.56
N ASP E 852 -29.41 -37.95 5.83
CA ASP E 852 -28.28 -38.60 5.13
C ASP E 852 -27.27 -39.21 6.08
N LYS E 853 -26.86 -38.43 7.08
CA LYS E 853 -25.93 -38.91 8.11
C LYS E 853 -26.56 -40.03 8.95
N VAL E 854 -27.80 -39.83 9.40
CA VAL E 854 -28.52 -40.85 10.17
C VAL E 854 -28.52 -42.18 9.42
N ALA E 855 -28.88 -42.13 8.14
CA ALA E 855 -28.85 -43.30 7.26
C ALA E 855 -27.46 -43.91 7.28
N GLU E 856 -26.44 -43.07 7.11
CA GLU E 856 -25.05 -43.50 7.08
C GLU E 856 -24.62 -44.19 8.38
N TYR E 857 -24.85 -43.51 9.51
CA TYR E 857 -24.51 -44.06 10.82
C TYR E 857 -25.21 -45.38 11.13
N ILE E 858 -26.46 -45.51 10.68
CA ILE E 858 -27.18 -46.76 10.83
C ILE E 858 -26.48 -47.87 10.07
N ARG E 859 -26.11 -47.61 8.82
CA ARG E 859 -25.45 -48.65 8.02
C ARG E 859 -24.05 -48.98 8.54
N ASP E 860 -23.44 -48.03 9.24
CA ASP E 860 -22.16 -48.25 9.92
C ASP E 860 -22.35 -49.19 11.11
N ALA E 861 -23.38 -48.91 11.92
CA ALA E 861 -23.70 -49.69 13.10
C ALA E 861 -24.15 -51.10 12.79
N ARG E 862 -25.00 -51.23 11.78
CA ARG E 862 -25.56 -52.51 11.38
C ARG E 862 -24.48 -53.43 10.81
N ALA E 863 -23.55 -52.86 10.05
CA ALA E 863 -22.40 -53.60 9.55
C ALA E 863 -21.24 -53.54 10.55
N LEU E 864 -21.58 -53.69 11.83
CA LEU E 864 -20.60 -53.64 12.93
C LEU E 864 -21.06 -54.52 14.10
N GLY E 865 -22.20 -55.17 13.92
CA GLY E 865 -22.61 -56.24 14.82
C GLY E 865 -23.53 -55.75 15.92
N ILE E 866 -24.74 -55.34 15.54
CA ILE E 866 -25.86 -55.26 16.49
C ILE E 866 -27.18 -55.03 15.77
N PRO E 867 -28.27 -55.03 16.53
CA PRO E 867 -29.61 -54.87 15.95
C PRO E 867 -30.12 -53.44 16.12
N VAL E 868 -30.69 -52.89 15.06
CA VAL E 868 -31.07 -51.48 15.03
C VAL E 868 -32.54 -51.37 14.64
N LEU E 869 -33.37 -50.89 15.57
CA LEU E 869 -34.82 -50.92 15.43
C LEU E 869 -35.43 -49.56 15.09
N PRO E 870 -36.54 -49.56 14.32
CA PRO E 870 -37.31 -48.34 14.02
C PRO E 870 -37.82 -47.71 15.31
N PRO E 871 -38.25 -46.44 15.27
CA PRO E 871 -38.66 -45.83 16.54
C PRO E 871 -39.96 -46.47 17.04
N ASP E 872 -40.34 -46.16 18.27
CA ASP E 872 -41.52 -46.74 18.88
C ASP E 872 -41.98 -45.83 20.01
N VAL E 873 -43.22 -45.35 19.89
CA VAL E 873 -43.79 -44.38 20.84
C VAL E 873 -43.76 -44.81 22.30
N ASN E 874 -43.72 -46.13 22.54
CA ASN E 874 -43.72 -46.69 23.90
C ASN E 874 -42.33 -46.86 24.53
N ARG E 875 -41.31 -47.06 23.70
CA ARG E 875 -39.96 -47.33 24.23
C ARG E 875 -38.91 -46.29 23.87
N SER E 876 -39.08 -45.66 22.70
CA SER E 876 -38.10 -44.68 22.22
C SER E 876 -37.94 -43.50 23.15
N GLY E 877 -36.71 -43.03 23.26
CA GLY E 877 -36.42 -41.74 23.88
C GLY E 877 -36.40 -40.73 22.75
N PHE E 878 -35.90 -39.54 23.05
CA PHE E 878 -35.83 -38.47 22.04
C PHE E 878 -34.80 -38.79 20.95
N ASP E 879 -33.61 -39.21 21.39
CA ASP E 879 -32.49 -39.52 20.49
C ASP E 879 -32.30 -41.03 20.39
N PHE E 880 -31.19 -41.47 19.80
CA PHE E 880 -30.87 -42.89 19.75
C PHE E 880 -30.75 -43.43 21.19
N LYS E 881 -31.32 -44.62 21.43
CA LYS E 881 -31.39 -45.18 22.77
C LYS E 881 -31.07 -46.69 22.75
N VAL E 882 -30.43 -47.15 23.82
CA VAL E 882 -30.14 -48.57 24.00
C VAL E 882 -31.07 -49.23 25.03
N VAL E 883 -31.97 -50.07 24.55
CA VAL E 883 -32.89 -50.82 25.39
C VAL E 883 -32.44 -52.27 25.43
N GLY E 884 -32.04 -52.73 26.61
CA GLY E 884 -31.51 -54.07 26.79
C GLY E 884 -30.19 -54.20 26.03
N GLU E 885 -30.26 -54.77 24.85
CA GLU E 885 -29.07 -54.95 24.03
C GLU E 885 -29.32 -54.60 22.56
N GLU E 886 -30.24 -53.66 22.35
CA GLU E 886 -30.61 -53.23 21.01
C GLU E 886 -30.46 -51.71 20.89
N ILE E 887 -30.25 -51.23 19.66
CA ILE E 887 -30.25 -49.81 19.39
C ILE E 887 -31.62 -49.43 18.83
N LEU E 888 -32.22 -48.39 19.40
CA LEU E 888 -33.56 -47.99 19.06
C LEU E 888 -33.59 -46.52 18.64
N PHE E 889 -34.06 -46.26 17.42
CA PHE E 889 -34.21 -44.90 16.90
C PHE E 889 -34.99 -44.01 17.84
N GLY E 890 -34.65 -42.73 17.86
CA GLY E 890 -35.41 -41.74 18.62
C GLY E 890 -36.63 -41.24 17.87
N LEU E 891 -37.49 -40.49 18.55
CA LEU E 891 -38.68 -39.98 17.88
C LEU E 891 -38.35 -38.74 17.07
N SER E 892 -37.31 -38.03 17.50
CA SER E 892 -36.85 -36.83 16.79
C SER E 892 -36.34 -37.19 15.40
N ALA E 893 -36.08 -38.47 15.18
CA ALA E 893 -35.60 -38.99 13.89
C ALA E 893 -36.69 -39.03 12.82
N VAL E 894 -37.95 -38.97 13.25
CA VAL E 894 -39.09 -39.02 12.32
C VAL E 894 -39.27 -37.66 11.64
N LYS E 895 -39.50 -37.71 10.33
CA LYS E 895 -39.27 -36.56 9.46
C LYS E 895 -40.19 -35.35 9.59
N ASN E 896 -41.50 -35.56 9.65
CA ASN E 896 -42.42 -34.43 9.72
C ASN E 896 -42.82 -34.04 11.12
N VAL E 897 -42.57 -34.93 12.08
CA VAL E 897 -42.79 -34.66 13.49
C VAL E 897 -41.91 -33.49 13.94
N GLY E 898 -42.54 -32.46 14.51
CA GLY E 898 -41.81 -31.33 15.06
C GLY E 898 -40.87 -31.77 16.17
N GLU E 899 -40.22 -30.80 16.82
CA GLU E 899 -39.42 -31.13 17.99
C GLU E 899 -40.27 -30.97 19.24
N MET E 900 -41.21 -30.01 19.21
CA MET E 900 -42.16 -29.82 20.31
C MET E 900 -43.03 -31.04 20.48
N ALA E 901 -43.41 -31.61 19.34
CA ALA E 901 -44.27 -32.79 19.27
C ALA E 901 -43.57 -34.02 19.85
N ALA E 902 -42.31 -34.22 19.49
CA ALA E 902 -41.54 -35.36 19.98
C ALA E 902 -41.45 -35.32 21.50
N ARG E 903 -41.08 -34.17 22.06
CA ARG E 903 -41.06 -34.03 23.51
C ARG E 903 -42.45 -34.17 24.12
N ALA E 904 -43.45 -33.57 23.49
CA ALA E 904 -44.85 -33.71 23.93
C ALA E 904 -45.24 -35.17 24.09
N ILE E 905 -45.04 -35.95 23.03
CA ILE E 905 -45.36 -37.39 23.03
C ILE E 905 -44.72 -38.06 24.23
N LEU E 906 -43.42 -37.85 24.38
CA LEU E 906 -42.65 -38.43 25.48
C LEU E 906 -43.15 -37.99 26.86
N GLU E 907 -43.47 -36.71 27.01
CA GLU E 907 -43.91 -36.20 28.31
C GLU E 907 -45.29 -36.70 28.66
N GLU E 908 -46.14 -36.82 27.64
CA GLU E 908 -47.48 -37.39 27.82
C GLU E 908 -47.38 -38.86 28.21
N ARG E 909 -46.40 -39.55 27.63
CA ARG E 909 -46.16 -40.95 27.98
C ARG E 909 -45.60 -41.11 29.40
N GLU E 910 -45.05 -40.03 29.96
CA GLU E 910 -44.48 -40.11 31.30
C GLU E 910 -45.49 -39.79 32.39
N ARG E 911 -46.47 -38.93 32.11
CA ARG E 911 -47.48 -38.61 33.13
C ARG E 911 -48.67 -39.58 33.13
N GLY E 912 -49.16 -39.92 31.93
CA GLY E 912 -50.03 -41.08 31.74
C GLY E 912 -49.12 -42.25 31.47
N GLY E 913 -49.65 -43.47 31.41
CA GLY E 913 -48.79 -44.65 31.20
C GLY E 913 -48.25 -44.79 29.79
N PRO E 914 -47.78 -46.00 29.44
CA PRO E 914 -47.53 -46.33 28.04
C PRO E 914 -48.83 -46.37 27.23
N PHE E 915 -48.76 -46.01 25.95
CA PHE E 915 -49.94 -45.95 25.08
C PHE E 915 -50.56 -47.32 24.86
N LYS E 916 -51.88 -47.40 25.06
CA LYS E 916 -52.63 -48.67 25.02
C LYS E 916 -53.10 -49.07 23.62
N SER E 917 -53.41 -48.08 22.78
CA SER E 917 -53.87 -48.30 21.41
C SER E 917 -53.72 -47.01 20.60
N LEU E 918 -54.07 -47.07 19.31
CA LEU E 918 -54.04 -45.89 18.44
C LEU E 918 -55.04 -44.82 18.89
N GLY E 919 -56.24 -45.26 19.30
CA GLY E 919 -57.25 -44.36 19.83
C GLY E 919 -56.74 -43.67 21.09
N ASP E 920 -56.23 -44.46 22.02
CA ASP E 920 -55.65 -43.96 23.28
C ASP E 920 -54.58 -42.92 23.01
N PHE E 921 -53.83 -43.11 21.92
CA PHE E 921 -52.80 -42.18 21.49
C PHE E 921 -53.44 -40.87 21.02
N LEU E 922 -54.48 -40.97 20.21
CA LEU E 922 -55.09 -39.80 19.57
C LEU E 922 -55.89 -38.89 20.50
N LYS E 923 -56.52 -39.47 21.52
CA LYS E 923 -57.27 -38.68 22.51
C LYS E 923 -56.33 -38.05 23.55
N ARG E 924 -55.21 -38.72 23.84
CA ARG E 924 -54.23 -38.20 24.79
C ARG E 924 -53.45 -37.04 24.20
N LEU E 925 -53.17 -37.14 22.90
CA LEU E 925 -52.44 -36.12 22.18
C LEU E 925 -53.34 -35.49 21.12
N PRO E 926 -53.94 -34.34 21.43
CA PRO E 926 -54.86 -33.69 20.49
C PRO E 926 -54.16 -33.36 19.17
N GLU E 927 -54.97 -33.15 18.12
CA GLU E 927 -54.45 -32.78 16.80
C GLU E 927 -53.69 -31.45 16.85
N GLN E 928 -54.01 -30.63 17.85
CA GLN E 928 -53.31 -29.37 18.15
C GLN E 928 -51.80 -29.57 18.25
N VAL E 929 -51.40 -30.68 18.83
CA VAL E 929 -49.99 -30.95 19.16
C VAL E 929 -49.33 -31.84 18.10
N VAL E 930 -49.92 -33.01 17.87
CA VAL E 930 -49.43 -33.94 16.87
C VAL E 930 -50.40 -33.94 15.68
N ASN E 931 -50.17 -33.05 14.71
CA ASN E 931 -51.06 -32.89 13.56
C ASN E 931 -51.13 -34.13 12.64
N LYS E 932 -52.10 -34.16 11.73
CA LYS E 932 -52.31 -35.32 10.84
C LYS E 932 -51.07 -35.67 9.99
N ARG E 933 -50.40 -34.63 9.45
CA ARG E 933 -49.15 -34.82 8.73
C ARG E 933 -48.13 -35.54 9.62
N ALA E 934 -47.97 -35.06 10.85
CA ALA E 934 -47.05 -35.67 11.83
C ALA E 934 -47.40 -37.13 12.11
N LEU E 935 -48.66 -37.37 12.46
CA LEU E 935 -49.15 -38.72 12.70
C LEU E 935 -48.81 -39.68 11.56
N GLU E 936 -48.94 -39.22 10.33
CA GLU E 936 -48.69 -40.04 9.14
C GLU E 936 -47.26 -40.55 9.08
N SER E 937 -46.30 -39.64 9.23
CA SER E 937 -44.88 -40.00 9.24
C SER E 937 -44.62 -41.03 10.35
N LEU E 938 -45.14 -40.74 11.54
CA LEU E 938 -44.99 -41.56 12.73
C LEU E 938 -45.40 -43.03 12.49
N VAL E 939 -46.50 -43.23 11.77
CA VAL E 939 -46.93 -44.55 11.31
C VAL E 939 -45.89 -45.14 10.35
N LYS E 940 -45.54 -44.35 9.34
CA LYS E 940 -44.60 -44.77 8.28
C LYS E 940 -43.23 -45.14 8.81
N ALA E 941 -42.81 -44.49 9.88
CA ALA E 941 -41.53 -44.77 10.52
C ALA E 941 -41.52 -46.15 11.18
N GLY E 942 -42.68 -46.56 11.67
CA GLY E 942 -42.84 -47.79 12.43
C GLY E 942 -42.99 -47.52 13.91
N ALA E 943 -43.18 -46.25 14.25
CA ALA E 943 -43.27 -45.78 15.63
C ALA E 943 -44.53 -46.24 16.31
N LEU E 944 -45.52 -46.63 15.51
CA LEU E 944 -46.81 -47.03 16.03
C LEU E 944 -47.13 -48.49 15.68
N ASP E 945 -46.11 -49.21 15.20
CA ASP E 945 -46.27 -50.61 14.79
C ASP E 945 -46.79 -51.53 15.90
N ALA E 946 -46.65 -51.08 17.14
CA ALA E 946 -47.17 -51.80 18.30
C ALA E 946 -48.70 -51.85 18.31
N PHE E 947 -49.33 -51.24 17.31
CA PHE E 947 -50.78 -51.18 17.24
C PHE E 947 -51.40 -51.95 16.07
N GLY E 948 -50.56 -52.61 15.27
CA GLY E 948 -51.05 -53.45 14.16
C GLY E 948 -50.50 -53.11 12.79
N ASP E 949 -51.26 -53.49 11.75
CA ASP E 949 -50.88 -53.30 10.36
C ASP E 949 -50.80 -51.81 9.98
N ARG E 950 -49.72 -51.44 9.32
CA ARG E 950 -49.44 -50.05 8.98
C ARG E 950 -50.45 -49.43 8.01
N ALA E 951 -50.72 -50.12 6.90
CA ALA E 951 -51.68 -49.65 5.90
C ALA E 951 -53.03 -49.42 6.57
N ARG E 952 -53.33 -50.30 7.51
CA ARG E 952 -54.56 -50.27 8.28
C ARG E 952 -54.54 -49.06 9.24
N LEU E 953 -53.37 -48.78 9.82
CA LEU E 953 -53.20 -47.62 10.71
C LEU E 953 -53.35 -46.28 9.99
N LEU E 954 -52.78 -46.19 8.78
CA LEU E 954 -52.85 -44.98 7.95
C LEU E 954 -54.29 -44.64 7.56
N ALA E 955 -55.04 -45.66 7.16
CA ALA E 955 -56.44 -45.51 6.81
C ALA E 955 -57.29 -45.17 8.04
N SER E 956 -56.98 -45.81 9.15
CA SER E 956 -57.73 -45.62 10.41
C SER E 956 -57.63 -44.21 10.97
N LEU E 957 -56.67 -43.43 10.48
CA LEU E 957 -56.34 -42.13 11.05
C LEU E 957 -57.49 -41.10 11.11
N GLU E 958 -57.96 -40.65 9.94
CA GLU E 958 -58.96 -39.57 9.90
C GLU E 958 -60.28 -39.91 10.61
N PRO E 959 -60.77 -41.17 10.48
CA PRO E 959 -61.94 -41.58 11.27
C PRO E 959 -61.71 -41.47 12.78
N LEU E 960 -60.54 -41.90 13.25
CA LEU E 960 -60.22 -41.87 14.68
C LEU E 960 -59.89 -40.45 15.18
N LEU E 961 -59.43 -39.60 14.28
CA LEU E 961 -59.22 -38.19 14.59
C LEU E 961 -60.56 -37.49 14.81
N ARG E 962 -61.53 -37.77 13.93
CA ARG E 962 -62.90 -37.32 14.10
C ARG E 962 -63.46 -37.84 15.43
N TRP E 963 -63.24 -39.13 15.69
CA TRP E 963 -63.67 -39.78 16.93
C TRP E 963 -63.08 -39.08 18.15
N ALA E 964 -61.77 -38.88 18.15
CA ALA E 964 -61.05 -38.26 19.25
C ALA E 964 -61.50 -36.83 19.49
N ALA E 965 -61.69 -36.08 18.41
CA ALA E 965 -62.17 -34.70 18.51
C ALA E 965 -63.59 -34.66 19.09
N GLU E 966 -64.39 -35.68 18.77
CA GLU E 966 -65.76 -35.79 19.26
C GLU E 966 -65.86 -36.20 20.72
N THR E 967 -64.86 -36.93 21.21
CA THR E 967 -64.81 -37.35 22.60
C THR E 967 -64.69 -36.14 23.54
N ARG E 968 -63.80 -35.21 23.20
CA ARG E 968 -63.62 -33.98 23.97
C ARG E 968 -64.86 -33.10 23.96
N GLU E 969 -65.60 -33.12 22.84
CA GLU E 969 -66.86 -32.36 22.74
C GLU E 969 -67.86 -32.82 23.79
N ARG E 970 -67.99 -34.13 23.95
CA ARG E 970 -68.85 -34.72 24.99
C ARG E 970 -68.23 -34.49 26.37
N GLY E 971 -66.90 -34.57 26.43
CA GLY E 971 -66.15 -34.37 27.67
C GLY E 971 -66.25 -32.96 28.23
N ARG E 972 -66.15 -31.97 27.34
CA ARG E 972 -66.30 -30.56 27.72
C ARG E 972 -67.75 -30.12 27.61
N SER E 973 -68.67 -31.06 27.77
CA SER E 973 -70.10 -30.80 27.79
C SER E 973 -70.73 -31.61 28.92
N GLY E 974 -69.99 -31.74 30.02
CA GLY E 974 -70.37 -32.61 31.14
C GLY E 974 -69.99 -34.04 30.81
N LEU E 975 -70.92 -34.95 31.03
CA LEU E 975 -70.78 -36.39 30.70
C LEU E 975 -69.55 -37.07 31.33
N VAL E 976 -69.82 -38.01 32.23
CA VAL E 976 -68.82 -38.62 33.14
C VAL E 976 -67.67 -39.38 32.44
N GLY E 977 -67.88 -40.67 32.15
CA GLY E 977 -66.82 -41.53 31.58
C GLY E 977 -67.35 -42.64 30.69
N LEU E 978 -68.53 -43.16 31.03
CA LEU E 978 -69.25 -44.12 30.21
C LEU E 978 -70.17 -43.39 29.23
N PHE E 979 -70.72 -42.26 29.68
CA PHE E 979 -71.60 -41.41 28.88
C PHE E 979 -70.79 -40.52 27.92
N ALA E 980 -69.50 -40.38 28.20
CA ALA E 980 -68.61 -39.52 27.44
C ALA E 980 -67.66 -40.30 26.52
N GLU E 981 -67.81 -41.62 26.49
CA GLU E 981 -66.98 -42.47 25.61
C GLU E 981 -67.69 -43.71 25.07
N VAL E 982 -67.94 -43.70 23.75
CA VAL E 982 -68.28 -44.91 23.03
C VAL E 982 -66.94 -45.44 22.54
N GLU E 983 -66.28 -46.23 23.37
CA GLU E 983 -64.84 -46.50 23.22
C GLU E 983 -64.39 -46.93 21.83
N GLU E 984 -63.23 -46.39 21.44
CA GLU E 984 -62.63 -46.51 20.11
C GLU E 984 -63.03 -47.74 19.29
N PRO E 985 -63.52 -47.48 18.07
CA PRO E 985 -63.92 -48.52 17.14
C PRO E 985 -62.72 -49.38 16.76
N PRO E 986 -62.95 -50.56 16.15
CA PRO E 986 -61.82 -51.37 15.67
C PRO E 986 -60.98 -50.63 14.63
N LEU E 987 -59.88 -51.26 14.21
CA LEU E 987 -58.97 -50.68 13.23
C LEU E 987 -59.55 -50.81 11.81
N VAL E 988 -59.79 -49.67 11.16
CA VAL E 988 -60.36 -49.62 9.80
C VAL E 988 -59.54 -50.50 8.84
N GLU E 989 -60.20 -51.49 8.24
CA GLU E 989 -59.53 -52.52 7.47
C GLU E 989 -59.02 -52.10 6.09
N ALA E 990 -57.87 -52.68 5.71
CA ALA E 990 -57.24 -52.49 4.40
C ALA E 990 -56.18 -53.57 4.19
N SER E 991 -55.83 -53.82 2.93
CA SER E 991 -54.83 -54.83 2.55
C SER E 991 -53.41 -54.40 2.96
N PRO E 992 -52.59 -55.35 3.48
CA PRO E 992 -51.21 -55.07 3.89
C PRO E 992 -50.34 -54.47 2.78
N LEU E 993 -49.44 -53.57 3.16
CA LEU E 993 -48.50 -52.93 2.22
C LEU E 993 -47.49 -53.92 1.66
N ASP E 994 -47.15 -53.76 0.38
CA ASP E 994 -46.06 -54.55 -0.23
C ASP E 994 -44.70 -54.00 0.24
N GLU E 995 -43.65 -54.78 0.03
CA GLU E 995 -42.32 -54.40 0.50
C GLU E 995 -41.78 -53.11 -0.10
N ILE E 996 -41.87 -52.95 -1.42
CA ILE E 996 -41.41 -51.73 -2.10
C ILE E 996 -42.05 -50.48 -1.51
N THR E 997 -43.38 -50.48 -1.43
CA THR E 997 -44.12 -49.32 -0.93
C THR E 997 -43.90 -49.08 0.58
N MET E 998 -43.74 -50.17 1.34
CA MET E 998 -43.47 -50.06 2.78
C MET E 998 -42.09 -49.49 3.02
N LEU E 999 -41.10 -50.01 2.29
CA LEU E 999 -39.74 -49.51 2.36
C LEU E 999 -39.65 -48.07 1.88
N ARG E 1000 -40.44 -47.74 0.86
CA ARG E 1000 -40.53 -46.38 0.33
C ARG E 1000 -40.98 -45.38 1.41
N TYR E 1001 -42.01 -45.76 2.17
CA TYR E 1001 -42.54 -44.93 3.25
C TYR E 1001 -41.52 -44.72 4.36
N GLU E 1002 -40.84 -45.79 4.77
CA GLU E 1002 -39.80 -45.72 5.78
C GLU E 1002 -38.78 -44.62 5.48
N LYS E 1003 -38.25 -44.64 4.25
CA LYS E 1003 -37.25 -43.68 3.81
C LYS E 1003 -37.78 -42.25 3.87
N GLU E 1004 -39.00 -42.04 3.38
CA GLU E 1004 -39.66 -40.74 3.43
C GLU E 1004 -39.79 -40.23 4.88
N ALA E 1005 -39.95 -41.16 5.81
CA ALA E 1005 -40.22 -40.83 7.21
C ALA E 1005 -38.95 -40.78 8.05
N LEU E 1006 -37.92 -41.49 7.62
CA LEU E 1006 -36.69 -41.57 8.41
C LEU E 1006 -35.42 -41.16 7.66
N GLY E 1007 -35.55 -40.85 6.38
CA GLY E 1007 -34.40 -40.48 5.56
C GLY E 1007 -33.69 -41.70 5.01
N ILE E 1008 -33.71 -42.78 5.77
CA ILE E 1008 -33.01 -44.01 5.43
C ILE E 1008 -33.98 -45.19 5.46
N TYR E 1009 -33.59 -46.31 4.86
CA TYR E 1009 -34.34 -47.55 5.01
C TYR E 1009 -33.90 -48.28 6.28
N VAL E 1010 -34.86 -48.82 7.03
CA VAL E 1010 -34.58 -49.66 8.19
C VAL E 1010 -35.26 -51.00 7.92
N SER E 1011 -34.53 -52.09 8.11
CA SER E 1011 -35.05 -53.44 7.83
C SER E 1011 -35.44 -53.64 6.35
N GLY E 1012 -34.45 -53.93 5.52
CA GLY E 1012 -34.68 -54.55 4.24
C GLY E 1012 -34.73 -53.55 3.10
N HIS E 1013 -35.54 -53.85 2.08
CA HIS E 1013 -35.58 -55.20 1.52
C HIS E 1013 -36.29 -55.20 0.17
N PRO E 1014 -37.07 -54.16 -0.09
CA PRO E 1014 -37.31 -53.70 -1.46
C PRO E 1014 -36.76 -54.68 -2.49
N VAL E 1015 -35.45 -54.81 -2.56
CA VAL E 1015 -34.80 -55.57 -3.62
C VAL E 1015 -35.09 -57.06 -3.50
N LEU E 1016 -35.31 -57.51 -2.27
CA LEU E 1016 -35.49 -58.94 -1.99
C LEU E 1016 -36.88 -59.40 -2.39
N ARG E 1017 -37.67 -58.48 -2.95
CA ARG E 1017 -39.05 -58.78 -3.31
C ARG E 1017 -39.16 -59.36 -4.71
N TYR E 1018 -38.46 -58.74 -5.66
CA TYR E 1018 -38.21 -59.36 -6.96
C TYR E 1018 -36.78 -59.89 -7.05
N PRO E 1019 -36.63 -61.21 -6.96
CA PRO E 1019 -35.32 -61.84 -7.03
C PRO E 1019 -34.77 -61.93 -8.46
N GLY E 1020 -35.56 -61.46 -9.42
CA GLY E 1020 -35.12 -61.40 -10.82
C GLY E 1020 -33.77 -60.71 -10.98
N LEU E 1021 -33.61 -59.57 -10.30
CA LEU E 1021 -32.36 -58.80 -10.36
C LEU E 1021 -31.22 -59.47 -9.60
N ARG E 1022 -31.52 -59.98 -8.42
CA ARG E 1022 -30.56 -60.70 -7.58
C ARG E 1022 -29.76 -61.73 -8.38
N GLU E 1023 -30.48 -62.47 -9.24
CA GLU E 1023 -29.94 -63.62 -9.98
C GLU E 1023 -29.01 -63.22 -11.12
N VAL E 1024 -29.26 -62.06 -11.72
CA VAL E 1024 -28.46 -61.57 -12.84
C VAL E 1024 -27.18 -60.92 -12.35
N ALA E 1025 -27.27 -60.17 -11.26
CA ALA E 1025 -26.12 -59.49 -10.69
C ALA E 1025 -25.05 -60.50 -10.25
N SER E 1026 -23.87 -59.99 -9.91
CA SER E 1026 -22.65 -60.78 -9.95
C SER E 1026 -21.97 -60.83 -8.60
N CYS E 1027 -22.65 -60.31 -7.58
CA CYS E 1027 -22.18 -60.43 -6.20
C CYS E 1027 -23.08 -59.66 -5.24
N THR E 1028 -22.63 -59.52 -4.00
CA THR E 1028 -23.15 -58.50 -3.10
C THR E 1028 -22.09 -57.49 -2.72
N ILE E 1029 -22.27 -56.24 -3.13
CA ILE E 1029 -21.41 -55.14 -2.71
C ILE E 1029 -20.48 -55.59 -1.59
N GLU E 1030 -21.04 -56.21 -0.57
CA GLU E 1030 -20.25 -56.89 0.46
C GLU E 1030 -19.25 -57.87 -0.15
N GLU E 1031 -19.72 -58.73 -1.05
CA GLU E 1031 -18.92 -59.82 -1.60
C GLU E 1031 -17.80 -59.40 -2.56
N LEU E 1032 -17.79 -58.14 -2.99
CA LEU E 1032 -16.81 -57.65 -3.99
C LEU E 1032 -15.36 -58.01 -3.73
N SER E 1033 -14.83 -57.52 -2.61
CA SER E 1033 -13.44 -57.78 -2.23
C SER E 1033 -13.14 -59.28 -2.19
N GLU E 1034 -13.98 -60.02 -1.48
CA GLU E 1034 -13.86 -61.48 -1.35
C GLU E 1034 -13.93 -62.21 -2.69
N PHE E 1035 -14.83 -61.77 -3.58
CA PHE E 1035 -15.04 -62.41 -4.88
C PHE E 1035 -13.94 -62.07 -5.90
N VAL E 1036 -13.55 -60.80 -5.94
CA VAL E 1036 -12.61 -60.30 -6.96
C VAL E 1036 -11.15 -60.75 -6.75
N ARG E 1037 -10.64 -60.58 -5.52
CA ARG E 1037 -9.24 -60.93 -5.21
C ARG E 1037 -8.71 -62.08 -6.06
N GLU E 1038 -9.39 -63.23 -5.97
CA GLU E 1038 -9.04 -64.40 -6.76
C GLU E 1038 -9.79 -64.36 -8.09
N LEU E 1039 -9.11 -63.87 -9.13
CA LEU E 1039 -9.65 -63.76 -10.48
C LEU E 1039 -8.46 -63.43 -11.42
N PRO E 1040 -8.66 -62.64 -12.49
CA PRO E 1040 -7.43 -62.19 -13.16
C PRO E 1040 -6.93 -60.85 -12.60
N GLY E 1041 -5.91 -60.29 -13.24
CA GLY E 1041 -5.36 -58.99 -12.86
C GLY E 1041 -6.23 -57.82 -13.30
N LYS E 1042 -6.77 -57.10 -12.31
CA LYS E 1042 -7.66 -55.94 -12.51
C LYS E 1042 -8.87 -56.26 -13.40
N PRO E 1043 -9.88 -56.95 -12.81
CA PRO E 1043 -11.02 -57.46 -13.56
C PRO E 1043 -12.14 -56.44 -13.79
N LYS E 1044 -13.10 -56.83 -14.63
CA LYS E 1044 -14.32 -56.08 -14.85
C LYS E 1044 -15.46 -56.84 -14.18
N VAL E 1045 -16.51 -56.13 -13.79
CA VAL E 1045 -17.61 -56.71 -13.01
C VAL E 1045 -18.91 -55.91 -13.16
N LEU E 1046 -20.05 -56.58 -12.97
CA LEU E 1046 -21.33 -55.88 -12.97
C LEU E 1046 -22.03 -55.88 -11.62
N LEU E 1047 -22.29 -54.68 -11.11
CA LEU E 1047 -22.96 -54.48 -9.82
C LEU E 1047 -24.24 -53.69 -10.00
N SER E 1048 -25.26 -54.03 -9.21
CA SER E 1048 -26.53 -53.31 -9.26
C SER E 1048 -26.95 -52.89 -7.88
N GLY E 1049 -27.36 -51.62 -7.76
CA GLY E 1049 -27.81 -51.05 -6.50
C GLY E 1049 -28.57 -49.75 -6.70
N MET E 1050 -28.41 -48.83 -5.75
CA MET E 1050 -29.08 -47.52 -5.78
C MET E 1050 -28.08 -46.37 -5.90
N VAL E 1051 -28.50 -45.26 -6.51
CA VAL E 1051 -27.61 -44.11 -6.70
C VAL E 1051 -27.89 -43.04 -5.66
N GLU E 1052 -26.83 -42.41 -5.16
CA GLU E 1052 -26.92 -41.44 -4.05
C GLU E 1052 -25.98 -40.22 -4.13
N GLU E 1053 -25.67 -39.77 -5.35
CA GLU E 1053 -24.78 -38.62 -5.52
C GLU E 1053 -25.12 -37.71 -6.71
N VAL E 1054 -24.98 -36.40 -6.48
CA VAL E 1054 -25.21 -35.38 -7.51
C VAL E 1054 -24.22 -35.52 -8.66
N ARG E 1067 -18.24 -39.40 -9.27
CA ARG E 1067 -18.18 -39.99 -7.93
C ARG E 1067 -19.56 -40.24 -7.33
N PHE E 1068 -20.40 -40.97 -8.06
CA PHE E 1068 -21.71 -41.36 -7.54
C PHE E 1068 -21.56 -42.56 -6.61
N THR E 1069 -22.43 -42.66 -5.59
CA THR E 1069 -22.37 -43.77 -4.64
C THR E 1069 -23.47 -44.82 -4.90
N LEU E 1070 -23.06 -46.08 -5.02
CA LEU E 1070 -23.99 -47.19 -5.27
C LEU E 1070 -24.18 -48.04 -4.02
N SER E 1071 -25.43 -48.37 -3.71
CA SER E 1071 -25.76 -49.09 -2.47
C SER E 1071 -26.68 -50.32 -2.62
N ASP E 1072 -26.24 -51.43 -2.01
CA ASP E 1072 -27.02 -52.65 -1.88
C ASP E 1072 -27.70 -52.67 -0.52
N GLU E 1073 -28.39 -53.76 -0.23
CA GLU E 1073 -28.89 -54.01 1.12
C GLU E 1073 -27.71 -54.49 1.98
N THR E 1074 -26.51 -54.43 1.40
CA THR E 1074 -25.31 -55.01 1.98
C THR E 1074 -24.14 -54.01 2.13
N GLY E 1075 -24.30 -52.79 1.59
CA GLY E 1075 -23.25 -51.77 1.70
C GLY E 1075 -23.27 -50.73 0.59
N ALA E 1076 -22.24 -49.89 0.57
CA ALA E 1076 -22.13 -48.83 -0.44
C ALA E 1076 -20.73 -48.80 -1.06
N LEU E 1077 -20.58 -48.02 -2.13
CA LEU E 1077 -19.30 -47.91 -2.84
C LEU E 1077 -19.11 -46.56 -3.50
N GLU E 1078 -17.87 -46.09 -3.52
CA GLU E 1078 -17.47 -45.00 -4.40
C GLU E 1078 -17.30 -45.58 -5.81
N VAL E 1079 -17.88 -44.92 -6.81
CA VAL E 1079 -17.77 -45.38 -8.20
C VAL E 1079 -17.87 -44.24 -9.20
N VAL E 1080 -16.88 -44.15 -10.09
CA VAL E 1080 -16.81 -43.07 -11.10
C VAL E 1080 -16.75 -43.66 -12.51
N LYS E 1094 -30.61 -39.06 -11.04
CA LYS E 1094 -29.80 -38.82 -9.86
C LYS E 1094 -30.17 -39.77 -8.71
N GLU E 1095 -30.52 -39.22 -7.55
CA GLU E 1095 -30.80 -40.03 -6.36
C GLU E 1095 -32.08 -40.85 -6.44
N ASP E 1096 -32.12 -41.95 -5.67
CA ASP E 1096 -33.24 -42.91 -5.66
C ASP E 1096 -33.68 -43.40 -7.05
N ILE E 1097 -32.69 -43.72 -7.88
CA ILE E 1097 -32.90 -44.40 -9.15
C ILE E 1097 -31.96 -45.60 -9.20
N PRO E 1098 -32.51 -46.82 -9.42
CA PRO E 1098 -31.70 -48.03 -9.51
C PRO E 1098 -30.91 -48.12 -10.81
N LEU E 1099 -29.70 -48.70 -10.74
CA LEU E 1099 -28.84 -48.89 -11.90
C LEU E 1099 -28.08 -50.20 -11.86
N LEU E 1100 -27.85 -50.79 -13.03
CA LEU E 1100 -26.88 -51.86 -13.18
C LEU E 1100 -25.63 -51.17 -13.70
N VAL E 1101 -24.46 -51.61 -13.24
CA VAL E 1101 -23.20 -50.95 -13.60
C VAL E 1101 -22.12 -51.96 -14.00
N LEU E 1102 -21.51 -51.74 -15.17
CA LEU E 1102 -20.30 -52.47 -15.58
C LEU E 1102 -19.06 -51.64 -15.27
N ALA E 1103 -18.15 -52.19 -14.47
CA ALA E 1103 -17.03 -51.42 -13.96
C ALA E 1103 -15.75 -52.23 -13.73
N GLU E 1104 -14.61 -51.54 -13.79
CA GLU E 1104 -13.31 -52.16 -13.47
C GLU E 1104 -12.89 -52.00 -12.01
N VAL E 1105 -12.30 -53.05 -11.47
CA VAL E 1105 -11.94 -53.10 -10.05
C VAL E 1105 -10.43 -53.32 -9.86
N GLU E 1106 -9.86 -52.62 -8.87
CA GLU E 1106 -8.45 -52.76 -8.52
C GLU E 1106 -8.25 -53.13 -7.06
N ARG E 1112 -10.87 -49.86 -5.12
CA ARG E 1112 -11.62 -48.83 -5.85
C ARG E 1112 -12.28 -49.39 -7.12
N VAL E 1113 -13.36 -48.73 -7.58
CA VAL E 1113 -14.16 -49.19 -8.71
C VAL E 1113 -14.39 -48.07 -9.73
N LEU E 1114 -14.10 -48.36 -11.01
CA LEU E 1114 -14.25 -47.37 -12.08
C LEU E 1114 -15.29 -47.81 -13.12
N ALA E 1115 -16.39 -47.06 -13.20
CA ALA E 1115 -17.50 -47.37 -14.10
C ALA E 1115 -17.14 -47.24 -15.57
N GLN E 1116 -17.67 -48.16 -16.38
CA GLN E 1116 -17.44 -48.16 -17.84
C GLN E 1116 -18.74 -48.14 -18.64
N ALA E 1117 -19.80 -48.72 -18.07
CA ALA E 1117 -21.12 -48.76 -18.70
C ALA E 1117 -22.23 -48.79 -17.64
N VAL E 1118 -23.40 -48.29 -18.01
CA VAL E 1118 -24.54 -48.24 -17.09
C VAL E 1118 -25.86 -48.51 -17.80
N TRP E 1119 -26.94 -48.54 -17.04
CA TRP E 1119 -28.24 -48.90 -17.57
C TRP E 1119 -29.36 -48.56 -16.60
N THR E 1120 -30.56 -49.08 -16.85
CA THR E 1120 -31.78 -48.50 -16.30
C THR E 1120 -32.82 -49.58 -16.05
N LEU E 1121 -34.03 -49.16 -15.72
CA LEU E 1121 -34.92 -49.93 -14.85
C LEU E 1121 -35.84 -50.84 -15.66
N GLU E 1122 -37.07 -50.41 -15.85
CA GLU E 1122 -37.98 -51.09 -16.77
C GLU E 1122 -37.24 -51.71 -17.95
N GLU E 1123 -36.12 -51.10 -18.32
CA GLU E 1123 -35.24 -51.64 -19.36
C GLU E 1123 -34.58 -52.95 -18.94
N VAL E 1124 -34.06 -52.97 -17.70
CA VAL E 1124 -33.42 -54.16 -17.12
C VAL E 1124 -34.42 -55.32 -16.95
N LEU E 1125 -35.63 -54.99 -16.49
CA LEU E 1125 -36.69 -55.99 -16.31
C LEU E 1125 -37.31 -56.48 -17.63
N GLU E 1126 -36.73 -56.02 -18.74
CA GLU E 1126 -37.14 -56.43 -20.08
C GLU E 1126 -36.12 -57.34 -20.77
N ALA E 1127 -34.84 -57.05 -20.58
CA ALA E 1127 -33.76 -57.89 -21.10
C ALA E 1127 -33.91 -59.32 -20.57
N PRO E 1128 -33.20 -60.70 -19.97
CA PRO E 1128 -33.34 -62.12 -19.62
C PRO E 1128 -32.00 -62.80 -19.39
N LYS E 1129 -31.86 -64.02 -19.87
CA LYS E 1129 -31.85 -65.19 -19.00
C LYS E 1129 -30.81 -66.21 -19.46
N ALA E 1130 -30.70 -67.30 -18.71
CA ALA E 1130 -30.06 -68.52 -19.20
C ALA E 1130 -29.33 -69.26 -18.09
N LEU E 1131 -29.31 -70.59 -18.18
CA LEU E 1131 -29.46 -71.43 -17.00
C LEU E 1131 -28.27 -71.29 -16.07
N GLU E 1132 -28.57 -71.05 -14.81
CA GLU E 1132 -27.55 -70.96 -13.78
C GLU E 1132 -27.82 -72.04 -12.73
N VAL E 1133 -26.81 -72.88 -12.51
CA VAL E 1133 -26.88 -73.89 -11.46
C VAL E 1133 -26.08 -73.33 -10.30
N GLU E 1134 -26.49 -73.65 -9.07
CA GLU E 1134 -25.76 -73.20 -7.89
C GLU E 1134 -25.19 -74.40 -7.12
N VAL E 1135 -23.87 -74.50 -7.15
CA VAL E 1135 -23.16 -75.66 -6.61
C VAL E 1135 -22.40 -75.27 -5.36
N ASP E 1136 -22.36 -76.17 -4.39
CA ASP E 1136 -21.61 -75.97 -3.16
C ASP E 1136 -20.14 -76.35 -3.36
N HIS E 1137 -19.31 -76.07 -2.34
CA HIS E 1137 -17.91 -76.50 -2.34
C HIS E 1137 -17.81 -78.01 -2.16
N ALA E 1138 -18.81 -78.57 -1.47
CA ALA E 1138 -18.93 -80.03 -1.31
C ALA E 1138 -19.50 -80.64 -2.58
N LEU E 1139 -18.61 -80.92 -3.54
CA LEU E 1139 -18.95 -81.61 -4.79
C LEU E 1139 -17.87 -82.65 -5.10
N LEU E 1140 -18.31 -83.87 -5.44
CA LEU E 1140 -17.38 -84.97 -5.73
C LEU E 1140 -16.65 -84.79 -7.06
N ASP E 1141 -15.63 -85.61 -7.27
CA ASP E 1141 -14.97 -85.72 -8.56
C ASP E 1141 -15.96 -86.30 -9.58
N GLU E 1142 -16.74 -87.27 -9.11
CA GLU E 1142 -17.74 -87.97 -9.94
C GLU E 1142 -19.06 -87.20 -10.02
N LYS E 1143 -18.95 -85.88 -10.15
CA LYS E 1143 -20.10 -85.00 -10.31
C LYS E 1143 -19.78 -83.89 -11.31
N GLY E 1144 -18.64 -83.25 -11.11
CA GLY E 1144 -18.16 -82.22 -12.02
C GLY E 1144 -17.65 -82.81 -13.31
N ALA E 1146 -18.53 -86.16 -13.47
CA ALA E 1146 -19.21 -85.84 -14.73
C ALA E 1146 -20.73 -86.05 -14.65
N ARG E 1147 -21.26 -86.08 -13.43
CA ARG E 1147 -22.71 -86.17 -13.17
C ARG E 1147 -23.42 -85.00 -13.81
N LEU E 1148 -23.10 -83.81 -13.31
CA LEU E 1148 -23.65 -82.56 -13.83
C LEU E 1148 -23.26 -82.38 -15.29
N LYS E 1149 -22.01 -82.74 -15.61
CA LYS E 1149 -21.50 -82.58 -16.96
C LYS E 1149 -22.25 -83.37 -18.02
N SER E 1150 -22.72 -84.57 -17.67
CA SER E 1150 -23.47 -85.41 -18.61
C SER E 1150 -24.94 -85.00 -18.69
N LEU E 1151 -25.49 -84.58 -17.55
CA LEU E 1151 -26.87 -84.09 -17.48
C LEU E 1151 -27.10 -83.00 -18.50
N LEU E 1152 -26.15 -82.07 -18.58
CA LEU E 1152 -26.19 -80.96 -19.53
C LEU E 1152 -25.80 -81.41 -20.93
N ASP E 1153 -24.90 -82.37 -21.03
CA ASP E 1153 -24.46 -82.91 -22.32
C ASP E 1153 -25.62 -83.48 -23.14
N GLU E 1154 -26.63 -83.99 -22.44
CA GLU E 1154 -27.76 -84.67 -23.08
C GLU E 1154 -28.91 -83.74 -23.51
N HIS E 1155 -28.79 -82.45 -23.22
CA HIS E 1155 -29.84 -81.49 -23.61
C HIS E 1155 -29.30 -80.24 -24.30
N PRO E 1156 -28.81 -80.39 -25.55
CA PRO E 1156 -28.24 -79.26 -26.28
C PRO E 1156 -29.26 -78.19 -26.67
N GLY E 1157 -28.73 -77.02 -27.05
CA GLY E 1157 -29.53 -75.85 -27.43
C GLY E 1157 -28.63 -74.64 -27.64
N SER E 1158 -28.96 -73.54 -26.99
CA SER E 1158 -28.16 -72.31 -27.10
C SER E 1158 -28.23 -71.36 -25.90
N LEU E 1159 -28.57 -71.89 -24.71
CA LEU E 1159 -28.44 -71.12 -23.48
C LEU E 1159 -27.09 -71.40 -22.85
N PRO E 1160 -26.33 -70.35 -22.52
CA PRO E 1160 -25.09 -70.56 -21.78
C PRO E 1160 -25.39 -71.09 -20.38
N VAL E 1161 -24.46 -71.86 -19.82
CA VAL E 1161 -24.62 -72.39 -18.47
C VAL E 1161 -23.63 -71.73 -17.54
N TYR E 1162 -24.15 -71.15 -16.46
CA TYR E 1162 -23.34 -70.48 -15.46
C TYR E 1162 -23.32 -71.32 -14.19
N LEU E 1163 -22.27 -71.16 -13.40
CA LEU E 1163 -22.17 -71.85 -12.13
C LEU E 1163 -21.75 -70.91 -11.01
N ARG E 1164 -22.54 -70.88 -9.93
CA ARG E 1164 -22.18 -70.18 -8.72
C ARG E 1164 -21.50 -71.19 -7.79
N VAL E 1165 -20.19 -71.05 -7.63
CA VAL E 1165 -19.44 -71.94 -6.77
C VAL E 1165 -19.13 -71.24 -5.43
N LEU E 1166 -19.98 -71.49 -4.44
CA LEU E 1166 -19.77 -70.97 -3.09
C LEU E 1166 -18.47 -71.55 -2.50
N GLY E 1167 -17.38 -70.83 -2.70
CA GLY E 1167 -16.04 -71.25 -2.27
C GLY E 1167 -15.77 -71.03 -0.79
N PRO E 1168 -14.55 -71.35 -0.34
CA PRO E 1168 -14.19 -71.23 1.08
C PRO E 1168 -14.16 -69.76 1.52
N PHE E 1169 -13.61 -68.91 0.65
CA PHE E 1169 -13.54 -67.46 0.89
C PHE E 1169 -13.80 -66.70 -0.40
N GLY E 1170 -15.09 -66.46 -0.67
CA GLY E 1170 -15.51 -65.80 -1.91
C GLY E 1170 -16.38 -66.68 -2.78
N GLU E 1171 -17.20 -66.03 -3.60
CA GLU E 1171 -18.17 -66.71 -4.44
C GLU E 1171 -17.82 -66.51 -5.92
N ALA E 1172 -17.26 -67.54 -6.54
CA ALA E 1172 -16.82 -67.49 -7.94
C ALA E 1172 -17.97 -67.68 -8.93
N LEU E 1173 -17.79 -67.14 -10.14
CA LEU E 1173 -18.79 -67.24 -11.20
C LEU E 1173 -18.23 -67.86 -12.46
N PHE E 1174 -18.25 -69.19 -12.53
CA PHE E 1174 -17.75 -69.92 -13.69
C PHE E 1174 -18.84 -70.17 -14.73
N ALA E 1175 -18.78 -69.42 -15.83
CA ALA E 1175 -19.60 -69.73 -17.00
C ALA E 1175 -18.96 -70.94 -17.65
N LEU E 1176 -19.79 -71.85 -18.15
CA LEU E 1176 -19.34 -73.21 -18.49
C LEU E 1176 -18.20 -73.29 -19.51
N ARG E 1177 -18.54 -73.60 -20.76
CA ARG E 1177 -17.54 -73.80 -21.81
C ARG E 1177 -18.16 -73.99 -23.18
N GLU E 1178 -18.25 -75.25 -23.58
CA GLU E 1178 -18.75 -75.68 -24.88
C GLU E 1178 -20.26 -75.91 -24.80
N VAL E 1179 -20.68 -76.57 -23.73
CA VAL E 1179 -22.08 -76.96 -23.53
C VAL E 1179 -23.03 -75.78 -23.55
N ARG E 1180 -24.11 -75.93 -24.32
CA ARG E 1180 -25.17 -74.94 -24.41
C ARG E 1180 -26.52 -75.65 -24.28
N VAL E 1181 -27.15 -75.48 -23.14
CA VAL E 1181 -28.40 -76.17 -22.82
C VAL E 1181 -29.61 -75.60 -23.57
N GLY E 1182 -30.65 -76.41 -23.75
CA GLY E 1182 -31.84 -75.98 -24.49
C GLY E 1182 -33.10 -75.71 -23.69
N GLU E 1183 -32.95 -75.09 -22.53
CA GLU E 1183 -34.09 -74.67 -21.68
C GLU E 1183 -34.74 -75.77 -20.83
N GLU E 1184 -35.19 -76.84 -21.48
CA GLU E 1184 -35.87 -77.97 -20.81
C GLU E 1184 -35.08 -78.50 -19.62
N ALA E 1185 -33.77 -78.29 -19.67
CA ALA E 1185 -32.85 -78.83 -18.67
C ALA E 1185 -33.08 -78.32 -17.23
N LEU E 1186 -33.74 -77.17 -17.07
CA LEU E 1186 -33.99 -76.60 -15.74
C LEU E 1186 -34.82 -77.55 -14.87
N GLY E 1187 -35.96 -77.96 -15.38
CA GLY E 1187 -36.86 -78.89 -14.69
C GLY E 1187 -36.19 -80.21 -14.38
N LEU E 1188 -35.46 -80.73 -15.36
CA LEU E 1188 -34.76 -82.02 -15.20
C LEU E 1188 -33.50 -81.92 -14.34
N LEU E 1189 -33.02 -80.69 -14.14
CA LEU E 1189 -31.85 -80.44 -13.30
C LEU E 1189 -32.25 -80.22 -11.85
N GLU E 1190 -33.37 -79.53 -11.64
CA GLU E 1190 -33.96 -79.39 -10.31
C GLU E 1190 -34.54 -80.73 -9.84
N ALA E 1191 -34.44 -81.73 -10.71
CA ALA E 1191 -34.83 -83.11 -10.40
C ALA E 1191 -33.65 -83.91 -9.83
N GLU E 1192 -32.79 -83.20 -9.11
CA GLU E 1192 -31.66 -83.76 -8.38
C GLU E 1192 -31.20 -82.74 -7.35
N GLY E 1193 -30.21 -83.09 -6.55
CA GLY E 1193 -29.72 -82.23 -5.46
C GLY E 1193 -29.18 -80.86 -5.86
N TYR E 1194 -29.50 -80.40 -7.07
CA TYR E 1194 -29.02 -79.11 -7.59
C TYR E 1194 -30.11 -78.04 -7.66
N ARG E 1195 -29.81 -76.86 -7.10
CA ARG E 1195 -30.67 -75.68 -7.20
C ARG E 1195 -30.33 -74.88 -8.45
N ALA E 1196 -31.36 -74.48 -9.20
CA ALA E 1196 -31.15 -73.79 -10.48
C ALA E 1196 -32.19 -72.72 -10.79
N TYR E 1197 -31.80 -71.79 -11.64
CA TYR E 1197 -32.64 -70.66 -12.03
C TYR E 1197 -32.43 -70.30 -13.49
N LEU E 1198 -33.47 -69.78 -14.13
CA LEU E 1198 -33.35 -69.23 -15.46
C LEU E 1198 -33.08 -67.73 -15.33
N VAL E 1199 -31.81 -67.37 -15.35
CA VAL E 1199 -31.38 -65.98 -15.17
C VAL E 1199 -31.13 -65.30 -16.52
N PRO E 1200 -31.32 -63.97 -16.60
CA PRO E 1200 -30.98 -63.26 -17.84
C PRO E 1200 -29.51 -63.40 -18.20
N ASP E 1201 -29.23 -63.47 -19.50
CA ASP E 1201 -27.86 -63.68 -19.98
C ASP E 1201 -26.96 -62.47 -19.74
N ARG E 1202 -25.86 -62.73 -19.05
CA ARG E 1202 -24.90 -61.72 -18.64
C ARG E 1202 -24.19 -61.06 -19.82
N GLU E 1203 -24.03 -61.81 -20.92
CA GLU E 1203 -23.30 -61.36 -22.12
C GLU E 1203 -23.82 -60.03 -22.68
N VAL E 1204 -25.12 -59.99 -22.94
CA VAL E 1204 -25.79 -58.84 -23.59
C VAL E 1204 -25.36 -57.46 -23.07
N PHE E 1205 -25.00 -57.40 -21.79
CA PHE E 1205 -24.80 -56.12 -21.12
C PHE E 1205 -23.33 -55.74 -21.09
N LEU F 5 -7.63 10.45 34.51
CA LEU F 5 -6.66 11.57 34.40
C LEU F 5 -5.98 11.64 33.04
N LYS F 6 -6.29 12.68 32.26
CA LYS F 6 -5.65 12.89 30.97
C LYS F 6 -4.92 14.23 30.92
N PHE F 7 -4.28 14.52 29.79
CA PHE F 7 -3.50 15.75 29.63
C PHE F 7 -3.20 16.02 28.16
N ALA F 8 -3.23 17.30 27.78
CA ALA F 8 -2.94 17.72 26.41
C ALA F 8 -1.88 18.83 26.39
N HIS F 9 -0.72 18.49 25.84
CA HIS F 9 0.38 19.46 25.74
C HIS F 9 0.01 20.65 24.86
N LEU F 10 0.16 21.85 25.44
CA LEU F 10 -0.20 23.09 24.75
C LEU F 10 1.01 23.99 24.47
N HIS F 11 2.15 23.64 25.05
CA HIS F 11 3.41 24.32 24.78
C HIS F 11 4.41 23.26 24.36
N GLN F 12 4.45 23.00 23.07
CA GLN F 12 5.33 22.00 22.50
C GLN F 12 6.12 22.57 21.32
N HIS F 13 7.43 22.34 21.31
CA HIS F 13 8.28 22.79 20.23
C HIS F 13 8.54 21.66 19.27
N THR F 14 8.64 22.00 17.99
CA THR F 14 8.87 20.99 16.96
C THR F 14 10.21 21.23 16.27
N GLN F 15 10.45 20.46 15.21
CA GLN F 15 11.63 20.64 14.38
C GLN F 15 11.69 22.03 13.77
N PHE F 16 10.61 22.79 13.94
CA PHE F 16 10.50 24.09 13.28
C PHE F 16 10.98 25.27 14.13
N SER F 17 11.22 25.02 15.40
CA SER F 17 12.04 25.91 16.21
C SER F 17 13.50 25.57 15.83
N LEU F 18 13.94 26.13 14.71
CA LEU F 18 15.16 25.71 14.03
C LEU F 18 16.44 25.66 14.87
N LEU F 19 16.53 26.47 15.91
CA LEU F 19 17.75 26.51 16.71
C LEU F 19 17.78 25.47 17.82
N ASN F 20 16.66 25.26 18.51
CA ASN F 20 16.63 24.34 19.67
C ASN F 20 15.57 23.24 19.64
N GLY F 21 14.76 23.21 18.58
CA GLY F 21 13.71 22.19 18.44
C GLY F 21 14.21 20.86 17.88
N ALA F 22 13.89 19.76 18.57
CA ALA F 22 14.39 18.45 18.17
C ALA F 22 13.28 17.43 17.92
N ALA F 23 12.03 17.82 18.16
CA ALA F 23 10.90 16.91 17.98
C ALA F 23 10.43 16.87 16.52
N LYS F 24 10.67 15.73 15.87
CA LYS F 24 10.22 15.53 14.50
C LYS F 24 8.69 15.41 14.45
N LEU F 25 8.08 15.99 13.43
CA LEU F 25 6.63 16.15 13.34
C LEU F 25 5.88 14.83 13.37
N GLN F 26 6.47 13.80 12.76
CA GLN F 26 5.84 12.49 12.66
C GLN F 26 5.83 11.70 13.98
N ASP F 27 7.01 11.33 14.48
CA ASP F 27 7.07 10.51 15.71
C ASP F 27 6.55 11.21 16.96
N LEU F 28 6.48 12.55 16.90
CA LEU F 28 5.87 13.34 17.96
C LEU F 28 4.36 13.12 17.98
N LEU F 29 3.74 13.15 16.81
CA LEU F 29 2.30 12.94 16.69
C LEU F 29 1.83 11.52 17.01
N LYS F 30 2.68 10.53 16.79
CA LYS F 30 2.31 9.17 17.19
C LYS F 30 2.48 8.96 18.70
N TRP F 31 3.46 9.63 19.28
CA TRP F 31 3.71 9.52 20.73
C TRP F 31 2.58 10.15 21.53
N VAL F 32 2.01 11.23 21.00
CA VAL F 32 0.83 11.84 21.60
C VAL F 32 -0.37 10.91 21.44
N LYS F 33 -0.48 10.30 20.26
CA LYS F 33 -1.57 9.37 19.94
C LYS F 33 -1.54 8.09 20.77
N GLU F 34 -0.34 7.54 20.95
CA GLU F 34 -0.16 6.29 21.69
C GLU F 34 -0.30 6.48 23.21
N THR F 35 0.00 7.67 23.69
CA THR F 35 -0.16 8.00 25.10
C THR F 35 -1.63 8.24 25.43
N THR F 36 -2.26 9.20 24.74
CA THR F 36 -3.67 9.51 24.94
C THR F 36 -4.48 9.12 23.69
N PRO F 37 -5.11 7.93 23.70
CA PRO F 37 -5.96 7.53 22.58
C PRO F 37 -7.26 8.35 22.50
N GLU F 38 -7.75 8.81 23.65
CA GLU F 38 -9.00 9.56 23.73
C GLU F 38 -8.82 11.03 23.36
N ASP F 39 -9.52 11.46 22.32
CA ASP F 39 -9.55 12.86 21.86
C ASP F 39 -8.20 13.59 21.91
N PRO F 40 -7.15 13.02 21.29
CA PRO F 40 -5.81 13.54 21.49
C PRO F 40 -5.64 14.92 20.88
N ALA F 41 -4.92 15.80 21.58
CA ALA F 41 -4.66 17.14 21.07
C ALA F 41 -3.21 17.54 21.30
N LEU F 42 -2.69 18.35 20.38
CA LEU F 42 -1.34 18.90 20.50
C LEU F 42 -1.28 20.28 19.88
N ALA F 43 -0.62 21.20 20.59
CA ALA F 43 -0.39 22.54 20.08
C ALA F 43 1.05 22.68 19.60
N MET F 44 1.18 23.20 18.39
CA MET F 44 2.47 23.54 17.84
C MET F 44 2.76 24.99 18.24
N THR F 45 3.66 25.18 19.22
CA THR F 45 4.08 26.53 19.60
C THR F 45 5.60 26.69 19.42
N ASP F 46 6.00 27.11 18.21
CA ASP F 46 7.41 27.28 17.91
C ASP F 46 7.96 28.69 18.21
N HIS F 47 9.28 28.77 18.36
CA HIS F 47 9.97 30.03 18.70
C HIS F 47 9.89 31.04 17.57
N GLY F 48 8.94 31.98 17.69
CA GLY F 48 8.85 33.14 16.80
C GLY F 48 8.72 32.85 15.33
N ASN F 49 7.91 31.84 15.00
CA ASN F 49 7.62 31.51 13.59
C ASN F 49 6.42 30.58 13.45
N LEU F 50 5.94 30.45 12.22
CA LEU F 50 4.77 29.65 11.91
C LEU F 50 5.08 28.60 10.84
N PHE F 51 6.36 28.33 10.63
CA PHE F 51 6.84 27.45 9.56
C PHE F 51 6.06 26.13 9.43
N GLY F 52 6.02 25.36 10.52
CA GLY F 52 5.39 24.04 10.53
C GLY F 52 3.88 24.03 10.33
N ALA F 53 3.22 25.09 10.75
CA ALA F 53 1.74 25.19 10.75
C ALA F 53 0.99 24.28 9.77
N VAL F 54 1.18 24.48 8.47
CA VAL F 54 0.41 23.74 7.47
C VAL F 54 0.70 22.24 7.47
N GLU F 55 1.98 21.86 7.42
CA GLU F 55 2.37 20.46 7.44
C GLU F 55 1.96 19.77 8.75
N PHE F 56 2.04 20.51 9.87
CA PHE F 56 1.60 20.02 11.17
C PHE F 56 0.10 19.76 11.17
N TYR F 57 -0.67 20.70 10.65
CA TYR F 57 -2.11 20.56 10.54
C TYR F 57 -2.51 19.34 9.71
N LYS F 58 -1.84 19.14 8.57
CA LYS F 58 -2.22 18.06 7.66
C LYS F 58 -1.69 16.67 8.07
N LYS F 59 -0.62 16.64 8.86
CA LYS F 59 -0.10 15.37 9.38
C LYS F 59 -0.88 14.88 10.60
N ALA F 60 -1.21 15.82 11.48
CA ALA F 60 -2.02 15.52 12.67
C ALA F 60 -3.45 15.17 12.29
N THR F 61 -3.97 15.85 11.28
CA THR F 61 -5.34 15.66 10.84
C THR F 61 -5.56 14.27 10.22
N ALA F 62 -4.50 13.74 9.59
CA ALA F 62 -4.55 12.43 8.95
C ALA F 62 -4.17 11.30 9.91
N MET F 63 -3.79 11.68 11.14
CA MET F 63 -3.47 10.72 12.19
C MET F 63 -4.55 10.68 13.27
N GLY F 64 -5.57 11.54 13.13
CA GLY F 64 -6.68 11.58 14.09
C GLY F 64 -6.39 12.40 15.34
N VAL F 65 -5.26 13.10 15.35
CA VAL F 65 -4.92 14.04 16.42
C VAL F 65 -5.50 15.40 16.04
N LYS F 66 -5.99 16.13 17.04
CA LYS F 66 -6.48 17.49 16.81
C LYS F 66 -5.32 18.46 16.96
N PRO F 67 -4.95 19.15 15.86
CA PRO F 67 -3.85 20.11 15.91
C PRO F 67 -4.31 21.43 16.51
N ILE F 68 -3.39 22.13 17.18
CA ILE F 68 -3.65 23.49 17.63
C ILE F 68 -2.48 24.36 17.21
N ILE F 69 -2.78 25.39 16.41
CA ILE F 69 -1.74 26.25 15.86
C ILE F 69 -1.38 27.34 16.87
N GLY F 70 -0.13 27.30 17.30
CA GLY F 70 0.37 28.19 18.33
C GLY F 70 1.66 28.87 17.92
N TYR F 71 2.12 29.75 18.80
CA TYR F 71 3.23 30.64 18.51
C TYR F 71 3.83 31.06 19.84
N GLU F 72 5.11 30.75 20.07
CA GLU F 72 5.81 31.35 21.22
C GLU F 72 6.50 32.61 20.74
N ALA F 73 5.83 33.74 20.97
CA ALA F 73 6.30 35.02 20.52
C ALA F 73 7.48 35.53 21.32
N TYR F 74 8.44 36.13 20.62
CA TYR F 74 9.39 36.99 21.28
C TYR F 74 8.70 38.34 21.37
N VAL F 75 8.52 38.85 22.57
CA VAL F 75 7.87 40.14 22.78
C VAL F 75 8.90 41.14 23.31
N ALA F 76 9.02 42.27 22.62
CA ALA F 76 9.97 43.31 22.96
C ALA F 76 9.60 43.99 24.26
N ALA F 77 10.62 44.31 25.05
CA ALA F 77 10.46 45.04 26.30
C ALA F 77 9.56 46.25 26.11
N GLU F 78 9.85 47.07 25.11
CA GLU F 78 8.98 48.22 24.80
C GLU F 78 8.40 48.16 23.37
N SER F 79 9.06 48.80 22.40
CA SER F 79 8.61 48.79 21.01
C SER F 79 9.42 47.83 20.13
N ARG F 80 8.77 47.30 19.11
CA ARG F 80 9.37 46.35 18.18
C ARG F 80 10.37 47.04 17.28
N PHE F 81 10.36 48.37 17.29
CA PHE F 81 11.29 49.16 16.50
C PHE F 81 12.60 49.38 17.24
N ASP F 82 12.59 49.14 18.55
CA ASP F 82 13.79 49.33 19.37
C ASP F 82 14.94 48.51 18.84
N ARG F 83 16.09 49.15 18.67
CA ARG F 83 17.32 48.45 18.36
C ARG F 83 18.28 48.76 19.49
N LYS F 84 17.81 48.47 20.70
CA LYS F 84 18.52 48.87 21.90
C LYS F 84 19.60 47.86 22.27
N ARG F 85 20.79 48.38 22.55
CA ARG F 85 21.99 47.56 22.78
C ARG F 85 22.40 47.57 24.27
N GLY F 91 15.83 47.51 27.31
CA GLY F 91 15.84 46.08 27.60
C GLY F 91 15.98 45.18 26.37
N GLY F 92 15.58 43.92 26.54
CA GLY F 92 15.67 42.92 25.46
C GLY F 92 14.33 42.46 24.95
N TYR F 93 14.05 41.17 25.10
CA TYR F 93 12.79 40.56 24.67
C TYR F 93 12.41 39.36 25.54
N PHE F 94 11.12 39.09 25.61
CA PHE F 94 10.58 38.05 26.49
C PHE F 94 9.77 37.03 25.70
N HIS F 95 9.43 35.92 26.33
CA HIS F 95 8.59 34.91 25.69
C HIS F 95 7.11 35.13 26.01
N LEU F 96 6.25 34.63 25.11
CA LEU F 96 4.81 34.57 25.35
C LEU F 96 4.17 33.45 24.54
N THR F 97 3.42 32.57 25.23
CA THR F 97 2.71 31.49 24.56
C THR F 97 1.35 31.98 24.04
N LEU F 98 1.14 31.79 22.74
CA LEU F 98 -0.12 32.18 22.11
C LEU F 98 -0.74 31.00 21.37
N LEU F 99 -2.06 30.87 21.48
CA LEU F 99 -2.81 29.83 20.78
C LEU F 99 -4.00 30.42 20.02
N ALA F 100 -4.24 29.92 18.82
CA ALA F 100 -5.35 30.39 18.02
C ALA F 100 -6.58 29.53 18.32
N LYS F 101 -7.68 30.13 18.72
CA LYS F 101 -8.89 29.36 19.06
C LYS F 101 -9.90 29.26 17.91
N ASP F 102 -9.88 30.21 16.99
CA ASP F 102 -10.69 30.11 15.76
C ASP F 102 -9.89 30.68 14.58
N PHE F 103 -10.49 30.69 13.38
CA PHE F 103 -9.75 31.09 12.17
C PHE F 103 -9.28 32.55 12.17
N THR F 104 -10.07 33.45 12.74
CA THR F 104 -9.63 34.84 12.90
C THR F 104 -8.39 34.83 13.80
N GLY F 105 -8.41 33.98 14.82
CA GLY F 105 -7.24 33.71 15.63
C GLY F 105 -6.07 33.29 14.77
N TYR F 106 -6.30 32.29 13.91
CA TYR F 106 -5.26 31.85 12.99
C TYR F 106 -4.68 33.02 12.18
N GLN F 107 -5.57 33.80 11.56
CA GLN F 107 -5.16 34.93 10.73
C GLN F 107 -4.28 35.92 11.50
N ASN F 108 -4.71 36.26 12.72
CA ASN F 108 -3.96 37.17 13.57
C ASN F 108 -2.56 36.66 13.95
N LEU F 109 -2.45 35.35 14.17
CA LEU F 109 -1.13 34.75 14.36
C LEU F 109 -0.30 34.99 13.11
N VAL F 110 -0.90 34.78 11.95
CA VAL F 110 -0.22 34.95 10.67
C VAL F 110 0.31 36.39 10.51
N ARG F 111 -0.50 37.37 10.90
CA ARG F 111 -0.10 38.77 10.85
C ARG F 111 1.01 39.07 11.85
N LEU F 112 0.84 38.65 13.10
CA LEU F 112 1.86 38.83 14.13
C LEU F 112 3.20 38.21 13.73
N ALA F 113 3.17 36.93 13.35
CA ALA F 113 4.38 36.22 12.90
C ALA F 113 5.05 36.94 11.75
N SER F 114 4.23 37.55 10.88
CA SER F 114 4.74 38.29 9.72
C SER F 114 5.39 39.57 10.18
N ARG F 115 4.66 40.32 11.00
CA ARG F 115 5.10 41.63 11.47
C ARG F 115 6.36 41.52 12.32
N ALA F 116 6.45 40.47 13.13
CA ALA F 116 7.65 40.15 13.92
C ALA F 116 8.91 40.13 13.05
N TYR F 117 8.78 39.60 11.84
CA TYR F 117 9.89 39.55 10.91
C TYR F 117 10.07 40.84 10.10
N LEU F 118 8.96 41.40 9.62
CA LEU F 118 9.03 42.53 8.70
C LEU F 118 9.26 43.86 9.40
N GLU F 119 8.72 44.02 10.61
CA GLU F 119 8.85 45.28 11.34
C GLU F 119 9.68 45.16 12.61
N GLY F 120 9.71 43.97 13.19
CA GLY F 120 10.24 43.82 14.54
C GLY F 120 11.46 42.94 14.69
N PHE F 121 12.23 42.77 13.61
CA PHE F 121 13.36 41.87 13.67
C PHE F 121 14.62 42.54 14.13
N TYR F 122 15.03 42.24 15.37
CA TYR F 122 16.33 42.70 15.86
C TYR F 122 17.36 41.56 15.85
N GLU F 123 17.34 40.68 16.84
CA GLU F 123 18.19 39.49 16.80
C GLU F 123 17.30 38.32 16.48
N LYS F 124 16.13 38.36 17.09
CA LYS F 124 15.03 37.45 16.88
C LYS F 124 13.88 38.27 16.30
N PRO F 125 12.85 37.63 15.69
CA PRO F 125 11.70 38.38 15.25
C PRO F 125 10.78 38.67 16.42
N ARG F 126 10.59 39.96 16.72
CA ARG F 126 9.84 40.34 17.92
C ARG F 126 8.57 41.11 17.62
N ILE F 127 7.59 41.01 18.52
CA ILE F 127 6.34 41.75 18.43
C ILE F 127 6.18 42.71 19.60
N ASP F 128 5.11 43.49 19.54
CA ASP F 128 4.82 44.52 20.54
C ASP F 128 3.62 44.15 21.34
N ARG F 129 3.56 44.66 22.56
CA ARG F 129 2.30 44.65 23.29
C ARG F 129 1.31 45.56 22.60
N GLU F 130 1.82 46.54 21.86
CA GLU F 130 0.96 47.36 21.02
C GLU F 130 0.30 46.50 19.94
N ILE F 131 1.12 45.86 19.10
CA ILE F 131 0.56 45.11 17.97
C ILE F 131 -0.18 43.84 18.39
N LEU F 132 0.17 43.29 19.56
CA LEU F 132 -0.60 42.19 20.16
C LEU F 132 -2.01 42.61 20.43
N ARG F 133 -2.15 43.79 21.02
CA ARG F 133 -3.44 44.38 21.33
C ARG F 133 -4.24 44.55 20.05
N GLU F 134 -3.56 44.95 18.97
CA GLU F 134 -4.20 45.12 17.68
C GLU F 134 -4.71 43.78 17.13
N HIS F 135 -3.91 42.74 17.28
CA HIS F 135 -4.25 41.43 16.72
C HIS F 135 -4.57 40.41 17.80
N ALA F 136 -5.29 40.83 18.84
CA ALA F 136 -5.59 39.94 19.97
C ALA F 136 -6.84 39.11 19.73
N GLN F 137 -7.69 39.57 18.81
CA GLN F 137 -8.96 38.89 18.54
C GLN F 137 -8.76 37.46 18.04
N GLY F 138 -9.32 36.51 18.78
CA GLY F 138 -9.22 35.09 18.43
C GLY F 138 -8.01 34.39 19.04
N LEU F 139 -7.39 35.02 20.02
CA LEU F 139 -6.20 34.46 20.64
C LEU F 139 -6.34 34.16 22.13
N ILE F 140 -5.89 32.98 22.53
CA ILE F 140 -5.66 32.62 23.92
C ILE F 140 -4.18 32.85 24.23
N ALA F 141 -3.88 33.43 25.38
CA ALA F 141 -2.50 33.64 25.77
C ALA F 141 -2.23 32.93 27.08
N LEU F 142 -0.99 32.49 27.27
CA LEU F 142 -0.58 31.89 28.54
C LEU F 142 0.65 32.61 29.09
N SER F 143 0.68 32.83 30.40
CA SER F 143 1.72 33.64 31.07
C SER F 143 3.16 33.33 30.64
N GLY F 144 3.41 32.11 30.19
CA GLY F 144 4.67 31.78 29.54
C GLY F 144 5.75 31.16 30.40
N CYS F 145 6.83 30.73 29.75
CA CYS F 145 7.97 30.08 30.40
C CYS F 145 8.76 31.06 31.25
N LEU F 146 9.74 30.56 31.98
CA LEU F 146 10.61 31.38 32.84
C LEU F 146 11.16 32.62 32.15
N GLY F 147 11.34 32.53 30.83
CA GLY F 147 11.87 33.63 30.05
C GLY F 147 10.84 34.68 29.68
N ALA F 148 9.58 34.45 30.06
CA ALA F 148 8.48 35.36 29.78
C ALA F 148 8.51 36.52 30.77
N GLU F 149 7.67 37.53 30.54
CA GLU F 149 7.71 38.80 31.30
C GLU F 149 7.37 38.64 32.79
N ILE F 150 6.17 38.12 33.08
CA ILE F 150 5.67 38.02 34.46
C ILE F 150 6.56 37.18 35.39
N PRO F 151 6.82 35.91 35.02
CA PRO F 151 7.77 35.11 35.81
C PRO F 151 9.14 35.77 35.94
N GLN F 152 9.60 36.42 34.87
CA GLN F 152 10.86 37.16 34.89
C GLN F 152 10.86 38.28 35.94
N PHE F 153 9.77 39.05 36.00
CA PHE F 153 9.64 40.13 36.97
C PHE F 153 9.62 39.57 38.38
N ILE F 154 8.96 38.43 38.54
CA ILE F 154 8.83 37.78 39.84
C ILE F 154 10.21 37.38 40.37
N LEU F 155 11.03 36.80 39.49
CA LEU F 155 12.41 36.43 39.82
C LEU F 155 13.28 37.62 40.25
N GLN F 156 12.97 38.81 39.72
CA GLN F 156 13.75 40.02 40.00
C GLN F 156 13.26 40.77 41.21
N ASP F 157 12.29 40.18 41.92
CA ASP F 157 11.71 40.76 43.13
C ASP F 157 10.89 42.01 42.87
N ARG F 158 10.56 42.24 41.60
CA ARG F 158 9.71 43.37 41.23
C ARG F 158 8.28 42.88 41.05
N LEU F 159 7.65 42.52 42.16
CA LEU F 159 6.29 42.02 42.16
C LEU F 159 5.31 43.07 41.63
N ASP F 160 5.61 44.35 41.90
CA ASP F 160 4.82 45.48 41.42
C ASP F 160 4.77 45.60 39.89
N LEU F 161 5.90 45.37 39.23
CA LEU F 161 5.96 45.39 37.78
C LEU F 161 5.20 44.21 37.18
N ALA F 162 5.33 43.04 37.82
CA ALA F 162 4.70 41.81 37.37
C ALA F 162 3.18 41.90 37.42
N GLU F 163 2.64 42.43 38.53
CA GLU F 163 1.20 42.60 38.65
C GLU F 163 0.70 43.66 37.67
N ALA F 164 1.47 44.75 37.54
CA ALA F 164 1.17 45.79 36.57
C ALA F 164 1.18 45.23 35.15
N ARG F 165 2.12 44.34 34.85
CA ARG F 165 2.15 43.70 33.54
C ARG F 165 1.01 42.69 33.39
N LEU F 166 0.67 42.00 34.48
CA LEU F 166 -0.47 41.09 34.47
C LEU F 166 -1.74 41.85 34.11
N ASN F 167 -1.95 43.01 34.74
CA ASN F 167 -3.07 43.89 34.41
C ASN F 167 -3.08 44.32 32.95
N GLU F 168 -1.90 44.70 32.43
CA GLU F 168 -1.79 45.14 31.06
C GLU F 168 -2.31 44.04 30.12
N ASP F 169 -1.83 42.81 30.33
CA ASP F 169 -2.24 41.67 29.52
C ASP F 169 -3.72 41.31 29.68
N LEU F 170 -4.26 41.49 30.89
CA LEU F 170 -5.68 41.23 31.15
C LEU F 170 -6.53 42.21 30.38
N SER F 171 -6.02 43.43 30.27
CA SER F 171 -6.64 44.49 29.49
C SER F 171 -6.61 44.18 27.98
N ILE F 172 -5.74 43.26 27.56
CA ILE F 172 -5.62 42.89 26.15
C ILE F 172 -6.45 41.65 25.78
N PHE F 173 -6.33 40.61 26.60
CA PHE F 173 -6.91 39.30 26.29
C PHE F 173 -8.20 38.95 27.03
N GLY F 174 -8.53 39.70 28.07
CA GLY F 174 -9.71 39.41 28.87
C GLY F 174 -9.57 38.08 29.57
N ASP F 175 -10.60 37.24 29.47
CA ASP F 175 -10.59 35.91 30.08
C ASP F 175 -9.93 34.85 29.18
N ARG F 176 -9.18 35.31 28.17
CA ARG F 176 -8.43 34.41 27.32
C ARG F 176 -6.97 34.43 27.76
N PHE F 177 -6.73 34.97 28.96
CA PHE F 177 -5.40 34.95 29.53
C PHE F 177 -5.35 33.93 30.66
N PHE F 178 -4.36 33.05 30.61
CA PHE F 178 -4.23 32.03 31.65
C PHE F 178 -2.87 32.09 32.29
N ILE F 179 -2.78 31.71 33.56
CA ILE F 179 -1.49 31.60 34.22
C ILE F 179 -0.88 30.26 33.83
N GLU F 180 0.25 30.32 33.14
CA GLU F 180 0.94 29.11 32.68
C GLU F 180 1.84 28.59 33.79
N ILE F 181 1.65 27.31 34.10
CA ILE F 181 2.39 26.66 35.17
C ILE F 181 3.14 25.44 34.67
N GLN F 182 4.45 25.52 34.71
CA GLN F 182 5.28 24.38 34.37
C GLN F 182 6.28 24.06 35.46
N ASN F 183 6.66 22.80 35.55
CA ASN F 183 7.64 22.40 36.55
C ASN F 183 8.61 21.35 36.09
N HIS F 184 9.87 21.75 36.05
CA HIS F 184 10.98 20.84 35.96
C HIS F 184 11.63 21.00 37.32
N GLY F 185 12.73 20.31 37.60
CA GLY F 185 13.32 20.37 38.94
C GLY F 185 13.70 21.75 39.47
N LEU F 186 13.64 22.75 38.60
CA LEU F 186 14.26 24.07 38.83
C LEU F 186 13.77 24.88 40.04
N PRO F 187 14.72 25.43 40.83
CA PRO F 187 14.44 26.18 42.07
C PRO F 187 13.77 27.52 41.81
N GLU F 188 13.98 28.06 40.62
CA GLU F 188 13.34 29.30 40.19
C GLU F 188 11.87 29.04 39.94
N GLN F 189 11.56 27.84 39.46
CA GLN F 189 10.16 27.48 39.21
C GLN F 189 9.32 27.46 40.47
N LYS F 190 9.94 27.07 41.58
CA LYS F 190 9.26 27.04 42.88
C LYS F 190 8.80 28.45 43.28
N LYS F 191 9.70 29.42 43.17
CA LYS F 191 9.41 30.81 43.54
C LYS F 191 8.40 31.47 42.58
N VAL F 192 8.56 31.23 41.28
CA VAL F 192 7.70 31.82 40.28
C VAL F 192 6.27 31.29 40.40
N ASN F 193 6.12 29.96 40.42
CA ASN F 193 4.80 29.32 40.49
C ASN F 193 4.02 29.70 41.74
N GLN F 194 4.72 29.76 42.87
CA GLN F 194 4.13 30.17 44.15
C GLN F 194 3.48 31.55 44.06
N VAL F 195 4.15 32.49 43.41
CA VAL F 195 3.66 33.86 43.22
C VAL F 195 2.64 33.91 42.07
N LEU F 196 2.86 33.09 41.04
CA LEU F 196 1.91 32.94 39.95
C LEU F 196 0.58 32.44 40.48
N LYS F 197 0.66 31.47 41.41
CA LYS F 197 -0.50 30.87 42.03
C LYS F 197 -1.33 31.94 42.73
N GLU F 198 -0.64 32.86 43.40
CA GLU F 198 -1.29 33.96 44.13
C GLU F 198 -2.03 34.88 43.16
N PHE F 199 -1.37 35.19 42.04
CA PHE F 199 -1.98 36.04 41.02
C PHE F 199 -3.20 35.37 40.43
N ALA F 200 -3.08 34.07 40.18
CA ALA F 200 -4.16 33.29 39.58
C ALA F 200 -5.40 33.24 40.46
N ARG F 201 -5.21 33.36 41.77
CA ARG F 201 -6.31 33.29 42.72
C ARG F 201 -6.88 34.68 43.04
N LYS F 202 -6.03 35.70 42.94
CA LYS F 202 -6.43 37.07 43.26
C LYS F 202 -7.26 37.68 42.13
N TYR F 203 -6.92 37.34 40.90
CA TYR F 203 -7.63 37.87 39.74
C TYR F 203 -8.64 36.86 39.20
N GLY F 204 -8.67 35.66 39.79
CA GLY F 204 -9.55 34.56 39.36
C GLY F 204 -9.24 34.13 37.93
N LEU F 205 -8.02 33.65 37.70
CA LEU F 205 -7.53 33.50 36.35
C LEU F 205 -7.47 32.10 35.72
N GLY F 206 -7.38 31.05 36.55
CA GLY F 206 -7.31 29.70 36.02
C GLY F 206 -5.94 29.35 35.46
N MET F 207 -5.33 28.34 36.06
CA MET F 207 -4.00 27.88 35.69
C MET F 207 -4.07 26.76 34.67
N VAL F 208 -3.11 26.75 33.75
CA VAL F 208 -2.98 25.71 32.74
C VAL F 208 -1.58 25.12 32.83
N ALA F 209 -1.50 23.80 32.93
CA ALA F 209 -0.23 23.09 32.96
C ALA F 209 0.33 22.83 31.56
N THR F 210 1.63 23.08 31.40
CA THR F 210 2.36 22.73 30.19
C THR F 210 3.73 22.29 30.66
N ASN F 211 4.57 21.73 29.78
CA ASN F 211 5.97 21.57 30.19
C ASN F 211 7.03 21.81 29.12
N ASN F 212 6.69 22.63 28.11
CA ASN F 212 7.66 23.24 27.21
C ASN F 212 8.57 22.19 26.56
N GLY F 213 7.97 21.26 25.82
CA GLY F 213 8.72 20.18 25.18
C GLY F 213 9.64 20.67 24.09
N HIS F 214 10.75 19.96 23.88
CA HIS F 214 11.72 20.28 22.82
C HIS F 214 12.20 18.99 22.16
N TYR F 215 11.91 17.87 22.80
CA TYR F 215 12.16 16.55 22.25
C TYR F 215 10.96 15.66 22.54
N VAL F 216 10.90 14.50 21.90
CA VAL F 216 9.71 13.65 22.03
C VAL F 216 9.71 12.82 23.32
N ARG F 217 10.66 11.89 23.45
CA ARG F 217 10.77 11.06 24.65
C ARG F 217 11.96 11.47 25.54
N LYS F 218 12.00 10.95 26.77
CA LYS F 218 13.06 11.29 27.74
C LYS F 218 14.45 10.87 27.26
N GLU F 219 14.51 9.84 26.42
CA GLU F 219 15.77 9.33 25.87
C GLU F 219 16.42 10.30 24.91
N ASP F 220 15.62 11.22 24.37
CA ASP F 220 16.09 12.15 23.34
C ASP F 220 16.87 13.33 23.92
N ALA F 221 16.96 13.39 25.25
CA ALA F 221 17.65 14.49 25.93
C ALA F 221 19.08 14.74 25.41
N ARG F 222 19.90 13.70 25.34
CA ARG F 222 21.27 13.85 24.83
C ARG F 222 21.33 14.17 23.34
N ALA F 223 20.46 13.55 22.54
CA ALA F 223 20.36 13.84 21.12
C ALA F 223 20.10 15.33 20.93
N HIS F 224 19.20 15.86 21.76
CA HIS F 224 18.88 17.28 21.78
C HIS F 224 20.07 18.09 22.27
N GLU F 225 20.77 17.58 23.28
CA GLU F 225 21.91 18.28 23.84
C GLU F 225 23.06 18.42 22.83
N VAL F 226 23.20 17.45 21.93
CA VAL F 226 24.21 17.58 20.87
C VAL F 226 23.68 18.46 19.73
N LEU F 227 22.36 18.52 19.57
CA LEU F 227 21.76 19.41 18.57
C LEU F 227 22.21 20.83 18.89
N LEU F 228 22.06 21.21 20.15
CA LEU F 228 22.51 22.51 20.64
C LEU F 228 24.00 22.72 20.42
N ALA F 229 24.79 21.65 20.49
CA ALA F 229 26.22 21.72 20.27
C ALA F 229 26.58 21.88 18.79
N ILE F 230 25.60 21.62 17.91
CA ILE F 230 25.77 21.82 16.48
C ILE F 230 25.48 23.28 16.10
N GLN F 231 24.52 23.90 16.80
CA GLN F 231 24.27 25.33 16.66
C GLN F 231 25.32 26.16 17.38
N SER F 232 25.63 25.75 18.61
CA SER F 232 26.71 26.36 19.40
C SER F 232 28.10 26.10 18.80
N LYS F 233 28.18 25.12 17.89
CA LYS F 233 29.41 24.76 17.18
C LYS F 233 30.59 24.53 18.13
N THR F 234 30.40 23.61 19.07
CA THR F 234 31.41 23.27 20.07
C THR F 234 31.45 21.75 20.32
N THR F 235 32.44 21.32 21.11
CA THR F 235 32.61 19.92 21.46
C THR F 235 31.60 19.52 22.54
N LEU F 236 31.39 18.22 22.70
CA LEU F 236 30.55 17.68 23.78
C LEU F 236 31.07 18.13 25.15
N ASP F 237 32.38 18.27 25.28
CA ASP F 237 32.99 18.86 26.46
C ASP F 237 33.65 20.17 26.07
N ASP F 238 33.08 21.28 26.53
CA ASP F 238 33.62 22.59 26.19
C ASP F 238 34.44 23.21 27.35
N PRO F 239 33.79 23.67 28.45
CA PRO F 239 32.37 23.87 28.71
C PRO F 239 31.98 25.28 28.28
N GLU F 240 30.82 25.74 28.73
CA GLU F 240 30.25 27.00 28.26
C GLU F 240 29.42 26.74 26.99
N ARG F 241 29.51 25.51 26.49
CA ARG F 241 28.65 25.04 25.41
C ARG F 241 27.18 25.14 25.82
N TRP F 242 26.34 25.46 24.85
CA TRP F 242 24.92 25.66 25.08
C TRP F 242 24.26 24.38 25.60
N ARG F 243 23.63 24.48 26.77
CA ARG F 243 22.96 23.35 27.43
C ARG F 243 21.65 23.79 28.06
N PHE F 244 20.70 22.86 28.16
CA PHE F 244 19.48 23.11 28.91
C PHE F 244 19.76 22.82 30.39
N PRO F 245 18.92 23.36 31.30
CA PRO F 245 19.15 23.21 32.74
C PRO F 245 18.98 21.78 33.31
N CYS F 246 18.16 20.97 32.62
CA CYS F 246 17.93 19.58 33.02
C CYS F 246 17.46 18.77 31.80
N ASP F 247 17.02 17.53 32.05
CA ASP F 247 16.61 16.62 30.98
C ASP F 247 15.12 16.33 31.05
N GLU F 248 14.30 17.37 31.18
CA GLU F 248 12.87 17.22 31.45
C GLU F 248 11.95 17.70 30.32
N PHE F 249 12.53 18.33 29.31
CA PHE F 249 11.76 18.98 28.26
C PHE F 249 11.31 18.00 27.18
N TYR F 250 10.46 17.06 27.60
CA TYR F 250 9.91 16.03 26.72
C TYR F 250 8.40 15.83 26.93
N VAL F 251 7.77 15.13 25.99
CA VAL F 251 6.31 14.91 26.01
C VAL F 251 5.94 13.87 27.06
N LYS F 252 5.56 14.35 28.24
CA LYS F 252 5.34 13.50 29.39
C LYS F 252 3.93 12.89 29.43
N THR F 253 3.85 11.71 30.06
CA THR F 253 2.58 11.04 30.35
C THR F 253 1.85 11.86 31.39
N PRO F 254 0.50 11.93 31.31
CA PRO F 254 -0.28 12.58 32.36
C PRO F 254 0.21 12.24 33.79
N GLU F 255 0.77 11.03 33.94
CA GLU F 255 1.34 10.55 35.21
C GLU F 255 2.62 11.27 35.59
N GLU F 256 3.55 11.39 34.64
CA GLU F 256 4.83 12.06 34.85
C GLU F 256 4.62 13.54 35.14
N MET F 257 3.55 14.09 34.57
CA MET F 257 3.14 15.48 34.82
C MET F 257 2.75 15.67 36.26
N ARG F 258 2.01 14.71 36.81
CA ARG F 258 1.60 14.74 38.20
C ARG F 258 2.78 14.69 39.15
N ALA F 259 3.86 14.01 38.75
CA ALA F 259 5.04 13.89 39.58
C ALA F 259 5.69 15.27 39.80
N MET F 260 5.50 16.15 38.82
CA MET F 260 6.00 17.52 38.88
C MET F 260 5.00 18.44 39.57
N LEU F 261 3.72 18.12 39.39
CA LEU F 261 2.64 18.91 39.96
C LEU F 261 1.72 18.03 40.82
N PRO F 262 2.11 17.79 42.09
CA PRO F 262 1.35 16.88 42.99
C PRO F 262 -0.10 17.31 43.22
N GLU F 263 -0.97 16.34 43.51
CA GLU F 263 -2.41 16.60 43.66
C GLU F 263 -2.77 17.41 44.92
N ALA F 264 -2.10 17.13 46.03
CA ALA F 264 -2.39 17.81 47.30
C ALA F 264 -1.82 19.23 47.35
N GLU F 265 -1.46 19.76 46.19
CA GLU F 265 -0.84 21.07 46.11
C GLU F 265 -1.35 21.86 44.90
N TRP F 266 -1.70 21.15 43.83
CA TRP F 266 -2.17 21.78 42.59
C TRP F 266 -3.63 21.50 42.23
N GLY F 267 -4.12 20.33 42.66
CA GLY F 267 -5.49 19.93 42.37
C GLY F 267 -5.63 19.48 40.92
N ASP F 268 -6.87 19.43 40.44
CA ASP F 268 -7.16 18.96 39.09
C ASP F 268 -7.22 20.08 38.06
N GLU F 269 -7.39 21.31 38.53
CA GLU F 269 -7.59 22.47 37.66
C GLU F 269 -6.55 22.62 36.53
N PRO F 270 -5.25 22.66 36.87
CA PRO F 270 -4.22 22.79 35.83
C PRO F 270 -4.27 21.70 34.75
N PHE F 271 -4.81 20.54 35.10
CA PHE F 271 -4.92 19.42 34.16
C PHE F 271 -6.21 19.48 33.36
N ASP F 272 -7.33 19.73 34.05
CA ASP F 272 -8.64 19.86 33.40
C ASP F 272 -8.71 21.01 32.40
N ASN F 273 -8.05 22.12 32.73
CA ASN F 273 -8.02 23.31 31.86
C ASN F 273 -7.27 23.07 30.57
N THR F 274 -6.30 22.17 30.64
CA THR F 274 -5.53 21.74 29.50
C THR F 274 -6.45 21.15 28.43
N VAL F 275 -7.31 20.22 28.84
CA VAL F 275 -8.21 19.53 27.92
C VAL F 275 -9.33 20.46 27.44
N GLU F 276 -9.72 21.40 28.30
CA GLU F 276 -10.84 22.29 28.01
C GLU F 276 -10.44 23.28 26.92
N ILE F 277 -9.25 23.87 27.06
CA ILE F 277 -8.73 24.80 26.07
C ILE F 277 -8.65 24.12 24.71
N ALA F 278 -7.96 22.98 24.68
CA ALA F 278 -7.78 22.18 23.45
C ALA F 278 -9.11 21.89 22.74
N ARG F 279 -10.16 21.67 23.52
CA ARG F 279 -11.49 21.46 22.97
C ARG F 279 -11.99 22.73 22.29
N MET F 280 -11.88 23.85 22.98
CA MET F 280 -12.42 25.12 22.48
C MET F 280 -11.53 25.82 21.46
N CYS F 281 -10.62 25.07 20.83
CA CYS F 281 -9.69 25.62 19.84
C CYS F 281 -9.98 25.11 18.42
N ASP F 282 -11.07 25.63 17.85
CA ASP F 282 -11.58 25.18 16.56
C ASP F 282 -10.98 25.95 15.36
N VAL F 283 -9.84 25.48 14.86
CA VAL F 283 -9.16 26.10 13.70
C VAL F 283 -9.06 25.16 12.50
N ASP F 284 -9.64 25.57 11.37
CA ASP F 284 -9.60 24.78 10.14
C ASP F 284 -8.92 25.53 9.01
N LEU F 285 -7.96 24.88 8.36
CA LEU F 285 -7.28 25.46 7.21
C LEU F 285 -7.94 25.00 5.89
N PRO F 286 -7.88 22.75 4.85
CA PRO F 286 -8.39 22.36 3.53
C PRO F 286 -7.42 21.43 2.79
N ILE F 287 -7.55 20.13 3.05
CA ILE F 287 -6.73 19.09 2.42
C ILE F 287 -7.56 17.92 1.91
N GLY F 288 -7.17 17.38 0.76
CA GLY F 288 -7.77 16.16 0.23
C GLY F 288 -9.24 16.30 -0.08
N ASP F 289 -10.08 15.70 0.77
CA ASP F 289 -11.53 15.75 0.60
C ASP F 289 -12.00 17.17 0.32
N LYS F 290 -11.57 18.10 1.16
CA LYS F 290 -11.82 19.53 0.95
C LYS F 290 -10.91 20.06 -0.16
N MET F 291 -10.03 21.01 0.15
CA MET F 291 -9.17 21.65 -0.85
C MET F 291 -9.95 22.40 -1.95
N VAL F 292 -9.73 23.71 -2.01
CA VAL F 292 -10.30 24.53 -3.08
C VAL F 292 -9.14 24.96 -3.96
N TYR F 293 -9.37 25.03 -5.26
CA TYR F 293 -8.38 25.61 -6.16
C TYR F 293 -8.40 27.13 -6.00
N ARG F 294 -7.25 27.68 -5.62
CA ARG F 294 -7.07 29.11 -5.48
C ARG F 294 -6.28 29.61 -6.68
N ILE F 295 -7.00 29.88 -7.77
CA ILE F 295 -6.40 30.47 -8.96
C ILE F 295 -6.59 31.98 -8.85
N PRO F 296 -5.48 32.74 -8.89
CA PRO F 296 -5.57 34.20 -8.87
C PRO F 296 -6.34 34.72 -10.08
N ARG F 297 -6.96 35.89 -9.94
CA ARG F 297 -7.74 36.47 -11.03
C ARG F 297 -6.85 37.27 -11.99
N PHE F 298 -7.17 37.16 -13.27
CA PHE F 298 -6.44 37.87 -14.30
C PHE F 298 -7.33 38.96 -14.91
N PRO F 299 -6.91 40.24 -14.80
CA PRO F 299 -7.66 41.37 -15.33
C PRO F 299 -7.76 41.35 -16.86
N LEU F 300 -8.92 41.78 -17.39
CA LEU F 300 -9.15 41.80 -18.84
C LEU F 300 -9.92 43.05 -19.26
N GLY F 303 -15.16 43.44 -21.59
CA GLY F 303 -16.02 42.51 -22.33
C GLY F 303 -15.28 41.28 -22.84
N ARG F 304 -14.37 40.77 -22.03
CA ARG F 304 -13.60 39.57 -22.36
C ARG F 304 -13.79 38.50 -21.29
N THR F 305 -14.12 37.28 -21.73
CA THR F 305 -14.12 36.13 -20.84
C THR F 305 -12.68 35.71 -20.62
N GLU F 306 -12.42 35.09 -19.48
CA GLU F 306 -11.11 34.55 -19.20
C GLU F 306 -10.77 33.49 -20.26
N ALA F 307 -11.79 32.75 -20.68
CA ALA F 307 -11.64 31.68 -21.66
C ALA F 307 -11.56 32.23 -23.10
N GLN F 308 -12.21 33.37 -23.32
CA GLN F 308 -12.24 34.03 -24.62
C GLN F 308 -10.89 34.64 -24.96
N TYR F 309 -10.26 35.28 -23.97
CA TYR F 309 -8.99 35.96 -24.18
C TYR F 309 -7.85 34.97 -24.44
N LEU F 310 -7.86 33.83 -23.74
CA LEU F 310 -6.86 32.79 -23.99
C LEU F 310 -7.00 32.28 -25.42
N ARG F 311 -8.24 32.14 -25.86
CA ARG F 311 -8.55 31.82 -27.24
C ARG F 311 -7.98 32.90 -28.17
N GLU F 312 -8.34 34.16 -27.91
CA GLU F 312 -7.84 35.31 -28.67
C GLU F 312 -6.35 35.23 -28.93
N LEU F 313 -5.59 35.09 -27.84
CA LEU F 313 -4.15 35.08 -27.91
C LEU F 313 -3.59 33.89 -28.68
N THR F 314 -4.33 32.77 -28.68
CA THR F 314 -3.91 31.58 -29.41
C THR F 314 -4.03 31.79 -30.91
N PHE F 315 -5.14 32.37 -31.35
CA PHE F 315 -5.37 32.62 -32.77
C PHE F 315 -4.42 33.67 -33.31
N LEU F 316 -4.12 34.68 -32.49
CA LEU F 316 -3.17 35.71 -32.88
C LEU F 316 -1.78 35.12 -32.95
N GLY F 317 -1.58 34.08 -32.15
CA GLY F 317 -0.27 33.45 -31.97
C GLY F 317 0.09 32.55 -33.12
N LEU F 318 -0.88 31.75 -33.57
CA LEU F 318 -0.66 30.82 -34.67
C LEU F 318 -0.24 31.55 -35.93
N LEU F 319 -0.89 32.68 -36.19
CA LEU F 319 -0.57 33.53 -37.33
C LEU F 319 0.89 33.98 -37.33
N ARG F 320 1.44 34.24 -36.14
CA ARG F 320 2.84 34.58 -35.98
C ARG F 320 3.71 33.32 -36.09
N ARG F 321 3.12 32.20 -35.68
CA ARG F 321 3.86 30.94 -35.47
C ARG F 321 4.00 30.10 -36.74
N TYR F 322 2.97 30.09 -37.58
CA TYR F 322 2.99 29.33 -38.83
C TYR F 322 2.64 30.22 -40.04
N PRO F 323 3.60 31.06 -40.47
CA PRO F 323 3.34 32.11 -41.47
C PRO F 323 2.89 31.59 -42.83
N ASP F 324 3.41 30.44 -43.23
CA ASP F 324 3.14 29.88 -44.54
C ASP F 324 1.78 29.21 -44.63
N ARG F 325 1.31 28.64 -43.52
CA ARG F 325 0.07 27.88 -43.55
C ARG F 325 -1.09 28.44 -42.73
N ILE F 326 -0.83 29.42 -41.88
CA ILE F 326 -1.92 30.11 -41.19
C ILE F 326 -1.89 31.63 -41.46
N THR F 327 -2.79 32.05 -42.34
CA THR F 327 -2.84 33.43 -42.83
C THR F 327 -4.20 34.09 -42.64
N GLU F 328 -4.24 35.41 -42.85
CA GLU F 328 -5.48 36.19 -42.80
C GLU F 328 -6.54 35.54 -43.69
N ALA F 329 -6.15 35.23 -44.93
CA ALA F 329 -7.01 34.55 -45.88
C ALA F 329 -7.63 33.28 -45.29
N PHE F 330 -6.81 32.49 -44.60
CA PHE F 330 -7.25 31.22 -44.00
C PHE F 330 -8.34 31.39 -42.95
N TYR F 331 -8.14 32.33 -42.03
CA TYR F 331 -9.12 32.63 -41.00
C TYR F 331 -10.45 33.11 -41.59
N ARG F 332 -10.37 34.01 -42.58
CA ARG F 332 -11.56 34.54 -43.26
C ARG F 332 -12.41 33.41 -43.83
N GLU F 333 -11.74 32.39 -44.38
CA GLU F 333 -12.42 31.23 -44.93
C GLU F 333 -13.20 30.48 -43.85
N VAL F 334 -12.59 30.35 -42.67
CA VAL F 334 -13.17 29.63 -41.54
C VAL F 334 -14.41 30.35 -40.94
N LEU F 335 -14.31 31.71 -40.96
CA LEU F 335 -15.44 32.53 -40.53
C LEU F 335 -16.54 32.55 -41.60
N ARG F 336 -16.11 32.64 -42.86
CA ARG F 336 -17.04 32.57 -44.00
C ARG F 336 -17.55 31.09 -44.12
N LEU F 337 -16.96 30.20 -43.32
CA LEU F 337 -17.57 28.85 -43.10
C LEU F 337 -18.44 28.88 -41.83
N LEU F 338 -18.91 30.04 -41.55
CA LEU F 338 -19.92 30.24 -40.50
C LEU F 338 -20.59 31.60 -40.75
N ASP F 346 -8.48 43.82 -40.92
CA ASP F 346 -7.45 43.75 -39.90
C ASP F 346 -7.21 42.32 -39.40
N GLU F 347 -5.95 42.03 -39.05
CA GLU F 347 -5.53 40.72 -38.55
C GLU F 347 -6.13 40.37 -37.18
N ARG F 348 -5.95 41.26 -36.21
CA ARG F 348 -6.47 41.10 -34.84
C ARG F 348 -7.98 40.95 -34.76
N ALA F 349 -8.69 41.66 -35.64
CA ALA F 349 -10.16 41.64 -35.66
C ALA F 349 -10.73 40.25 -35.94
N LEU F 350 -10.00 39.46 -36.72
CA LEU F 350 -10.40 38.09 -37.03
C LEU F 350 -10.25 37.14 -35.83
N ALA F 351 -9.15 37.29 -35.10
CA ALA F 351 -8.91 36.53 -33.87
C ALA F 351 -9.96 36.84 -32.81
N GLU F 352 -10.17 38.14 -32.59
CA GLU F 352 -11.17 38.63 -31.66
C GLU F 352 -12.54 37.99 -31.97
N ALA F 353 -12.82 37.83 -33.26
CA ALA F 353 -14.05 37.21 -33.75
C ALA F 353 -14.06 35.69 -33.55
N LEU F 354 -12.96 35.03 -33.92
CA LEU F 354 -12.84 33.57 -33.79
C LEU F 354 -12.97 33.11 -32.34
N ALA F 355 -12.57 33.97 -31.42
CA ALA F 355 -12.60 33.68 -29.99
C ALA F 355 -14.02 33.47 -29.49
N ARG F 356 -14.96 34.21 -30.07
CA ARG F 356 -16.36 34.17 -29.67
C ARG F 356 -17.09 32.91 -30.13
N VAL F 357 -16.69 32.36 -31.27
CA VAL F 357 -17.29 31.13 -31.81
C VAL F 357 -17.46 30.08 -30.71
N GLU F 358 -18.70 29.60 -30.55
CA GLU F 358 -19.02 28.69 -29.46
C GLU F 358 -18.74 27.24 -29.79
N GLU F 359 -18.76 26.39 -28.76
CA GLU F 359 -18.37 24.97 -28.92
C GLU F 359 -19.44 24.09 -29.57
N LYS F 360 -20.70 24.54 -29.54
CA LYS F 360 -21.76 23.88 -30.29
C LYS F 360 -21.62 24.16 -31.79
N ALA F 361 -21.10 25.35 -32.10
CA ALA F 361 -20.88 25.78 -33.48
C ALA F 361 -19.68 25.11 -34.13
N TRP F 362 -18.62 24.91 -33.34
CA TRP F 362 -17.36 24.36 -33.86
C TRP F 362 -17.45 22.95 -34.41
N GLU F 363 -18.21 22.08 -33.73
CA GLU F 363 -18.28 20.65 -34.09
C GLU F 363 -19.14 20.34 -35.31
N GLU F 364 -19.42 21.37 -36.11
CA GLU F 364 -20.16 21.24 -37.35
C GLU F 364 -19.30 21.51 -38.58
N LEU F 365 -17.98 21.48 -38.38
CA LEU F 365 -17.04 21.72 -39.47
C LEU F 365 -16.16 20.50 -39.74
N ARG F 366 -15.71 19.84 -38.66
CA ARG F 366 -14.92 18.60 -38.76
C ARG F 366 -15.67 17.48 -39.51
N LYS F 367 -16.98 17.41 -39.32
CA LYS F 367 -17.82 16.45 -40.05
C LYS F 367 -18.21 16.96 -41.45
N ARG F 368 -17.31 17.76 -42.02
CA ARG F 368 -17.47 18.32 -43.34
C ARG F 368 -16.11 18.64 -43.91
N GLU F 377 1.16 14.75 -42.39
CA GLU F 377 1.67 16.10 -42.63
C GLU F 377 0.79 17.17 -41.97
N TRP F 378 1.41 18.20 -41.39
CA TRP F 378 0.68 19.20 -40.59
C TRP F 378 0.12 20.39 -41.37
N THR F 379 -1.09 20.22 -41.90
CA THR F 379 -1.72 21.27 -42.70
C THR F 379 -2.34 22.38 -41.85
N ALA F 380 -2.91 23.37 -42.55
CA ALA F 380 -3.55 24.52 -41.93
C ALA F 380 -4.76 24.09 -41.11
N GLU F 381 -5.59 23.21 -41.71
CA GLU F 381 -6.78 22.69 -41.03
C GLU F 381 -6.41 21.86 -39.81
N ALA F 382 -5.35 21.06 -39.93
CA ALA F 382 -4.88 20.19 -38.85
C ALA F 382 -4.51 21.01 -37.63
N ILE F 383 -3.81 22.12 -37.87
CA ILE F 383 -3.34 23.00 -36.80
C ILE F 383 -4.53 23.59 -36.04
N LEU F 384 -5.50 24.11 -36.78
CA LEU F 384 -6.73 24.62 -36.18
C LEU F 384 -7.37 23.63 -35.23
N HIS F 385 -7.55 22.39 -35.70
CA HIS F 385 -8.18 21.35 -34.89
C HIS F 385 -7.43 21.09 -33.58
N ARG F 386 -6.13 20.86 -33.66
CA ARG F 386 -5.33 20.62 -32.44
C ARG F 386 -5.46 21.80 -31.48
N ALA F 387 -5.30 23.03 -31.99
CA ALA F 387 -5.42 24.24 -31.17
C ALA F 387 -6.82 24.32 -30.54
N LEU F 388 -7.85 24.11 -31.36
CA LEU F 388 -9.25 24.13 -30.91
C LEU F 388 -9.55 23.01 -29.91
N TYR F 389 -8.95 21.86 -30.11
CA TYR F 389 -9.13 20.74 -29.20
C TYR F 389 -8.54 21.06 -27.83
N GLU F 390 -7.28 21.49 -27.81
CA GLU F 390 -6.59 21.84 -26.58
C GLU F 390 -7.37 22.89 -25.81
N LEU F 391 -7.81 23.93 -26.52
CA LEU F 391 -8.57 25.01 -25.92
C LEU F 391 -9.86 24.49 -25.28
N SER F 392 -10.44 23.49 -25.93
CA SER F 392 -11.66 22.82 -25.46
C SER F 392 -11.43 22.12 -24.12
N VAL F 393 -10.32 21.41 -24.03
CA VAL F 393 -9.95 20.68 -22.82
C VAL F 393 -9.57 21.64 -21.70
N ILE F 394 -8.76 22.65 -22.04
CA ILE F 394 -8.34 23.69 -21.10
C ILE F 394 -9.55 24.39 -20.49
N GLU F 395 -10.48 24.83 -21.35
CA GLU F 395 -11.68 25.53 -20.92
C GLU F 395 -12.56 24.69 -20.00
N ARG F 396 -12.77 23.43 -20.39
CA ARG F 396 -13.66 22.54 -19.65
C ARG F 396 -13.14 22.22 -18.26
N MET F 397 -11.81 22.15 -18.13
CA MET F 397 -11.18 21.85 -16.85
C MET F 397 -11.05 23.08 -15.94
N GLY F 398 -11.28 24.85 -16.48
CA GLY F 398 -11.25 26.14 -15.79
C GLY F 398 -9.85 26.69 -15.58
N PHE F 399 -9.01 26.58 -16.60
CA PHE F 399 -7.62 27.01 -16.49
C PHE F 399 -7.17 28.11 -17.47
N PRO F 400 -8.11 28.79 -18.16
CA PRO F 400 -7.60 29.80 -19.08
C PRO F 400 -6.91 30.95 -18.36
N GLY F 401 -7.40 31.29 -17.17
CA GLY F 401 -6.80 32.34 -16.34
C GLY F 401 -5.36 32.03 -15.97
N TYR F 402 -5.13 30.78 -15.60
CA TYR F 402 -3.80 30.27 -15.28
C TYR F 402 -2.82 30.54 -16.44
N PHE F 403 -3.27 30.22 -17.66
CA PHE F 403 -2.44 30.38 -18.87
C PHE F 403 -2.16 31.83 -19.16
N LEU F 404 -3.17 32.68 -19.02
CA LEU F 404 -3.03 34.11 -19.25
C LEU F 404 -1.95 34.70 -18.36
N ILE F 405 -2.02 34.42 -17.05
CA ILE F 405 -1.00 34.87 -16.12
C ILE F 405 0.40 34.51 -16.62
N VAL F 406 0.58 33.25 -17.02
CA VAL F 406 1.90 32.74 -17.39
C VAL F 406 2.39 33.40 -18.68
N GLN F 407 1.52 33.43 -19.68
CA GLN F 407 1.84 34.05 -20.96
C GLN F 407 2.25 35.50 -20.78
N ASP F 408 1.56 36.20 -19.89
CA ASP F 408 1.79 37.62 -19.66
C ASP F 408 3.22 37.93 -19.21
N TYR F 409 3.66 37.28 -18.14
CA TYR F 409 4.98 37.57 -17.59
C TYR F 409 6.13 37.08 -18.45
N ILE F 410 5.89 36.06 -19.27
CA ILE F 410 6.91 35.55 -20.20
C ILE F 410 7.08 36.53 -21.35
N ASN F 411 5.97 37.03 -21.89
CA ASN F 411 5.98 37.98 -23.00
C ASN F 411 6.50 39.34 -22.56
N TRP F 412 6.32 39.66 -21.28
CA TRP F 412 6.93 40.85 -20.71
C TRP F 412 8.44 40.66 -20.78
N ALA F 413 8.92 39.60 -20.13
CA ALA F 413 10.34 39.31 -20.05
C ALA F 413 11.05 39.33 -21.40
N ARG F 414 10.36 38.96 -22.46
CA ARG F 414 10.96 39.00 -23.79
C ARG F 414 11.17 40.44 -24.25
N GLY F 415 10.11 41.23 -24.17
CA GLY F 415 10.17 42.63 -24.57
C GLY F 415 11.00 43.49 -23.64
N HIS F 416 11.65 42.86 -22.66
CA HIS F 416 12.43 43.58 -21.65
C HIS F 416 13.84 43.04 -21.41
N GLY F 417 14.43 42.49 -22.48
CA GLY F 417 15.82 42.01 -22.46
C GLY F 417 16.12 40.92 -21.45
N VAL F 418 15.16 40.02 -21.29
CA VAL F 418 15.29 38.86 -20.41
C VAL F 418 15.07 37.62 -21.27
N SER F 419 16.10 36.80 -21.39
CA SER F 419 16.03 35.56 -22.18
C SER F 419 15.08 34.54 -21.57
N VAL F 420 14.35 33.83 -22.42
CA VAL F 420 13.41 32.80 -21.95
C VAL F 420 13.65 31.48 -22.68
N GLY F 421 13.83 30.40 -21.92
CA GLY F 421 14.01 29.05 -22.48
C GLY F 421 12.85 28.63 -23.37
N PRO F 422 13.09 27.71 -24.32
CA PRO F 422 12.04 27.18 -25.21
C PRO F 422 10.93 26.45 -24.46
N GLY F 423 11.26 25.96 -23.25
CA GLY F 423 10.28 25.38 -22.33
C GLY F 423 10.97 24.39 -21.41
N ARG F 424 10.29 23.98 -20.35
CA ARG F 424 10.72 22.81 -19.59
C ARG F 424 9.56 21.94 -19.10
N GLY F 425 9.86 20.67 -18.90
CA GLY F 425 8.85 19.69 -18.51
C GLY F 425 7.81 19.51 -19.59
N SER F 426 6.66 18.97 -19.18
CA SER F 426 5.57 18.64 -20.11
C SER F 426 4.95 19.84 -20.84
N ALA F 427 5.27 21.05 -20.39
CA ALA F 427 4.70 22.29 -20.94
C ALA F 427 4.73 22.44 -22.46
N ALA F 428 5.86 22.07 -23.07
CA ALA F 428 6.07 22.23 -24.51
C ALA F 428 5.19 21.31 -25.37
N GLY F 429 4.42 20.45 -24.73
CA GLY F 429 3.52 19.55 -25.44
C GLY F 429 2.25 20.25 -25.89
N SER F 430 1.96 21.39 -25.30
CA SER F 430 0.75 22.12 -25.66
C SER F 430 1.01 23.07 -26.82
N LEU F 431 0.19 22.95 -27.86
CA LEU F 431 0.23 23.88 -29.00
C LEU F 431 -0.18 25.28 -28.56
N VAL F 432 -1.24 25.38 -27.76
CA VAL F 432 -1.66 26.64 -27.16
C VAL F 432 -0.47 27.32 -26.47
N ALA F 433 0.16 26.61 -25.55
CA ALA F 433 1.37 27.12 -24.89
C ALA F 433 2.34 27.69 -25.91
N TYR F 434 2.61 26.91 -26.97
CA TYR F 434 3.53 27.31 -28.03
C TYR F 434 3.02 28.49 -28.83
N ALA F 435 1.72 28.52 -29.09
CA ALA F 435 1.12 29.60 -29.87
C ALA F 435 1.26 30.92 -29.12
N VAL F 436 0.82 30.93 -27.87
CA VAL F 436 0.82 32.14 -27.04
C VAL F 436 2.21 32.50 -26.46
N GLY F 437 3.25 31.80 -26.92
CA GLY F 437 4.63 32.11 -26.55
C GLY F 437 5.06 31.80 -25.14
N ILE F 438 4.30 30.94 -24.45
CA ILE F 438 4.74 30.39 -23.16
C ILE F 438 5.93 29.50 -23.45
N THR F 439 5.81 28.79 -24.57
CA THR F 439 6.73 27.77 -25.00
C THR F 439 7.31 28.14 -26.37
N ASN F 440 8.55 27.73 -26.64
CA ASN F 440 9.17 28.08 -27.92
C ASN F 440 9.75 26.95 -28.77
N ILE F 441 9.14 25.77 -28.73
CA ILE F 441 9.50 24.70 -29.62
C ILE F 441 8.24 24.16 -30.28
N ASP F 442 8.29 23.97 -31.61
CA ASP F 442 7.10 23.51 -32.34
C ASP F 442 6.68 22.10 -31.88
N PRO F 443 5.52 22.01 -31.20
CA PRO F 443 5.12 20.78 -30.54
C PRO F 443 4.73 19.71 -31.52
N LEU F 444 4.30 20.12 -32.71
CA LEU F 444 3.83 19.18 -33.71
C LEU F 444 4.86 18.86 -34.77
N ARG F 445 5.88 19.71 -34.91
CA ARG F 445 7.07 19.32 -35.67
C ARG F 445 7.73 18.12 -34.99
N PHE F 446 8.04 18.27 -33.70
CA PHE F 446 8.50 17.14 -32.90
C PHE F 446 7.26 16.45 -32.34
N GLY F 447 7.41 15.24 -31.82
CA GLY F 447 6.23 14.44 -31.47
C GLY F 447 5.61 14.73 -30.12
N LEU F 448 5.50 16.01 -29.77
CA LEU F 448 5.10 16.42 -28.44
C LEU F 448 3.59 16.39 -28.25
N LEU F 449 3.15 15.92 -27.09
CA LEU F 449 1.74 15.65 -26.86
C LEU F 449 1.11 16.51 -25.78
N PHE F 450 -0.03 17.12 -26.13
CA PHE F 450 -0.81 17.94 -25.21
C PHE F 450 -1.30 17.14 -24.01
N GLU F 451 -1.69 15.90 -24.27
CA GLU F 451 -2.31 15.03 -23.27
C GLU F 451 -1.33 14.63 -22.18
N ARG F 452 -0.03 14.74 -22.46
CA ARG F 452 0.97 14.47 -21.44
C ARG F 452 1.14 15.65 -20.50
N PHE F 453 0.80 16.84 -20.99
CA PHE F 453 0.82 18.06 -20.21
C PHE F 453 -0.43 18.22 -19.35
N LEU F 454 -1.59 18.32 -20.00
CA LEU F 454 -2.89 18.29 -19.33
C LEU F 454 -3.59 17.00 -19.72
N ASN F 455 -3.84 16.13 -18.76
CA ASN F 455 -4.62 14.94 -19.05
C ASN F 455 -6.09 15.33 -19.05
N PRO F 456 -6.75 15.27 -20.22
CA PRO F 456 -8.15 15.69 -20.32
C PRO F 456 -9.07 14.94 -19.37
N GLU F 457 -8.65 13.78 -18.90
CA GLU F 457 -9.50 12.91 -18.11
C GLU F 457 -9.22 12.92 -16.60
N ARG F 458 -8.49 13.93 -16.14
CA ARG F 458 -8.27 14.15 -14.71
C ARG F 458 -8.12 15.63 -14.40
N VAL F 459 -9.04 16.15 -13.58
CA VAL F 459 -8.99 17.55 -13.15
C VAL F 459 -7.84 17.75 -12.16
N SER F 460 -6.71 18.18 -12.70
CA SER F 460 -5.51 18.45 -11.91
C SER F 460 -4.79 19.67 -12.48
N MET F 461 -4.35 20.57 -11.59
CA MET F 461 -3.67 21.78 -12.00
C MET F 461 -2.31 21.49 -12.64
N PRO F 462 -2.07 22.07 -13.83
CA PRO F 462 -0.82 21.83 -14.53
C PRO F 462 0.30 22.66 -13.90
N ASP F 463 1.53 22.17 -14.01
CA ASP F 463 2.65 22.93 -13.50
C ASP F 463 3.43 23.46 -14.70
N ILE F 464 3.59 24.78 -14.79
CA ILE F 464 4.40 25.38 -15.86
C ILE F 464 5.66 26.02 -15.30
N ASP F 465 6.78 25.35 -15.49
CA ASP F 465 8.06 25.89 -15.08
C ASP F 465 8.69 26.56 -16.29
N THR F 466 9.46 27.62 -16.04
CA THR F 466 10.08 28.43 -17.09
C THR F 466 11.53 28.76 -16.76
N ASP F 467 12.41 28.69 -17.77
CA ASP F 467 13.79 29.09 -17.57
C ASP F 467 13.98 30.53 -18.02
N PHE F 468 14.77 31.28 -17.25
CA PHE F 468 15.15 32.63 -17.62
C PHE F 468 16.64 32.78 -17.55
N SER F 469 17.15 33.83 -18.19
CA SER F 469 18.53 34.25 -17.99
C SER F 469 18.78 34.40 -16.49
N ASP F 470 19.80 33.71 -15.97
CA ASP F 470 20.05 33.72 -14.52
C ASP F 470 20.37 35.12 -13.95
N ARG F 471 20.81 36.02 -14.82
CA ARG F 471 21.13 37.39 -14.45
C ARG F 471 19.84 38.16 -14.19
N GLU F 472 18.84 37.92 -15.01
CA GLU F 472 17.63 38.72 -15.07
C GLU F 472 16.40 38.12 -14.39
N ARG F 473 16.47 36.85 -14.02
CA ARG F 473 15.33 36.15 -13.42
C ARG F 473 14.61 36.96 -12.34
N ASP F 474 15.37 37.55 -11.43
CA ASP F 474 14.84 38.39 -10.36
C ASP F 474 13.94 39.55 -10.86
N ARG F 475 14.30 40.13 -12.01
CA ARG F 475 13.51 41.20 -12.63
C ARG F 475 12.11 40.73 -13.02
N VAL F 476 12.03 39.47 -13.46
CA VAL F 476 10.77 38.84 -13.84
C VAL F 476 9.90 38.63 -12.60
N ILE F 477 10.50 38.13 -11.52
CA ILE F 477 9.83 37.97 -10.23
C ILE F 477 9.31 39.33 -9.75
N GLN F 478 10.15 40.34 -9.90
CA GLN F 478 9.81 41.72 -9.55
C GLN F 478 8.66 42.27 -10.38
N TYR F 479 8.62 41.93 -11.66
CA TYR F 479 7.49 42.30 -12.50
C TYR F 479 6.21 41.75 -11.89
N VAL F 480 6.20 40.46 -11.60
CA VAL F 480 5.07 39.78 -10.98
C VAL F 480 4.69 40.44 -9.66
N ARG F 481 5.68 40.66 -8.80
CA ARG F 481 5.44 41.30 -7.49
C ARG F 481 4.63 42.59 -7.64
N GLU F 482 5.05 43.45 -8.57
CA GLU F 482 4.38 44.71 -8.84
C GLU F 482 3.02 44.50 -9.48
N ARG F 483 2.95 43.55 -10.42
CA ARG F 483 1.77 43.32 -11.23
C ARG F 483 0.64 42.64 -10.45
N TYR F 484 0.98 41.72 -9.56
CA TYR F 484 -0.05 40.98 -8.83
C TYR F 484 -0.24 41.41 -7.38
N GLY F 485 0.65 42.29 -6.90
CA GLY F 485 0.55 42.80 -5.54
C GLY F 485 1.66 42.32 -4.63
N GLU F 486 2.20 43.24 -3.86
CA GLU F 486 3.32 42.95 -2.96
C GLU F 486 2.93 41.98 -1.86
N ASP F 487 1.64 41.98 -1.50
CA ASP F 487 1.13 41.15 -0.41
C ASP F 487 0.64 39.79 -0.92
N LYS F 488 0.81 39.55 -2.21
CA LYS F 488 0.29 38.35 -2.86
C LYS F 488 1.36 37.51 -3.53
N VAL F 489 2.58 38.02 -3.61
CA VAL F 489 3.65 37.31 -4.28
C VAL F 489 4.85 37.10 -3.36
N ALA F 490 5.25 35.84 -3.19
CA ALA F 490 6.47 35.49 -2.46
C ALA F 490 7.12 34.25 -3.06
N GLN F 491 8.41 34.08 -2.78
CA GLN F 491 9.14 32.88 -3.18
C GLN F 491 8.95 31.82 -2.11
N ILE F 492 7.30 31.05 -2.60
CA ILE F 492 7.22 29.85 -1.75
C ILE F 492 8.56 29.54 -1.06
N GLY F 493 8.50 29.17 0.23
CA GLY F 493 9.70 28.85 1.01
C GLY F 493 10.19 27.44 0.78
N THR F 494 11.46 27.20 1.10
CA THR F 494 12.09 25.88 0.94
C THR F 494 12.86 25.53 2.19
N PHE F 495 12.90 24.23 2.52
CA PHE F 495 13.57 23.76 3.73
C PHE F 495 14.49 22.59 3.46
N GLY F 496 14.20 21.45 4.37
CA GLY F 496 15.34 20.60 4.09
C GLY F 496 15.57 19.50 5.13
N SER F 497 15.79 18.28 4.64
CA SER F 497 16.13 17.14 5.47
C SER F 497 17.62 17.14 5.79
N LEU F 498 18.00 16.48 6.88
CA LEU F 498 19.41 16.33 7.21
C LEU F 498 19.98 15.15 6.41
N ALA F 499 20.90 15.45 5.50
CA ALA F 499 21.54 14.43 4.67
C ALA F 499 22.53 13.58 5.47
N SER F 500 22.53 12.29 5.19
CA SER F 500 23.38 11.32 5.88
C SER F 500 24.84 11.75 5.98
N LYS F 501 25.40 12.24 4.86
CA LYS F 501 26.76 12.76 4.83
C LYS F 501 26.94 13.98 5.74
N ALA F 502 26.09 14.99 5.52
CA ALA F 502 26.13 16.22 6.30
C ALA F 502 25.95 15.94 7.79
N ALA F 503 25.10 14.97 8.11
CA ALA F 503 24.84 14.57 9.50
C ALA F 503 26.11 14.07 10.17
N LEU F 504 26.84 13.18 9.49
CA LEU F 504 28.13 12.67 9.97
C LEU F 504 29.15 13.75 10.25
N LYS F 505 29.27 14.71 9.34
CA LYS F 505 30.21 15.81 9.49
C LYS F 505 29.89 16.71 10.69
N ASP F 506 28.61 17.10 10.80
CA ASP F 506 28.16 17.97 11.87
C ASP F 506 28.39 17.36 13.25
N VAL F 507 28.11 16.07 13.38
CA VAL F 507 28.32 15.33 14.61
C VAL F 507 29.81 15.20 14.92
N ALA F 508 30.59 14.84 13.90
CA ALA F 508 32.04 14.67 14.02
C ALA F 508 32.75 15.93 14.49
N ARG F 509 32.31 17.09 14.00
CA ARG F 509 32.81 18.38 14.47
C ARG F 509 32.69 18.43 15.98
N VAL F 510 31.46 18.28 16.47
CA VAL F 510 31.13 18.37 17.88
C VAL F 510 32.05 17.48 18.73
N TYR F 511 32.27 16.25 18.29
CA TYR F 511 33.07 15.30 19.05
C TYR F 511 34.58 15.56 19.04
N GLY F 512 34.97 16.72 18.51
CA GLY F 512 36.38 17.12 18.45
C GLY F 512 37.23 16.22 17.58
N ILE F 513 36.72 15.91 16.39
CA ILE F 513 37.42 15.08 15.42
C ILE F 513 37.95 15.96 14.29
N PRO F 514 39.24 15.77 13.92
CA PRO F 514 39.86 16.50 12.80
C PRO F 514 39.09 16.34 11.48
N HIS F 515 38.82 17.47 10.83
CA HIS F 515 38.02 17.56 9.59
C HIS F 515 38.33 16.46 8.57
N LYS F 516 39.62 16.20 8.36
CA LYS F 516 40.09 15.31 7.32
C LYS F 516 39.64 13.85 7.48
N LYS F 517 39.90 13.25 8.65
CA LYS F 517 39.51 11.86 8.90
C LYS F 517 38.01 11.68 8.97
N ALA F 518 37.31 12.78 9.24
CA ALA F 518 35.86 12.82 9.19
C ALA F 518 35.38 12.78 7.74
N GLU F 519 36.07 13.52 6.88
CA GLU F 519 35.76 13.55 5.45
C GLU F 519 35.94 12.18 4.78
N GLU F 520 36.86 11.39 5.30
CA GLU F 520 37.10 10.03 4.82
C GLU F 520 35.97 9.09 5.24
N LEU F 521 35.38 9.38 6.40
CA LEU F 521 34.24 8.62 6.90
C LEU F 521 32.98 8.91 6.10
N ALA F 522 32.85 10.16 5.64
CA ALA F 522 31.70 10.60 4.86
C ALA F 522 31.68 10.04 3.43
N LYS F 523 32.88 9.76 2.90
CA LYS F 523 33.03 9.23 1.54
C LYS F 523 32.80 7.72 1.45
N LEU F 524 32.61 7.08 2.61
CA LEU F 524 32.32 5.65 2.69
C LEU F 524 30.86 5.37 2.35
N ILE F 525 30.00 6.37 2.52
CA ILE F 525 28.58 6.23 2.30
C ILE F 525 28.26 6.31 0.81
N PRO F 526 27.52 5.31 0.27
CA PRO F 526 27.17 5.25 -1.15
C PRO F 526 26.21 6.34 -1.60
N VAL F 527 26.29 6.71 -2.88
CA VAL F 527 25.40 7.69 -3.49
C VAL F 527 24.68 6.99 -4.66
N GLN F 528 23.41 6.68 -4.49
CA GLN F 528 22.70 5.88 -5.49
C GLN F 528 21.87 6.68 -6.51
N PHE F 529 21.39 7.86 -6.11
CA PHE F 529 20.73 8.76 -7.05
C PHE F 529 20.86 10.20 -6.58
N GLY F 530 21.97 10.82 -6.95
CA GLY F 530 22.26 12.20 -6.58
C GLY F 530 22.62 12.37 -5.11
N LYS F 531 21.69 11.99 -4.24
CA LYS F 531 21.85 12.13 -2.78
C LYS F 531 22.35 10.83 -2.12
N PRO F 532 23.09 10.96 -1.00
CA PRO F 532 23.63 9.82 -0.25
C PRO F 532 22.59 8.85 0.31
N LYS F 533 23.04 7.70 0.70
CA LYS F 533 22.19 6.71 1.37
C LYS F 533 22.24 6.95 2.87
N PRO F 534 21.09 6.47 3.62
CA PRO F 534 21.02 6.45 5.11
C PRO F 534 22.19 5.72 5.77
N LEU F 535 22.39 5.98 7.08
CA LEU F 535 23.39 5.25 7.85
C LEU F 535 22.91 3.82 8.16
N GLN F 536 21.62 3.66 8.53
CA GLN F 536 21.04 2.32 8.72
C GLN F 536 21.54 1.28 7.67
N GLU F 537 21.34 1.59 6.37
CA GLU F 537 21.94 0.85 5.24
C GLU F 537 23.46 0.97 5.30
N ALA F 538 24.02 1.80 4.39
CA ALA F 538 25.54 2.27 4.65
C ALA F 538 26.45 1.65 5.72
N PHE F 539 26.32 0.32 5.87
CA PHE F 539 26.72 -0.44 7.10
C PHE F 539 26.43 -1.90 6.72
N GLU F 540 25.35 -2.04 5.94
CA GLU F 540 25.08 -3.24 5.13
C GLU F 540 25.88 -3.11 3.80
N ALA F 541 25.69 -1.94 3.14
CA ALA F 541 26.29 -1.71 1.81
C ALA F 541 27.80 -1.41 1.85
N GLU F 542 28.31 -0.96 3.01
CA GLU F 542 29.76 -0.74 3.15
C GLU F 542 30.34 -1.61 4.29
N PRO F 543 31.12 -2.65 3.92
CA PRO F 543 31.82 -3.54 4.90
C PRO F 543 32.82 -2.82 5.83
N GLU F 544 33.20 -1.58 5.45
CA GLU F 544 34.14 -0.80 6.25
C GLU F 544 33.52 0.25 7.19
N LEU F 545 32.23 0.52 6.90
CA LEU F 545 31.36 1.24 7.86
C LEU F 545 30.64 0.21 8.75
N ARG F 546 31.36 -0.86 9.06
CA ARG F 546 30.86 -1.91 9.94
C ARG F 546 32.02 -2.45 10.75
N ALA F 547 33.24 -2.14 10.30
CA ALA F 547 34.45 -2.55 10.99
C ALA F 547 35.09 -1.36 11.69
N GLU F 548 35.29 -0.28 10.94
CA GLU F 548 35.85 0.94 11.51
C GLU F 548 35.40 1.08 12.95
N MET F 549 34.20 1.62 13.15
CA MET F 549 33.60 1.70 14.50
C MET F 549 34.38 0.89 15.53
N GLU F 550 34.83 -0.43 15.11
CA GLU F 550 35.55 -1.33 16.00
C GLU F 550 36.84 -0.74 16.57
N LYS F 551 37.55 0.02 15.74
CA LYS F 551 38.83 0.63 16.14
C LYS F 551 38.64 1.65 17.27
N ASP F 552 37.99 2.76 16.96
CA ASP F 552 37.84 3.86 17.91
C ASP F 552 36.45 3.86 18.53
N GLU F 553 36.40 4.02 19.85
CA GLU F 553 35.13 4.15 20.57
C GLU F 553 34.47 5.52 20.37
N ARG F 554 35.29 6.52 20.05
CA ARG F 554 34.81 7.86 19.71
C ARG F 554 33.88 7.80 18.52
N ILE F 555 34.32 7.11 17.47
CA ILE F 555 33.57 7.01 16.22
C ILE F 555 32.36 6.08 16.35
N ARG F 556 32.39 5.19 17.35
CA ARG F 556 31.22 4.36 17.68
C ARG F 556 30.00 5.23 17.90
N GLN F 557 30.13 6.22 18.77
CA GLN F 557 29.05 7.15 19.04
C GLN F 557 28.71 7.92 17.76
N VAL F 558 29.68 8.66 17.23
CA VAL F 558 29.51 9.52 16.06
C VAL F 558 28.59 8.91 15.01
N ILE F 559 28.83 7.66 14.66
CA ILE F 559 28.04 6.97 13.63
C ILE F 559 26.61 6.65 14.10
N GLU F 560 26.47 6.16 15.32
CA GLU F 560 25.14 5.88 15.89
C GLU F 560 24.34 7.16 16.08
N VAL F 561 24.99 8.21 16.58
CA VAL F 561 24.36 9.51 16.82
C VAL F 561 23.88 10.13 15.49
N ALA F 562 24.71 10.05 14.46
CA ALA F 562 24.38 10.61 13.14
C ALA F 562 23.15 9.97 12.48
N MET F 563 22.91 8.69 12.78
CA MET F 563 21.71 8.01 12.25
C MET F 563 20.50 8.27 13.15
N ARG F 564 20.78 8.72 14.37
CA ARG F 564 19.73 9.10 15.31
C ARG F 564 19.25 10.50 14.97
N LEU F 565 20.10 11.27 14.28
CA LEU F 565 19.78 12.64 13.89
C LEU F 565 19.44 12.79 12.41
N GLU F 566 19.43 11.68 11.67
CA GLU F 566 19.30 11.73 10.21
C GLU F 566 18.01 12.38 9.72
N GLY F 567 16.86 11.91 10.24
CA GLY F 567 15.56 12.37 9.75
C GLY F 567 15.21 13.84 9.99
N LEU F 568 16.39 15.95 10.05
CA LEU F 568 16.28 17.35 10.46
C LEU F 568 16.48 18.37 9.34
N ASN F 569 16.13 19.62 9.63
CA ASN F 569 16.15 20.69 8.64
C ASN F 569 17.27 21.70 8.84
N ARG F 570 17.71 22.31 7.73
CA ARG F 570 18.66 23.42 7.77
C ARG F 570 17.94 24.72 8.16
N HIS F 571 17.90 25.69 7.24
CA HIS F 571 17.12 26.92 7.43
C HIS F 571 16.04 27.10 6.34
N ALA F 572 15.49 28.31 6.22
CA ALA F 572 14.40 28.59 5.30
C ALA F 572 14.77 29.52 4.15
N SER F 573 15.10 28.93 3.00
CA SER F 573 15.43 29.67 1.79
C SER F 573 14.18 30.03 1.01
N VAL F 574 14.33 30.95 0.06
CA VAL F 574 13.28 31.20 -0.92
C VAL F 574 13.46 30.15 -1.99
N HIS F 575 12.36 29.71 -2.59
CA HIS F 575 12.43 28.86 -3.77
C HIS F 575 12.79 29.75 -4.96
N ALA F 576 15.43 28.03 -5.11
CA ALA F 576 16.04 28.62 -6.30
C ALA F 576 15.02 28.95 -7.40
N ALA F 577 13.81 28.40 -7.29
CA ALA F 577 12.82 28.54 -8.35
C ALA F 577 11.41 28.87 -7.90
N GLY F 578 11.03 28.41 -6.71
CA GLY F 578 9.66 28.50 -6.23
C GLY F 578 9.12 29.92 -6.12
N VAL F 579 7.93 30.13 -6.65
CA VAL F 579 7.23 31.42 -6.55
C VAL F 579 5.74 31.16 -6.39
N VAL F 580 5.10 31.93 -5.54
CA VAL F 580 3.65 31.82 -5.36
C VAL F 580 2.99 33.13 -5.77
N ILE F 581 1.96 33.04 -6.59
CA ILE F 581 1.06 34.16 -6.78
C ILE F 581 -0.25 33.73 -6.17
N ALA F 582 -0.59 34.32 -5.04
CA ALA F 582 -1.85 34.01 -4.35
C ALA F 582 -2.97 34.90 -4.87
N ALA F 583 -4.22 34.48 -4.66
CA ALA F 583 -5.38 35.24 -5.11
C ALA F 583 -5.78 36.31 -4.11
N GLU F 584 -5.72 35.97 -2.82
CA GLU F 584 -5.97 36.90 -1.72
C GLU F 584 -4.68 37.18 -0.97
N PRO F 585 -4.65 38.22 -0.10
CA PRO F 585 -3.41 38.55 0.60
C PRO F 585 -2.78 37.32 1.23
N LEU F 586 -1.51 37.05 0.90
CA LEU F 586 -0.81 35.85 1.38
C LEU F 586 -1.01 35.57 2.87
N THR F 587 -0.84 36.60 3.68
CA THR F 587 -0.90 36.51 5.13
C THR F 587 -2.24 35.97 5.65
N ASP F 588 -3.21 35.84 4.75
CA ASP F 588 -4.52 35.28 5.09
C ASP F 588 -4.50 33.75 5.22
N LEU F 589 -3.44 33.12 4.73
CA LEU F 589 -3.41 31.66 4.68
C LEU F 589 -2.02 31.09 4.85
N VAL F 590 -1.02 31.84 4.39
CA VAL F 590 0.36 31.38 4.41
C VAL F 590 1.30 32.41 5.05
N PRO F 591 2.00 32.02 6.12
CA PRO F 591 2.93 32.92 6.83
C PRO F 591 4.18 33.20 6.01
N LEU F 592 4.76 34.40 6.21
CA LEU F 592 5.89 34.84 5.43
C LEU F 592 7.16 35.07 6.24
N MET F 593 8.24 35.29 5.50
CA MET F 593 9.57 35.58 6.02
C MET F 593 10.20 36.57 5.07
N ARG F 594 11.39 37.02 5.41
CA ARG F 594 12.20 37.78 4.49
C ARG F 594 13.61 37.31 4.69
N ASP F 595 14.23 36.79 3.63
CA ASP F 595 15.58 36.26 3.71
C ASP F 595 16.62 37.37 3.84
N GLN F 596 17.90 37.01 3.77
CA GLN F 596 18.97 37.96 4.06
C GLN F 596 19.15 39.00 2.96
N GLU F 597 18.70 38.67 1.76
CA GLU F 597 18.75 39.57 0.63
C GLU F 597 17.45 40.34 0.44
N GLY F 598 16.52 40.23 1.39
CA GLY F 598 15.27 40.96 1.32
C GLY F 598 14.16 40.31 0.50
N ARG F 599 14.37 39.06 0.11
CA ARG F 599 13.36 38.30 -0.62
C ARG F 599 12.21 37.92 0.32
N PRO F 600 10.96 38.16 -0.12
CA PRO F 600 9.84 37.69 0.69
C PRO F 600 9.66 36.19 0.47
N VAL F 601 9.67 35.43 1.56
CA VAL F 601 9.66 33.98 1.50
C VAL F 601 8.54 33.36 2.31
N THR F 602 7.93 32.33 1.75
CA THR F 602 6.90 31.52 2.38
C THR F 602 7.48 30.69 3.54
N GLN F 603 6.76 30.62 4.65
CA GLN F 603 7.19 29.77 5.77
C GLN F 603 6.87 28.29 5.57
N TYR F 604 5.99 28.01 4.60
CA TYR F 604 5.62 26.65 4.24
C TYR F 604 6.47 26.21 3.04
N ASP F 605 6.71 24.91 2.90
CA ASP F 605 7.51 24.40 1.77
C ASP F 605 6.69 24.20 0.48
N MET F 606 7.39 23.81 -0.59
CA MET F 606 6.80 23.40 -1.88
C MET F 606 5.41 22.78 -1.75
N GLY F 607 5.38 21.64 -1.06
CA GLY F 607 4.20 20.78 -0.97
C GLY F 607 3.10 21.35 -0.12
N ALA F 608 3.45 21.83 1.07
CA ALA F 608 2.50 22.47 1.97
C ALA F 608 1.74 23.58 1.26
N VAL F 609 2.46 24.43 0.53
CA VAL F 609 1.85 25.52 -0.24
C VAL F 609 0.91 24.92 -1.27
N GLU F 610 1.39 23.94 -2.03
CA GLU F 610 0.57 23.32 -3.06
C GLU F 610 -0.64 22.58 -2.52
N ALA F 611 -0.52 22.02 -1.31
CA ALA F 611 -1.61 21.31 -0.66
C ALA F 611 -2.66 22.26 -0.08
N LEU F 612 -2.40 23.57 -0.16
CA LEU F 612 -3.40 24.58 0.22
C LEU F 612 -4.04 25.18 -1.03
N GLY F 613 -3.76 24.56 -2.17
CA GLY F 613 -4.31 24.97 -3.47
C GLY F 613 -3.94 26.39 -3.83
N LEU F 614 -2.64 26.65 -3.92
CA LEU F 614 -2.16 27.96 -4.33
C LEU F 614 -1.37 27.85 -5.60
N LEU F 615 -1.45 28.87 -6.43
CA LEU F 615 -0.77 28.88 -7.71
C LEU F 615 0.74 29.01 -7.51
N LYS F 616 1.46 27.93 -7.84
CA LYS F 616 2.90 27.91 -7.70
C LYS F 616 3.56 27.72 -9.07
N MET F 617 4.54 28.58 -9.35
CA MET F 617 5.31 28.56 -10.59
C MET F 617 6.76 28.26 -10.23
N ASP F 618 7.56 27.92 -11.24
CA ASP F 618 9.01 27.90 -11.09
C ASP F 618 9.63 28.86 -12.07
N PHE F 619 10.44 29.79 -11.55
CA PHE F 619 11.25 30.66 -12.37
C PHE F 619 12.66 30.19 -12.11
N LEU F 620 13.23 29.44 -13.05
CA LEU F 620 14.59 28.94 -12.92
C LEU F 620 15.62 29.87 -13.53
N GLY F 621 16.72 30.07 -12.82
CA GLY F 621 17.87 30.80 -13.37
C GLY F 621 18.71 29.83 -14.17
N LEU F 622 18.73 30.01 -15.11
CA LEU F 622 19.51 29.12 -15.95
C LEU F 622 20.81 29.79 -16.44
N ARG F 623 21.95 29.18 -16.14
CA ARG F 623 23.25 29.69 -16.61
C ARG F 623 23.34 29.87 -18.10
N THR F 624 23.02 28.81 -18.84
CA THR F 624 23.17 28.82 -20.29
C THR F 624 22.53 30.05 -20.93
N LEU F 625 21.34 30.44 -20.47
CA LEU F 625 20.67 31.64 -20.94
C LEU F 625 21.51 32.91 -20.74
N THR F 626 21.98 33.14 -19.52
CA THR F 626 22.88 34.24 -19.19
C THR F 626 24.13 34.24 -20.07
N PHE F 627 24.63 33.05 -20.39
CA PHE F 627 25.81 32.89 -21.26
C PHE F 627 25.48 33.28 -22.71
N LEU F 628 24.33 32.86 -23.20
CA LEU F 628 23.94 33.15 -24.56
C LEU F 628 23.71 34.65 -24.78
N ASP F 629 23.48 35.38 -23.70
CA ASP F 629 23.33 36.83 -23.77
C ASP F 629 24.65 37.53 -24.01
N GLU F 630 25.64 37.25 -23.18
CA GLU F 630 26.98 37.81 -23.33
C GLU F 630 27.61 37.43 -24.67
N ALA F 631 27.32 36.22 -25.12
CA ALA F 631 27.77 35.77 -26.43
C ALA F 631 27.23 36.72 -27.51
N ARG F 632 25.91 36.93 -27.52
CA ARG F 632 25.27 37.81 -28.49
C ARG F 632 25.83 39.24 -28.41
N ARG F 633 26.02 39.72 -27.19
CA ARG F 633 26.57 41.05 -26.96
C ARG F 633 27.98 41.15 -27.54
N ILE F 634 28.83 40.19 -27.20
CA ILE F 634 30.22 40.22 -27.64
C ILE F 634 30.36 40.06 -29.16
N VAL F 635 29.59 39.15 -29.73
CA VAL F 635 29.52 38.95 -31.17
C VAL F 635 29.18 40.26 -31.90
N LYS F 636 28.14 40.94 -31.42
CA LYS F 636 27.69 42.20 -32.00
C LYS F 636 28.86 43.18 -32.03
N GLU F 637 29.47 43.41 -30.88
CA GLU F 637 30.57 44.37 -30.78
C GLU F 637 31.81 43.93 -31.57
N SER F 638 32.02 42.62 -31.68
CA SER F 638 33.21 42.08 -32.35
C SER F 638 33.12 42.24 -33.87
N LYS F 639 32.01 41.78 -34.45
CA LYS F 639 31.85 41.77 -35.91
C LYS F 639 30.52 42.29 -36.49
N GLY F 640 29.74 42.99 -35.68
CA GLY F 640 28.52 43.64 -36.15
C GLY F 640 27.34 42.70 -36.42
N VAL F 641 27.55 41.42 -36.15
CA VAL F 641 26.53 40.40 -36.40
C VAL F 641 25.46 40.39 -35.31
N GLU F 642 24.21 40.45 -35.72
CA GLU F 642 23.09 40.32 -34.79
C GLU F 642 22.63 38.87 -34.68
N LEU F 643 23.08 38.19 -33.63
CA LEU F 643 22.68 36.81 -33.37
C LEU F 643 21.24 36.71 -32.88
N ASP F 644 20.36 36.27 -33.77
CA ASP F 644 18.96 36.12 -33.44
C ASP F 644 18.65 34.65 -33.19
N TYR F 645 18.96 34.16 -31.99
CA TYR F 645 18.84 32.74 -31.66
C TYR F 645 17.56 32.05 -32.14
N ASP F 646 16.45 32.76 -32.06
CA ASP F 646 15.14 32.19 -32.38
C ASP F 646 14.83 32.24 -33.88
N ARG F 647 15.87 32.46 -34.68
CA ARG F 647 15.74 32.57 -36.13
C ARG F 647 16.86 31.82 -36.83
N LEU F 648 17.65 31.07 -36.07
CA LEU F 648 18.77 30.32 -36.61
C LEU F 648 18.29 29.09 -37.36
N PRO F 649 18.98 28.72 -38.47
CA PRO F 649 18.69 27.43 -39.12
C PRO F 649 19.14 26.26 -38.22
N LEU F 650 18.33 25.22 -38.21
CA LEU F 650 18.53 24.10 -37.29
C LEU F 650 19.23 22.94 -37.98
N ASP F 651 19.73 23.20 -39.19
CA ASP F 651 20.41 22.19 -39.99
C ASP F 651 21.78 22.69 -40.46
N ASP F 652 22.42 23.49 -39.63
CA ASP F 652 23.75 24.05 -39.96
C ASP F 652 24.84 22.99 -39.84
N PRO F 653 25.54 22.71 -40.95
CA PRO F 653 26.56 21.65 -40.98
C PRO F 653 27.68 21.84 -39.96
N LYS F 654 28.33 22.99 -39.96
CA LYS F 654 29.50 23.23 -39.09
C LYS F 654 29.24 23.07 -37.59
N THR F 655 27.96 23.16 -37.19
CA THR F 655 27.56 22.91 -35.80
C THR F 655 27.62 21.42 -35.47
N PHE F 656 26.98 20.61 -36.30
CA PHE F 656 26.95 19.17 -36.07
C PHE F 656 28.33 18.52 -36.22
N GLU F 657 29.13 19.04 -37.15
CA GLU F 657 30.51 18.57 -37.36
C GLU F 657 31.35 18.78 -36.10
N LEU F 658 31.08 19.87 -35.37
CA LEU F 658 31.79 20.18 -34.13
C LEU F 658 31.38 19.23 -33.00
N LEU F 659 30.08 18.96 -32.91
CA LEU F 659 29.59 17.99 -31.93
C LEU F 659 30.12 16.60 -32.27
N SER F 660 30.16 16.28 -33.55
CA SER F 660 30.71 15.02 -34.03
C SER F 660 32.18 14.87 -33.69
N ARG F 661 32.92 15.98 -33.68
CA ARG F 661 34.32 15.98 -33.28
C ARG F 661 34.48 15.85 -31.78
N GLY F 662 33.35 15.98 -31.06
CA GLY F 662 33.34 15.86 -29.59
C GLY F 662 33.92 17.06 -28.87
N GLU F 663 33.81 18.23 -29.50
CA GLU F 663 34.29 19.48 -28.92
C GLU F 663 33.17 20.16 -28.12
N THR F 664 32.68 19.43 -27.14
CA THR F 664 31.53 19.80 -26.31
C THR F 664 31.91 20.64 -25.09
N LYS F 665 33.13 21.17 -25.10
CA LYS F 665 33.73 21.83 -23.93
C LYS F 665 32.81 22.77 -23.15
N GLY F 666 32.06 23.64 -23.85
CA GLY F 666 31.18 24.59 -23.17
C GLY F 666 29.73 24.47 -23.61
N VAL F 667 29.38 23.29 -24.10
CA VAL F 667 28.09 23.06 -24.74
C VAL F 667 27.04 22.46 -23.81
N PHE F 668 25.97 23.25 -23.62
CA PHE F 668 24.90 22.93 -22.68
C PHE F 668 24.41 21.52 -22.81
N GLN F 669 24.21 20.89 -21.66
CA GLN F 669 23.59 19.57 -21.54
C GLN F 669 24.54 18.41 -21.82
N LEU F 670 25.51 18.59 -22.71
CA LEU F 670 26.36 17.46 -23.07
C LEU F 670 27.86 17.63 -22.80
N GLU F 671 28.20 17.82 -21.53
CA GLU F 671 29.57 18.11 -21.11
C GLU F 671 30.22 17.01 -20.26
N SER F 672 29.42 15.99 -19.91
CA SER F 672 29.91 14.87 -19.11
C SER F 672 31.00 14.15 -19.88
N GLY F 673 31.99 13.63 -19.16
CA GLY F 673 33.03 12.83 -19.78
C GLY F 673 32.43 11.81 -20.74
N GLY F 674 31.57 10.95 -20.19
CA GLY F 674 30.92 9.89 -20.98
C GLY F 674 30.08 10.42 -22.13
N MET F 675 29.26 11.43 -21.83
CA MET F 675 28.41 12.02 -22.84
C MET F 675 29.23 12.52 -24.04
N THR F 676 30.33 13.21 -23.76
CA THR F 676 31.24 13.71 -24.79
C THR F 676 31.71 12.60 -25.71
N ALA F 677 32.15 11.48 -25.13
CA ALA F 677 32.54 10.32 -25.90
C ALA F 677 31.40 9.81 -26.79
N THR F 678 30.19 9.73 -26.20
CA THR F 678 29.03 9.22 -26.93
C THR F 678 28.69 10.07 -28.16
N VAL F 679 28.79 11.39 -28.03
CA VAL F 679 28.50 12.29 -29.16
C VAL F 679 29.51 12.07 -30.29
N ARG F 680 30.78 11.93 -29.94
CA ARG F 680 31.84 11.59 -30.91
C ARG F 680 31.55 10.27 -31.62
N GLY F 681 30.94 9.33 -30.88
CA GLY F 681 30.61 8.03 -31.41
C GLY F 681 29.41 8.11 -32.34
N LEU F 682 28.37 8.81 -31.88
CA LEU F 682 27.13 8.92 -32.63
C LEU F 682 27.30 9.72 -33.91
N LYS F 683 28.02 10.85 -33.81
CA LYS F 683 28.21 11.79 -34.93
C LYS F 683 26.86 12.33 -35.42
N PRO F 684 26.18 13.13 -34.59
CA PRO F 684 24.81 13.58 -34.88
C PRO F 684 24.79 14.49 -36.11
N ARG F 685 23.73 14.40 -36.91
CA ARG F 685 23.63 15.19 -38.15
C ARG F 685 22.44 16.14 -38.18
N ARG F 686 21.45 15.87 -37.33
CA ARG F 686 20.26 16.74 -37.23
C ARG F 686 19.92 16.92 -35.75
N LEU F 687 19.08 17.91 -35.46
CA LEU F 687 18.76 18.23 -34.07
C LEU F 687 18.16 17.02 -33.34
N GLU F 688 17.37 16.23 -34.06
CA GLU F 688 16.70 15.07 -33.49
C GLU F 688 17.65 14.04 -32.89
N ASP F 689 18.88 14.03 -33.38
CA ASP F 689 19.91 13.18 -32.81
C ASP F 689 20.26 13.65 -31.40
N ILE F 690 20.38 14.96 -31.22
CA ILE F 690 20.66 15.52 -29.90
C ILE F 690 19.51 15.19 -28.94
N ILE F 691 18.28 15.40 -29.40
CA ILE F 691 17.09 15.13 -28.60
C ILE F 691 17.11 13.69 -28.06
N ALA F 692 17.34 12.72 -28.96
CA ALA F 692 17.35 11.30 -28.61
C ALA F 692 18.56 10.92 -27.77
N LEU F 693 19.69 11.56 -28.04
CA LEU F 693 20.90 11.24 -27.31
C LEU F 693 20.74 11.65 -25.86
N VAL F 694 20.21 12.86 -25.63
CA VAL F 694 20.04 13.40 -24.29
C VAL F 694 19.00 12.60 -23.52
N SER F 695 17.98 12.12 -24.24
CA SER F 695 16.91 11.34 -23.63
C SER F 695 17.39 9.95 -23.18
N LEU F 696 18.24 9.33 -23.98
CA LEU F 696 18.68 7.95 -23.73
C LEU F 696 19.90 7.85 -22.83
N TYR F 697 20.72 8.91 -22.78
CA TYR F 697 21.95 8.85 -21.98
C TYR F 697 21.67 9.07 -20.50
N ARG F 698 21.38 7.96 -19.83
CA ARG F 698 21.11 7.92 -18.40
C ARG F 698 20.97 6.43 -18.03
N PRO F 699 21.29 6.07 -16.77
CA PRO F 699 21.17 4.67 -16.35
C PRO F 699 19.82 4.08 -16.75
N GLY F 700 21.38 2.78 -17.09
CA GLY F 700 20.16 2.08 -17.46
C GLY F 700 19.98 1.98 -18.97
N PRO F 701 19.33 2.99 -19.57
CA PRO F 701 19.23 2.98 -21.03
C PRO F 701 20.58 3.05 -21.75
N MET F 702 21.62 3.50 -21.05
CA MET F 702 22.99 3.56 -21.59
C MET F 702 23.31 2.41 -22.56
N GLU F 703 22.89 1.21 -22.17
CA GLU F 703 23.15 -0.01 -22.94
C GLU F 703 22.51 -0.05 -24.34
N HIS F 704 21.42 0.68 -24.53
CA HIS F 704 20.73 0.67 -25.82
C HIS F 704 21.47 1.48 -26.91
N ILE F 705 22.50 2.21 -26.51
CA ILE F 705 23.21 3.12 -27.43
C ILE F 705 24.04 2.41 -28.52
N PRO F 706 24.79 1.34 -28.16
CA PRO F 706 25.49 0.58 -29.19
C PRO F 706 24.56 0.08 -30.29
N THR F 707 23.41 -0.45 -29.88
CA THR F 707 22.38 -0.90 -30.82
C THR F 707 21.97 0.27 -31.71
N TYR F 708 21.66 1.40 -31.09
CA TYR F 708 21.29 2.63 -31.78
C TYR F 708 22.32 2.99 -32.85
N ILE F 709 23.59 2.94 -32.46
CA ILE F 709 24.72 3.31 -33.33
C ILE F 709 24.86 2.41 -34.58
N ARG F 710 24.87 1.09 -34.38
CA ARG F 710 25.01 0.16 -35.48
C ARG F 710 23.87 0.29 -36.48
N ARG F 711 22.67 0.57 -35.95
CA ARG F 711 21.48 0.80 -36.76
C ARG F 711 21.56 2.16 -37.44
N HIS F 712 22.03 3.16 -36.70
CA HIS F 712 22.25 4.49 -37.25
C HIS F 712 23.31 4.53 -38.36
N HIS F 713 24.37 3.74 -38.19
CA HIS F 713 25.40 3.60 -39.22
C HIS F 713 25.03 2.45 -40.16
N GLY F 714 23.10 2.22 -40.09
CA GLY F 714 22.55 1.12 -40.86
C GLY F 714 23.46 -0.09 -40.84
N GLN F 715 23.24 -0.98 -39.86
CA GLN F 715 24.07 -2.17 -39.73
C GLN F 715 23.60 -3.11 -38.62
N GLU F 716 22.34 -2.95 -38.20
CA GLU F 716 21.70 -3.84 -37.24
C GLU F 716 20.19 -3.74 -37.41
N PRO F 717 19.53 -4.88 -37.70
CA PRO F 717 18.08 -4.88 -37.83
C PRO F 717 17.37 -4.42 -36.56
N VAL F 718 16.24 -3.75 -36.75
CA VAL F 718 15.35 -3.33 -35.67
C VAL F 718 14.24 -4.38 -35.61
N SER F 719 14.31 -5.30 -34.64
CA SER F 719 13.34 -6.40 -34.59
C SER F 719 12.48 -6.42 -33.33
N TYR F 720 11.23 -6.85 -33.50
CA TYR F 720 10.26 -6.88 -32.42
C TYR F 720 9.75 -8.30 -32.24
N ALA F 721 10.64 -9.26 -32.48
CA ALA F 721 10.28 -10.69 -32.45
C ALA F 721 9.79 -11.17 -31.08
N GLU F 722 10.23 -10.49 -30.02
CA GLU F 722 9.87 -10.85 -28.65
C GLU F 722 8.43 -10.52 -28.31
N PHE F 723 7.79 -9.73 -29.18
CA PHE F 723 6.38 -9.39 -29.06
C PHE F 723 5.72 -9.42 -30.44
N PRO F 724 5.59 -10.63 -31.03
CA PRO F 724 5.07 -10.76 -32.40
C PRO F 724 3.65 -10.23 -32.57
N HIS F 725 2.81 -10.39 -31.55
CA HIS F 725 1.43 -9.93 -31.61
C HIS F 725 1.26 -8.45 -31.30
N ALA F 726 2.26 -7.87 -30.62
CA ALA F 726 2.24 -6.44 -30.26
C ALA F 726 2.94 -5.57 -31.31
N GLU F 727 3.67 -6.22 -32.21
CA GLU F 727 4.48 -5.54 -33.22
C GLU F 727 3.70 -4.48 -34.01
N LYS F 728 2.45 -4.80 -34.36
CA LYS F 728 1.59 -3.86 -35.08
C LYS F 728 1.36 -2.53 -34.36
N TYR F 729 1.60 -2.52 -33.05
CA TYR F 729 1.50 -1.28 -32.27
C TYR F 729 2.87 -0.68 -31.97
N LEU F 730 3.85 -1.55 -31.73
CA LEU F 730 5.20 -1.15 -31.35
C LEU F 730 5.94 -0.42 -32.47
N ARG F 731 5.88 -0.96 -33.69
CA ARG F 731 6.63 -0.39 -34.82
C ARG F 731 6.34 1.10 -35.03
N PRO F 732 5.06 1.47 -35.27
CA PRO F 732 4.76 2.87 -35.58
C PRO F 732 5.29 3.85 -34.53
N ILE F 733 5.37 3.38 -33.28
CA ILE F 733 5.83 4.21 -32.18
C ILE F 733 7.37 4.25 -32.11
N LEU F 734 7.99 3.07 -32.10
CA LEU F 734 9.42 2.95 -31.83
C LEU F 734 10.32 2.94 -33.07
N ASP F 735 9.73 2.98 -34.27
CA ASP F 735 10.54 3.03 -35.49
C ASP F 735 11.31 4.32 -35.55
N GLU F 736 10.62 5.44 -35.38
CA GLU F 736 11.27 6.76 -35.32
C GLU F 736 12.56 6.77 -34.50
N THR F 737 12.69 5.83 -33.55
CA THR F 737 13.81 5.84 -32.62
C THR F 737 14.49 4.46 -32.52
N TYR F 738 14.49 3.75 -33.65
CA TYR F 738 15.15 2.42 -33.81
C TYR F 738 14.81 1.39 -32.73
N GLY F 739 13.53 1.26 -32.43
CA GLY F 739 13.04 0.26 -31.47
C GLY F 739 13.20 0.60 -29.99
N ILE F 740 14.03 1.59 -29.69
CA ILE F 740 14.29 1.95 -28.29
C ILE F 740 13.22 2.90 -27.70
N PRO F 741 12.59 2.50 -26.57
CA PRO F 741 11.71 3.42 -25.84
C PRO F 741 12.54 4.48 -25.12
N VAL F 742 12.62 5.65 -25.73
CA VAL F 742 13.43 6.74 -25.26
C VAL F 742 12.55 7.75 -24.55
N TYR F 743 11.37 8.00 -25.12
CA TYR F 743 10.51 9.04 -24.64
C TYR F 743 9.38 8.50 -23.77
N GLN F 744 9.03 9.26 -22.74
CA GLN F 744 7.90 8.95 -21.91
C GLN F 744 6.64 8.82 -22.77
N GLU F 745 6.52 9.71 -23.74
CA GLU F 745 5.39 9.72 -24.66
C GLU F 745 5.29 8.39 -25.41
N GLN F 746 6.44 7.79 -25.72
CA GLN F 746 6.47 6.53 -26.44
C GLN F 746 5.85 5.42 -25.60
N ILE F 747 6.14 5.46 -24.30
CA ILE F 747 5.58 4.50 -23.36
C ILE F 747 4.06 4.71 -23.25
N MET F 748 3.64 5.95 -23.01
CA MET F 748 2.24 6.27 -22.89
C MET F 748 1.45 5.69 -24.06
N GLN F 749 1.96 5.91 -25.26
CA GLN F 749 1.28 5.44 -26.46
C GLN F 749 1.23 3.91 -26.51
N ILE F 750 2.35 3.26 -26.20
CA ILE F 750 2.42 1.80 -26.17
C ILE F 750 1.31 1.26 -25.28
N ALA F 751 1.28 1.74 -24.04
CA ALA F 751 0.30 1.32 -23.04
C ALA F 751 -1.13 1.71 -23.42
N SER F 752 -1.28 2.81 -24.16
CA SER F 752 -2.60 3.25 -24.56
C SER F 752 -3.17 2.44 -25.72
N GLN F 753 -2.29 1.94 -26.57
CA GLN F 753 -2.71 1.19 -27.75
C GLN F 753 -2.80 -0.31 -27.50
N VAL F 754 -1.79 -0.87 -26.83
CA VAL F 754 -1.77 -2.30 -26.52
C VAL F 754 -2.83 -2.67 -25.49
N ALA F 755 -2.88 -1.91 -24.40
CA ALA F 755 -3.81 -2.19 -23.31
C ALA F 755 -5.22 -1.60 -23.48
N GLY F 756 -5.35 -0.66 -24.41
CA GLY F 756 -6.62 0.02 -24.64
C GLY F 756 -6.84 1.17 -23.68
N TYR F 757 -5.82 1.47 -22.88
CA TYR F 757 -5.83 2.60 -21.94
C TYR F 757 -6.18 3.91 -22.62
N SER F 758 -6.84 4.80 -21.87
CA SER F 758 -6.94 6.20 -22.26
C SER F 758 -5.55 6.80 -22.19
N LEU F 759 -5.23 7.63 -23.18
CA LEU F 759 -3.91 8.25 -23.24
C LEU F 759 -3.60 9.01 -21.94
N GLY F 760 -4.65 9.59 -21.35
CA GLY F 760 -4.54 10.20 -20.02
C GLY F 760 -4.24 9.22 -18.90
N GLU F 761 -4.79 8.00 -19.00
CA GLU F 761 -4.53 6.95 -18.01
C GLU F 761 -3.11 6.45 -18.11
N ALA F 762 -2.61 6.33 -19.34
CA ALA F 762 -1.24 5.91 -19.57
C ALA F 762 -0.26 6.86 -18.88
N ASP F 763 -0.65 8.13 -18.79
CA ASP F 763 0.11 9.13 -18.05
C ASP F 763 0.19 8.71 -16.58
N LEU F 764 -0.98 8.48 -15.96
CA LEU F 764 -1.08 8.01 -14.58
C LEU F 764 -0.20 6.78 -14.36
N LEU F 765 -0.22 5.88 -15.35
CA LEU F 765 0.59 4.66 -15.33
C LEU F 765 2.07 4.98 -15.20
N ARG F 766 2.55 5.90 -16.06
CA ARG F 766 3.95 6.34 -16.01
C ARG F 766 4.33 6.95 -14.65
N ARG F 767 3.39 7.65 -14.02
CA ARG F 767 3.61 8.20 -12.68
C ARG F 767 3.76 7.06 -11.69
N ALA F 768 2.92 6.04 -11.83
CA ALA F 768 2.91 4.89 -10.95
C ALA F 768 4.13 3.99 -11.16
N MET F 769 4.67 3.98 -12.38
CA MET F 769 5.92 3.28 -12.68
C MET F 769 7.07 4.00 -11.96
N GLY F 770 6.97 5.34 -11.90
CA GLY F 770 7.99 6.18 -11.28
C GLY F 770 7.97 6.14 -9.76
N LYS F 771 6.77 6.11 -9.19
CA LYS F 771 6.60 5.98 -7.73
C LYS F 771 7.07 4.62 -7.22
N LYS F 772 6.94 3.61 -8.07
CA LYS F 772 7.31 2.22 -7.75
C LYS F 772 6.60 1.73 -6.48
N ARG F 773 5.30 2.03 -6.40
CA ARG F 773 4.50 1.69 -5.25
C ARG F 773 4.47 0.17 -5.04
N VAL F 774 5.04 -0.25 -3.92
CA VAL F 774 5.21 -1.67 -3.54
C VAL F 774 4.38 -2.67 -4.38
N GLU F 775 3.07 -2.71 -4.16
CA GLU F 775 2.20 -3.71 -4.78
C GLU F 775 1.00 -3.13 -5.54
N GLU F 776 0.86 -1.81 -5.51
CA GLU F 776 -0.15 -1.11 -6.29
C GLU F 776 0.17 -1.22 -7.80
N MET F 777 1.42 -1.58 -8.09
CA MET F 777 1.87 -1.85 -9.45
C MET F 777 1.19 -3.08 -10.05
N GLN F 778 0.87 -4.05 -9.19
CA GLN F 778 0.20 -5.28 -9.62
C GLN F 778 -1.26 -5.06 -10.04
N LYS F 779 -1.82 -3.92 -9.65
CA LYS F 779 -3.18 -3.54 -10.06
C LYS F 779 -3.20 -3.18 -11.55
N HIS F 780 -2.21 -2.40 -11.97
CA HIS F 780 -2.06 -1.99 -13.36
C HIS F 780 -1.68 -3.17 -14.25
N ARG F 781 -0.88 -4.08 -13.70
CA ARG F 781 -0.50 -5.31 -14.39
C ARG F 781 -1.70 -6.08 -14.90
N GLU F 782 -2.61 -6.41 -13.98
CA GLU F 782 -3.81 -7.17 -14.31
C GLU F 782 -4.68 -6.39 -15.30
N ARG F 783 -4.82 -5.09 -15.06
CA ARG F 783 -5.58 -4.20 -15.94
C ARG F 783 -4.95 -4.15 -17.34
N PHE F 784 -3.62 -4.14 -17.40
CA PHE F 784 -2.88 -4.14 -18.66
C PHE F 784 -3.18 -5.40 -19.46
N VAL F 785 -2.89 -6.56 -18.87
CA VAL F 785 -3.08 -7.87 -19.51
C VAL F 785 -4.52 -8.08 -20.00
N ARG F 786 -5.48 -7.69 -19.17
CA ARG F 786 -6.90 -7.67 -19.53
C ARG F 786 -7.11 -7.05 -20.92
N GLY F 787 -6.77 -5.77 -21.03
CA GLY F 787 -6.92 -5.02 -22.29
C GLY F 787 -6.00 -5.50 -23.39
N ALA F 788 -4.85 -6.05 -23.00
CA ALA F 788 -3.87 -6.59 -23.94
C ALA F 788 -4.42 -7.82 -24.67
N LYS F 789 -4.94 -8.79 -23.92
CA LYS F 789 -5.63 -9.93 -24.49
C LYS F 789 -6.75 -9.45 -25.40
N GLU F 790 -7.65 -8.66 -24.82
CA GLU F 790 -8.84 -8.13 -25.50
C GLU F 790 -8.52 -7.49 -26.84
N ARG F 791 -7.30 -6.99 -26.97
CA ARG F 791 -6.86 -6.34 -28.21
C ARG F 791 -6.14 -7.33 -29.12
N GLY F 792 -5.02 -7.87 -28.66
CA GLY F 792 -4.28 -8.84 -29.45
C GLY F 792 -3.44 -9.82 -28.65
N VAL F 793 -2.33 -9.31 -28.11
CA VAL F 793 -1.30 -10.13 -27.43
C VAL F 793 -1.83 -11.27 -26.54
N PRO F 794 -1.24 -12.47 -26.68
CA PRO F 794 -1.68 -13.70 -26.03
C PRO F 794 -1.50 -13.72 -24.51
N GLU F 795 -0.95 -12.63 -23.96
CA GLU F 795 -0.75 -12.40 -22.52
C GLU F 795 0.56 -12.97 -21.94
N GLU F 796 1.15 -13.94 -22.62
CA GLU F 796 2.53 -14.33 -22.35
C GLU F 796 3.44 -13.15 -22.69
N GLU F 797 3.16 -12.52 -23.82
CA GLU F 797 3.86 -11.31 -24.25
C GLU F 797 3.51 -10.16 -23.32
N ALA F 798 2.21 -9.98 -23.06
CA ALA F 798 1.73 -8.88 -22.25
C ALA F 798 2.54 -8.69 -20.96
N ASN F 799 2.60 -9.75 -20.14
CA ASN F 799 3.34 -9.71 -18.87
C ASN F 799 4.80 -9.31 -19.01
N ARG F 800 5.41 -9.72 -20.12
CA ARG F 800 6.82 -9.43 -20.37
C ARG F 800 6.98 -8.08 -21.09
N LEU F 801 5.92 -7.64 -21.76
CA LEU F 801 5.87 -6.34 -22.43
C LEU F 801 5.76 -5.26 -21.36
N PHE F 802 4.97 -5.55 -20.33
CA PHE F 802 4.87 -4.70 -19.14
C PHE F 802 6.22 -4.65 -18.44
N ASP F 803 6.95 -5.76 -18.47
CA ASP F 803 8.32 -5.82 -17.98
C ASP F 803 9.23 -4.86 -18.76
N MET F 804 9.02 -4.77 -20.07
CA MET F 804 9.80 -3.86 -20.89
C MET F 804 9.46 -2.41 -20.56
N LEU F 805 8.18 -2.14 -20.34
CA LEU F 805 7.74 -0.79 -19.97
C LEU F 805 8.35 -0.35 -18.65
N GLU F 806 8.17 -1.14 -17.60
CA GLU F 806 8.70 -0.78 -16.28
C GLU F 806 10.23 -0.62 -16.31
N ALA F 807 10.89 -1.26 -17.26
CA ALA F 807 12.33 -1.14 -17.42
C ALA F 807 12.73 0.20 -18.01
N PHE F 808 12.08 0.57 -19.11
CA PHE F 808 12.40 1.81 -19.83
C PHE F 808 11.74 3.07 -19.23
N ALA F 809 10.74 2.88 -18.37
CA ALA F 809 10.04 4.00 -17.75
C ALA F 809 10.87 4.68 -16.65
N ASN F 810 11.95 4.02 -16.21
CA ASN F 810 12.86 4.62 -15.25
C ASN F 810 13.64 5.78 -15.86
N TYR F 811 14.02 5.64 -17.12
CA TYR F 811 14.88 6.61 -17.79
C TYR F 811 14.18 7.24 -18.99
N GLY F 812 12.86 7.10 -19.04
CA GLY F 812 12.08 7.65 -20.14
C GLY F 812 12.11 9.15 -20.06
N PHE F 813 10.90 8.87 -22.30
CA PHE F 813 11.21 10.24 -21.91
C PHE F 813 10.22 11.28 -22.44
N ASN F 814 10.07 12.38 -21.72
CA ASN F 814 9.20 13.46 -22.17
C ASN F 814 9.91 14.24 -23.25
N LYS F 815 9.43 14.10 -24.49
CA LYS F 815 10.08 14.68 -25.66
C LYS F 815 10.03 16.22 -25.68
N SER F 816 8.91 16.77 -25.26
CA SER F 816 8.78 18.23 -25.25
C SER F 816 9.93 18.81 -24.44
N HIS F 817 10.14 18.28 -23.25
CA HIS F 817 11.24 18.78 -22.43
C HIS F 817 12.59 18.56 -23.10
N ALA F 818 12.80 17.37 -23.65
CA ALA F 818 14.04 17.05 -24.33
C ALA F 818 14.29 17.99 -25.51
N ALA F 819 13.28 18.16 -26.36
CA ALA F 819 13.42 18.98 -27.57
C ALA F 819 13.76 20.42 -27.23
N ALA F 820 12.98 21.01 -26.33
CA ALA F 820 13.20 22.39 -25.92
C ALA F 820 14.63 22.56 -25.42
N TYR F 821 15.07 21.71 -24.51
CA TYR F 821 16.42 21.86 -24.00
C TYR F 821 17.48 21.64 -25.09
N SER F 822 17.28 20.65 -25.94
CA SER F 822 18.21 20.35 -27.03
C SER F 822 18.57 21.59 -27.83
N LEU F 823 17.57 22.45 -28.05
CA LEU F 823 17.72 23.69 -28.80
C LEU F 823 18.78 24.60 -28.16
N LEU F 824 18.82 24.64 -26.83
CA LEU F 824 19.84 25.43 -26.15
C LEU F 824 21.22 24.84 -26.38
N SER F 825 21.31 23.51 -26.34
CA SER F 825 22.56 22.81 -26.67
C SER F 825 23.05 23.23 -28.06
N TYR F 826 22.17 23.11 -29.05
CA TYR F 826 22.47 23.51 -30.42
C TYR F 826 23.00 24.94 -30.45
N GLN F 827 22.20 25.85 -29.92
CA GLN F 827 22.54 27.26 -29.90
C GLN F 827 23.94 27.47 -29.33
N THR F 828 24.19 26.89 -28.17
CA THR F 828 25.53 26.90 -27.56
C THR F 828 26.60 26.44 -28.56
N ALA F 829 26.48 25.19 -29.02
CA ALA F 829 27.39 24.62 -30.02
C ALA F 829 27.55 25.47 -31.29
N TYR F 830 26.44 25.98 -31.82
CA TYR F 830 26.44 26.83 -33.01
C TYR F 830 27.34 28.06 -32.82
N VAL F 831 27.20 28.74 -31.69
CA VAL F 831 28.05 29.88 -31.37
C VAL F 831 29.52 29.45 -31.41
N LYS F 832 29.84 28.39 -30.66
CA LYS F 832 31.20 27.84 -30.59
C LYS F 832 31.75 27.42 -31.96
N ALA F 833 30.88 26.94 -32.84
CA ALA F 833 31.28 26.51 -34.17
C ALA F 833 31.69 27.71 -35.01
N HIS F 834 30.86 28.75 -34.98
CA HIS F 834 31.01 29.90 -35.85
C HIS F 834 31.76 31.10 -35.24
N TYR F 835 31.94 31.46 -34.31
CA TYR F 835 32.62 32.58 -33.66
C TYR F 835 33.36 32.09 -32.43
N PRO F 836 34.35 32.44 -33.07
CA PRO F 836 34.83 31.33 -32.23
C PRO F 836 35.59 31.76 -30.98
N VAL F 837 36.36 32.84 -31.07
CA VAL F 837 37.17 33.31 -29.94
C VAL F 837 36.29 33.93 -28.87
N GLU F 838 35.44 34.86 -29.29
CA GLU F 838 34.51 35.51 -28.37
C GLU F 838 33.58 34.48 -27.74
N PHE F 839 33.11 33.53 -28.55
CA PHE F 839 32.34 32.38 -28.04
C PHE F 839 33.05 31.78 -26.83
N MET F 840 34.33 31.44 -26.98
CA MET F 840 35.10 30.81 -25.91
C MET F 840 35.30 31.72 -24.72
N ALA F 841 35.55 33.00 -24.99
CA ALA F 841 35.68 34.01 -23.95
C ALA F 841 34.36 34.23 -23.19
N ALA F 842 33.24 33.99 -23.86
CA ALA F 842 31.95 34.11 -23.21
C ALA F 842 31.73 32.88 -22.34
N LEU F 843 32.16 31.71 -22.83
CA LEU F 843 32.07 30.49 -22.03
C LEU F 843 32.88 30.64 -20.76
N LEU F 844 34.05 31.26 -20.88
CA LEU F 844 34.89 31.55 -19.73
C LEU F 844 34.19 32.56 -18.80
N SER F 845 33.79 33.69 -19.36
CA SER F 845 33.09 34.72 -18.60
C SER F 845 31.91 34.17 -17.79
N VAL F 846 31.04 33.38 -18.43
CA VAL F 846 29.82 32.92 -17.80
C VAL F 846 30.07 32.00 -16.61
N GLU F 847 31.16 31.23 -16.66
CA GLU F 847 31.48 30.33 -15.55
C GLU F 847 32.78 30.73 -14.87
N ARG F 848 33.01 32.03 -14.77
CA ARG F 848 34.28 32.55 -14.26
C ARG F 848 34.55 32.20 -12.78
N HIS F 849 33.49 31.92 -12.02
CA HIS F 849 33.63 31.63 -10.59
C HIS F 849 33.88 30.15 -10.29
N ASP F 850 33.89 29.32 -11.33
CA ASP F 850 34.15 27.90 -11.21
C ASP F 850 35.58 27.59 -11.68
N SER F 851 36.47 27.33 -10.72
CA SER F 851 37.88 27.09 -11.03
C SER F 851 38.08 25.86 -11.91
N ASP F 852 37.26 24.83 -11.70
CA ASP F 852 37.30 23.58 -12.49
C ASP F 852 36.89 23.79 -13.93
N LYS F 853 35.77 24.47 -14.14
CA LYS F 853 35.28 24.80 -15.47
C LYS F 853 36.23 25.75 -16.20
N VAL F 854 36.68 26.81 -15.51
CA VAL F 854 37.62 27.77 -16.08
C VAL F 854 38.85 27.04 -16.61
N ALA F 855 39.42 26.15 -15.78
CA ALA F 855 40.54 25.30 -16.16
C ALA F 855 40.20 24.54 -17.42
N GLU F 856 39.02 23.91 -17.42
CA GLU F 856 38.54 23.09 -18.54
C GLU F 856 38.42 23.92 -19.82
N TYR F 857 37.71 25.03 -19.76
CA TYR F 857 37.52 25.92 -20.92
C TYR F 857 38.83 26.45 -21.49
N ILE F 858 39.78 26.73 -20.60
CA ILE F 858 41.11 27.16 -21.04
C ILE F 858 41.78 26.05 -21.85
N ARG F 859 41.75 24.81 -21.34
CA ARG F 859 42.38 23.71 -22.07
C ARG F 859 41.66 23.37 -23.37
N ASP F 860 40.37 23.71 -23.44
CA ASP F 860 39.60 23.57 -24.67
C ASP F 860 40.06 24.61 -25.70
N ALA F 861 40.20 25.85 -25.26
CA ALA F 861 40.61 26.97 -26.10
C ALA F 861 42.04 26.83 -26.61
N ARG F 862 42.94 26.43 -25.71
CA ARG F 862 44.36 26.29 -26.02
C ARG F 862 44.59 25.17 -27.03
N ALA F 863 43.85 24.08 -26.88
CA ALA F 863 43.89 22.98 -27.84
C ALA F 863 42.87 23.21 -28.96
N LEU F 864 42.79 24.45 -29.43
CA LEU F 864 41.86 24.85 -30.49
C LEU F 864 42.44 26.00 -31.31
N GLY F 865 43.56 26.60 -30.81
CA GLY F 865 43.80 28.08 -30.76
C GLY F 865 44.68 28.80 -29.68
N ILE F 866 45.24 30.00 -29.94
CA ILE F 866 45.63 31.05 -28.91
C ILE F 866 46.89 32.00 -29.13
N PRO F 867 47.02 33.16 -28.42
CA PRO F 867 47.69 33.23 -27.11
C PRO F 867 46.72 33.55 -25.96
N VAL F 868 46.90 32.83 -24.86
CA VAL F 868 46.12 33.04 -23.64
C VAL F 868 47.05 33.56 -22.55
N LEU F 869 46.81 34.80 -22.12
CA LEU F 869 47.73 35.53 -21.24
C LEU F 869 47.25 35.61 -19.79
N PRO F 870 48.20 35.63 -18.82
CA PRO F 870 47.88 35.83 -17.40
C PRO F 870 47.23 37.19 -17.20
N PRO F 871 46.58 37.41 -16.04
CA PRO F 871 45.89 38.68 -15.91
C PRO F 871 46.89 39.83 -15.80
N ASP F 872 46.39 41.07 -15.87
CA ASP F 872 47.25 42.25 -15.87
C ASP F 872 46.43 43.43 -15.42
N VAL F 873 46.84 44.06 -14.31
CA VAL F 873 46.11 45.17 -13.69
C VAL F 873 45.82 46.35 -14.63
N ASN F 874 46.63 46.51 -15.66
CA ASN F 874 46.49 47.61 -16.62
C ASN F 874 45.57 47.33 -17.81
N ARG F 875 45.44 46.07 -18.20
CA ARG F 875 44.66 45.72 -19.39
C ARG F 875 43.44 44.83 -19.12
N SER F 876 43.55 43.98 -18.11
CA SER F 876 42.49 43.02 -17.78
C SER F 876 41.18 43.72 -17.43
N GLY F 877 40.09 43.10 -17.86
CA GLY F 877 38.76 43.46 -17.38
C GLY F 877 38.48 42.53 -16.22
N PHE F 878 37.22 42.49 -15.79
CA PHE F 878 36.82 41.64 -14.68
C PHE F 878 36.88 40.16 -15.05
N ASP F 879 36.31 39.82 -16.21
CA ASP F 879 36.24 38.45 -16.70
C ASP F 879 37.25 38.23 -17.83
N PHE F 880 37.16 37.11 -18.54
CA PHE F 880 38.01 36.88 -19.70
C PHE F 880 37.75 37.99 -20.74
N LYS F 881 38.83 38.49 -21.33
CA LYS F 881 38.74 39.62 -22.26
C LYS F 881 39.64 39.41 -23.48
N VAL F 882 39.18 39.92 -24.63
CA VAL F 882 39.95 39.88 -25.87
C VAL F 882 40.54 41.25 -26.21
N VAL F 883 41.86 41.36 -26.08
CA VAL F 883 42.59 42.59 -26.43
C VAL F 883 43.35 42.34 -27.73
N GLY F 884 42.98 43.07 -28.77
CA GLY F 884 43.55 42.89 -30.08
C GLY F 884 43.18 41.52 -30.62
N GLU F 885 44.11 40.58 -30.50
CA GLU F 885 43.86 39.22 -30.96
C GLU F 885 44.34 38.18 -29.95
N GLU F 886 44.29 38.54 -28.68
CA GLU F 886 44.72 37.66 -27.61
C GLU F 886 43.60 37.49 -26.59
N ILE F 887 43.63 36.36 -25.86
CA ILE F 887 42.71 36.16 -24.75
C ILE F 887 43.47 36.49 -23.45
N LEU F 888 42.85 37.31 -22.62
CA LEU F 888 43.48 37.80 -21.42
C LEU F 888 42.61 37.49 -20.20
N PHE F 889 43.18 36.76 -19.24
CA PHE F 889 42.50 36.44 -17.99
C PHE F 889 41.96 37.67 -17.30
N GLY F 890 40.83 37.50 -16.61
CA GLY F 890 40.25 38.57 -15.79
C GLY F 890 40.91 38.66 -14.42
N LEU F 891 40.61 39.71 -13.67
CA LEU F 891 41.19 39.86 -12.34
C LEU F 891 40.44 39.01 -11.33
N SER F 892 39.15 38.77 -11.61
CA SER F 892 38.32 37.95 -10.76
C SER F 892 38.82 36.50 -10.72
N ALA F 893 39.68 36.17 -11.68
CA ALA F 893 40.28 34.84 -11.79
C ALA F 893 41.36 34.58 -10.73
N VAL F 894 41.89 35.65 -10.14
CA VAL F 894 42.95 35.56 -9.13
C VAL F 894 42.35 35.11 -7.80
N LYS F 895 43.04 34.17 -7.14
CA LYS F 895 42.44 33.33 -6.11
C LYS F 895 42.04 33.98 -4.79
N ASN F 896 42.94 34.79 -4.20
CA ASN F 896 42.64 35.38 -2.91
C ASN F 896 42.02 36.76 -2.98
N VAL F 897 42.14 37.39 -4.14
CA VAL F 897 41.51 38.67 -4.42
C VAL F 897 39.99 38.55 -4.29
N GLY F 898 39.40 39.39 -3.45
CA GLY F 898 37.94 39.43 -3.30
C GLY F 898 37.27 39.79 -4.61
N GLU F 899 35.95 39.96 -4.58
CA GLU F 899 35.26 40.47 -5.75
C GLU F 899 35.14 41.98 -5.67
N MET F 900 35.01 42.50 -4.45
CA MET F 900 34.98 43.94 -4.22
C MET F 900 36.30 44.57 -4.63
N ALA F 901 37.38 43.85 -4.33
CA ALA F 901 38.74 44.28 -4.64
C ALA F 901 38.98 44.34 -6.15
N ALA F 902 38.54 43.31 -6.86
CA ALA F 902 38.71 43.26 -8.31
C ALA F 902 38.03 44.45 -8.98
N ARG F 903 36.77 44.72 -8.61
CA ARG F 903 36.09 45.89 -9.13
C ARG F 903 36.76 47.19 -8.68
N ALA F 904 37.15 47.26 -7.41
CA ALA F 904 37.88 48.41 -6.89
C ALA F 904 39.09 48.76 -7.75
N ILE F 905 39.95 47.76 -7.97
CA ILE F 905 41.16 47.93 -8.79
C ILE F 905 40.79 48.55 -10.14
N LEU F 906 39.84 47.93 -10.81
CA LEU F 906 39.37 48.38 -12.12
C LEU F 906 38.78 49.79 -12.09
N GLU F 907 38.00 50.11 -11.07
CA GLU F 907 37.37 51.43 -10.98
C GLU F 907 38.39 52.51 -10.68
N GLU F 908 39.38 52.17 -9.86
CA GLU F 908 40.48 53.07 -9.55
C GLU F 908 41.32 53.31 -10.81
N ARG F 909 41.48 52.27 -11.63
CA ARG F 909 42.20 52.41 -12.89
C ARG F 909 41.42 53.25 -13.91
N GLU F 910 40.11 53.40 -13.70
CA GLU F 910 39.31 54.17 -14.64
C GLU F 910 39.23 55.65 -14.29
N ARG F 911 39.29 55.99 -13.00
CA ARG F 911 39.25 57.41 -12.61
C ARG F 911 40.63 58.08 -12.61
N GLY F 912 41.62 57.38 -12.07
CA GLY F 912 43.04 57.71 -12.28
C GLY F 912 43.44 56.95 -13.53
N GLY F 913 44.65 57.20 -14.04
CA GLY F 913 45.07 56.53 -15.28
C GLY F 913 45.42 55.06 -15.12
N PRO F 914 46.15 54.49 -16.09
CA PRO F 914 46.80 53.18 -15.89
C PRO F 914 47.90 53.28 -14.82
N PHE F 915 48.12 52.19 -14.08
CA PHE F 915 49.09 52.17 -12.99
C PHE F 915 50.53 52.33 -13.50
N LYS F 916 51.26 53.25 -12.87
CA LYS F 916 52.61 53.62 -13.31
C LYS F 916 53.73 52.74 -12.74
N SER F 917 53.53 52.25 -11.51
CA SER F 917 54.49 51.39 -10.84
C SER F 917 53.82 50.65 -9.69
N LEU F 918 54.58 49.80 -9.00
CA LEU F 918 54.05 49.08 -7.82
C LEU F 918 53.70 50.03 -6.68
N GLY F 919 54.54 51.05 -6.46
CA GLY F 919 54.26 52.07 -5.47
C GLY F 919 52.99 52.82 -5.79
N ASP F 920 52.88 53.27 -7.04
CA ASP F 920 51.69 53.99 -7.54
C ASP F 920 50.44 53.16 -7.32
N PHE F 921 50.58 51.84 -7.44
CA PHE F 921 49.48 50.90 -7.19
C PHE F 921 49.10 50.90 -5.71
N LEU F 922 50.10 50.84 -4.84
CA LEU F 922 49.88 50.67 -3.41
C LEU F 922 49.31 51.90 -2.70
N LYS F 923 49.69 53.09 -3.16
CA LYS F 923 49.16 54.33 -2.59
C LYS F 923 47.77 54.64 -3.12
N ARG F 924 47.48 54.24 -4.35
CA ARG F 924 46.16 54.47 -4.95
C ARG F 924 45.12 53.53 -4.35
N LEU F 925 45.54 52.31 -4.04
CA LEU F 925 44.67 51.31 -3.45
C LEU F 925 45.18 50.97 -2.05
N PRO F 926 44.57 51.58 -1.01
CA PRO F 926 45.01 51.34 0.36
C PRO F 926 44.90 49.87 0.74
N GLU F 927 45.64 49.47 1.78
CA GLU F 927 45.60 48.10 2.28
C GLU F 927 44.20 47.72 2.77
N GLN F 928 43.40 48.73 3.11
CA GLN F 928 41.98 48.59 3.46
C GLN F 928 41.20 47.80 2.42
N VAL F 929 41.53 48.03 1.14
CA VAL F 929 40.78 47.48 0.02
C VAL F 929 41.46 46.23 -0.56
N VAL F 930 42.72 46.37 -0.93
CA VAL F 930 43.50 45.26 -1.45
C VAL F 930 44.53 44.85 -0.41
N ASN F 931 44.15 43.94 0.49
CA ASN F 931 45.01 43.50 1.59
C ASN F 931 46.30 42.77 1.14
N LYS F 932 47.24 42.58 2.07
CA LYS F 932 48.53 41.96 1.74
C LYS F 932 48.41 40.55 1.14
N ARG F 933 47.50 39.74 1.69
CA ARG F 933 47.20 38.43 1.15
C ARG F 933 46.77 38.57 -0.33
N ALA F 934 45.85 39.49 -0.60
CA ALA F 934 45.35 39.76 -1.96
C ALA F 934 46.48 40.17 -2.90
N LEU F 935 47.25 41.18 -2.48
CA LEU F 935 48.40 41.64 -3.25
C LEU F 935 49.33 40.50 -3.64
N GLU F 936 49.57 39.57 -2.73
CA GLU F 936 50.48 38.45 -2.96
C GLU F 936 50.05 37.57 -4.11
N SER F 937 48.78 37.16 -4.09
CA SER F 937 48.22 36.35 -5.18
C SER F 937 48.35 37.09 -6.51
N LEU F 938 47.97 38.37 -6.50
CA LEU F 938 48.00 39.25 -7.66
C LEU F 938 49.39 39.26 -8.35
N VAL F 939 50.45 39.31 -7.55
CA VAL F 939 51.82 39.18 -8.05
C VAL F 939 52.02 37.79 -8.65
N LYS F 940 51.66 36.76 -7.89
CA LYS F 940 51.84 35.35 -8.28
C LYS F 940 51.10 34.99 -9.56
N ALA F 941 49.96 35.64 -9.80
CA ALA F 941 49.17 35.42 -11.01
C ALA F 941 49.89 35.94 -12.25
N GLY F 942 50.65 37.01 -12.06
CA GLY F 942 51.32 37.70 -13.15
C GLY F 942 50.63 39.01 -13.49
N ALA F 943 49.70 39.40 -12.62
CA ALA F 943 48.87 40.60 -12.82
C ALA F 943 49.66 41.88 -12.69
N LEU F 944 50.82 41.78 -12.06
CA LEU F 944 51.66 42.95 -11.81
C LEU F 944 53.01 42.81 -12.50
N ASP F 945 53.13 41.83 -13.40
CA ASP F 945 54.38 41.58 -14.12
C ASP F 945 54.90 42.78 -14.92
N ALA F 946 54.00 43.73 -15.19
CA ALA F 946 54.36 44.96 -15.89
C ALA F 946 55.28 45.85 -15.05
N PHE F 947 55.59 45.40 -13.83
CA PHE F 947 56.42 46.17 -12.92
C PHE F 947 57.79 45.55 -12.61
N GLY F 948 58.10 44.42 -13.23
CA GLY F 948 59.42 43.78 -13.08
C GLY F 948 59.41 42.34 -12.58
N ASP F 949 60.53 41.94 -11.99
CA ASP F 949 60.72 40.56 -11.49
C ASP F 949 59.76 40.25 -10.34
N ARG F 950 59.14 39.08 -10.43
CA ARG F 950 58.12 38.64 -9.46
C ARG F 950 58.64 38.44 -8.04
N ALA F 951 59.73 37.68 -7.91
CA ALA F 951 60.35 37.42 -6.62
C ALA F 951 60.70 38.75 -5.95
N ARG F 952 61.13 39.68 -6.78
CA ARG F 952 61.51 41.01 -6.36
C ARG F 952 60.26 41.80 -5.93
N LEU F 953 59.16 41.61 -6.65
CA LEU F 953 57.87 42.25 -6.32
C LEU F 953 57.29 41.75 -4.99
N LEU F 954 57.38 40.44 -4.75
CA LEU F 954 56.89 39.81 -3.51
C LEU F 954 57.63 40.32 -2.28
N ALA F 955 58.95 40.42 -2.39
CA ALA F 955 59.79 40.94 -1.33
C ALA F 955 59.54 42.43 -1.11
N SER F 956 59.39 43.17 -2.21
CA SER F 956 59.18 44.62 -2.16
C SER F 956 57.90 45.04 -1.46
N LEU F 957 56.98 44.09 -1.26
CA LEU F 957 55.64 44.40 -0.77
C LEU F 957 55.55 45.10 0.58
N GLU F 958 55.96 44.43 1.66
CA GLU F 958 55.78 44.98 3.00
C GLU F 958 56.52 46.31 3.25
N PRO F 959 57.74 46.47 2.70
CA PRO F 959 58.39 47.78 2.76
C PRO F 959 57.58 48.88 2.08
N LEU F 960 57.03 48.60 0.90
CA LEU F 960 56.25 49.58 0.15
C LEU F 960 54.86 49.82 0.74
N LEU F 961 54.34 48.82 1.44
CA LEU F 961 53.08 48.97 2.18
C LEU F 961 53.28 49.93 3.36
N ARG F 962 54.39 49.77 4.08
CA ARG F 962 54.80 50.69 5.12
C ARG F 962 54.95 52.10 4.54
N TRP F 963 55.66 52.17 3.40
CA TRP F 963 55.87 53.43 2.67
C TRP F 963 54.55 54.11 2.33
N ALA F 964 53.65 53.34 1.69
CA ALA F 964 52.35 53.83 1.26
C ALA F 964 51.49 54.31 2.43
N ALA F 965 51.50 53.54 3.51
CA ALA F 965 50.75 53.92 4.72
C ALA F 965 51.31 55.21 5.32
N GLU F 966 52.63 55.39 5.19
CA GLU F 966 53.31 56.57 5.72
C GLU F 966 53.08 57.83 4.89
N THR F 967 52.81 57.64 3.59
CA THR F 967 52.54 58.76 2.69
C THR F 967 51.24 59.46 3.07
N ARG F 968 50.20 58.68 3.36
CA ARG F 968 48.91 59.22 3.79
C ARG F 968 49.01 59.93 5.13
N GLU F 969 49.88 59.45 6.01
CA GLU F 969 50.12 60.09 7.30
C GLU F 969 50.60 61.52 7.13
N ARG F 970 51.56 61.72 6.22
CA ARG F 970 52.05 63.05 5.89
C ARG F 970 50.99 63.83 5.11
N GLY F 971 50.25 63.12 4.25
CA GLY F 971 49.18 63.69 3.45
C GLY F 971 48.02 64.22 4.26
N ARG F 972 47.61 63.46 5.27
CA ARG F 972 46.53 63.86 6.18
C ARG F 972 47.10 64.61 7.39
N SER F 973 48.24 65.26 7.19
CA SER F 973 48.88 66.10 8.19
C SER F 973 49.36 67.39 7.52
N GLY F 974 48.59 67.86 6.54
CA GLY F 974 48.98 68.97 5.70
C GLY F 974 49.91 68.46 4.61
N LEU F 975 51.03 69.18 4.41
CA LEU F 975 52.10 68.82 3.46
C LEU F 975 51.62 68.63 2.01
N VAL F 976 52.09 69.51 1.13
CA VAL F 976 51.58 69.66 -0.25
C VAL F 976 51.75 68.43 -1.16
N GLY F 977 52.89 68.30 -1.82
CA GLY F 977 53.12 67.22 -2.79
C GLY F 977 54.57 66.79 -2.91
N LEU F 978 55.49 67.74 -2.73
CA LEU F 978 56.92 67.46 -2.64
C LEU F 978 57.32 67.19 -1.20
N PHE F 979 56.66 67.89 -0.27
CA PHE F 979 56.88 67.75 1.17
C PHE F 979 56.15 66.51 1.72
N ALA F 980 55.19 66.01 0.95
CA ALA F 980 54.36 64.87 1.36
C ALA F 980 54.74 63.56 0.64
N GLU F 981 55.78 63.61 -0.18
CA GLU F 981 56.26 62.42 -0.89
C GLU F 981 57.76 62.36 -1.13
N VAL F 982 58.42 61.44 -0.43
CA VAL F 982 59.77 61.02 -0.78
C VAL F 982 59.57 59.84 -1.72
N GLU F 983 59.42 60.14 -3.00
CA GLU F 983 58.83 59.19 -3.97
C GLU F 983 59.44 57.78 -3.95
N GLU F 984 58.54 56.81 -4.09
CA GLU F 984 58.81 55.37 -3.97
C GLU F 984 60.23 54.92 -4.25
N PRO F 985 60.83 54.21 -3.28
CA PRO F 985 62.17 53.66 -3.39
C PRO F 985 62.23 52.65 -4.54
N PRO F 986 63.44 52.27 -4.97
CA PRO F 986 63.55 51.23 -6.00
C PRO F 986 62.96 49.89 -5.53
N LEU F 987 62.95 48.91 -6.43
CA LEU F 987 62.40 47.60 -6.16
C LEU F 987 63.39 46.76 -5.33
N VAL F 988 62.97 46.38 -4.11
CA VAL F 988 63.80 45.59 -3.19
C VAL F 988 64.34 44.33 -3.88
N GLU F 989 65.66 44.22 -3.93
CA GLU F 989 66.32 43.17 -4.73
C GLU F 989 66.27 41.76 -4.17
N ALA F 990 66.17 40.79 -5.07
CA ALA F 990 66.19 39.36 -4.76
C ALA F 990 66.43 38.57 -6.05
N SER F 991 66.91 37.33 -5.90
CA SER F 991 67.19 36.43 -7.03
C SER F 991 65.90 35.95 -7.73
N PRO F 992 65.90 35.90 -9.08
CA PRO F 992 64.74 35.45 -9.86
C PRO F 992 64.25 34.04 -9.48
N LEU F 993 62.93 33.84 -9.53
CA LEU F 993 62.31 32.55 -9.22
C LEU F 993 62.66 31.50 -10.28
N ASP F 994 62.86 30.26 -9.85
CA ASP F 994 63.03 29.13 -10.77
C ASP F 994 61.66 28.74 -11.37
N GLU F 995 61.70 27.96 -12.44
CA GLU F 995 60.47 27.57 -13.14
C GLU F 995 59.47 26.79 -12.30
N ILE F 996 59.95 25.77 -11.58
CA ILE F 996 59.08 24.95 -10.71
C ILE F 996 58.32 25.82 -9.71
N THR F 997 59.05 26.66 -8.97
CA THR F 997 58.46 27.49 -7.94
C THR F 997 57.56 28.59 -8.52
N MET F 998 57.94 29.12 -9.69
CA MET F 998 57.14 30.14 -10.37
C MET F 998 55.82 29.56 -10.87
N LEU F 999 55.93 28.39 -11.49
CA LEU F 999 54.76 27.66 -11.98
C LEU F 999 53.86 27.23 -10.81
N ARG F 1000 54.49 26.86 -9.71
CA ARG F 1000 53.78 26.50 -8.47
C ARG F 1000 52.90 27.64 -7.97
N TYR F 1001 53.47 28.85 -7.96
CA TYR F 1001 52.75 30.04 -7.50
C TYR F 1001 51.57 30.37 -8.41
N GLU F 1002 51.79 30.30 -9.72
CA GLU F 1002 50.73 30.53 -10.70
C GLU F 1002 49.48 29.72 -10.39
N LYS F 1003 49.68 28.41 -10.20
CA LYS F 1003 48.58 27.48 -9.93
C LYS F 1003 47.84 27.86 -8.65
N GLU F 1004 48.59 28.14 -7.59
CA GLU F 1004 48.02 28.58 -6.32
C GLU F 1004 47.17 29.85 -6.48
N ALA F 1005 47.55 30.70 -7.43
CA ALA F 1005 46.92 32.00 -7.63
C ALA F 1005 45.82 31.96 -8.67
N LEU F 1006 45.90 31.00 -9.59
CA LEU F 1006 44.94 30.94 -10.69
C LEU F 1006 44.21 29.60 -10.82
N GLY F 1007 44.56 28.63 -9.99
CA GLY F 1007 43.96 27.31 -10.06
C GLY F 1007 44.63 26.43 -11.10
N ILE F 1008 45.11 27.07 -12.16
CA ILE F 1008 45.73 26.37 -13.29
C ILE F 1008 47.11 26.93 -13.56
N TYR F 1009 47.93 26.21 -14.33
CA TYR F 1009 49.19 26.76 -14.83
C TYR F 1009 48.94 27.54 -16.12
N VAL F 1010 49.58 28.70 -16.25
CA VAL F 1010 49.57 29.47 -17.50
C VAL F 1010 51.02 29.64 -17.92
N SER F 1011 51.30 29.35 -19.19
CA SER F 1011 52.67 29.41 -19.71
C SER F 1011 53.62 28.42 -19.01
N GLY F 1012 53.58 27.16 -19.44
CA GLY F 1012 54.57 26.18 -19.02
C GLY F 1012 54.40 25.75 -17.57
N HIS F 1013 55.49 25.29 -16.95
CA HIS F 1013 55.45 24.10 -16.11
C HIS F 1013 56.77 23.88 -15.38
N PRO F 1014 56.77 24.08 -14.07
CA PRO F 1014 56.84 22.96 -13.12
C PRO F 1014 57.54 21.75 -13.72
N VAL F 1015 56.93 21.13 -14.73
CA VAL F 1015 57.40 19.85 -15.25
C VAL F 1015 58.73 20.02 -15.97
N LEU F 1016 58.95 21.20 -16.53
CA LEU F 1016 60.13 21.46 -17.36
C LEU F 1016 61.36 21.67 -16.49
N ARG F 1017 61.19 21.53 -15.17
CA ARG F 1017 62.27 21.79 -14.22
C ARG F 1017 63.10 20.52 -13.98
N TYR F 1018 62.42 19.40 -13.77
CA TYR F 1018 63.06 18.10 -13.84
C TYR F 1018 62.72 17.38 -15.15
N PRO F 1019 63.67 17.33 -16.07
CA PRO F 1019 63.46 16.69 -17.37
C PRO F 1019 63.53 15.18 -17.28
N GLY F 1020 63.81 14.65 -16.09
CA GLY F 1020 63.82 13.20 -15.85
C GLY F 1020 62.55 12.51 -16.36
N LEU F 1021 61.40 13.11 -16.05
CA LEU F 1021 60.11 12.58 -16.45
C LEU F 1021 59.84 12.75 -17.95
N ARG F 1022 60.16 13.93 -18.47
CA ARG F 1022 60.02 14.24 -19.89
C ARG F 1022 60.59 13.13 -20.79
N GLU F 1023 61.76 12.62 -20.39
CA GLU F 1023 62.54 11.66 -21.20
C GLU F 1023 61.94 10.26 -21.22
N VAL F 1024 61.29 9.89 -20.12
CA VAL F 1024 60.70 8.55 -19.99
C VAL F 1024 59.35 8.49 -20.72
N ALA F 1025 58.58 9.57 -20.58
CA ALA F 1025 57.27 9.70 -21.21
C ALA F 1025 57.31 9.25 -22.66
N SER F 1026 56.43 8.30 -22.99
CA SER F 1026 56.36 7.74 -24.33
C SER F 1026 55.78 8.74 -25.33
N CYS F 1027 54.93 8.83 -25.09
CA CYS F 1027 54.01 9.60 -25.91
C CYS F 1027 53.64 10.89 -25.21
N THR F 1028 52.93 11.77 -25.93
CA THR F 1028 52.27 12.92 -25.33
C THR F 1028 50.76 12.69 -25.46
N ILE F 1029 49.95 13.36 -24.64
CA ILE F 1029 48.48 13.14 -24.68
C ILE F 1029 47.94 13.33 -26.11
N GLU F 1030 48.36 14.42 -26.75
CA GLU F 1030 47.98 14.71 -28.12
C GLU F 1030 48.32 13.58 -29.08
N GLU F 1031 49.55 13.09 -29.02
CA GLU F 1031 50.08 12.11 -29.97
C GLU F 1031 49.50 10.69 -29.85
N LEU F 1032 48.78 10.42 -28.76
CA LEU F 1032 48.24 9.06 -28.49
C LEU F 1032 47.54 8.38 -29.66
N SER F 1033 46.45 8.97 -30.11
CA SER F 1033 45.67 8.44 -31.22
C SER F 1033 46.53 8.20 -32.45
N GLU F 1034 47.26 9.23 -32.85
CA GLU F 1034 48.17 9.18 -34.00
C GLU F 1034 49.26 8.12 -33.87
N PHE F 1035 49.83 7.98 -32.67
CA PHE F 1035 50.92 7.03 -32.42
C PHE F 1035 50.44 5.58 -32.30
N VAL F 1036 49.32 5.38 -31.59
CA VAL F 1036 48.82 4.04 -31.29
C VAL F 1036 48.20 3.30 -32.48
N ARG F 1037 47.29 3.96 -33.20
CA ARG F 1037 46.59 3.37 -34.36
C ARG F 1037 47.44 2.31 -35.06
N GLU F 1038 48.61 2.72 -35.55
CA GLU F 1038 49.54 1.81 -36.20
C GLU F 1038 50.48 1.20 -35.17
N LEU F 1039 50.14 0.00 -34.71
CA LEU F 1039 50.92 -0.75 -33.72
C LEU F 1039 50.34 -2.19 -33.70
N PRO F 1040 50.33 -2.90 -32.55
CA PRO F 1040 49.56 -4.14 -32.59
C PRO F 1040 48.10 -3.93 -32.17
N GLY F 1041 47.35 -5.02 -32.03
CA GLY F 1041 45.96 -4.96 -31.59
C GLY F 1041 45.81 -4.73 -30.09
N LYS F 1042 45.23 -3.58 -29.75
CA LYS F 1042 45.01 -3.14 -28.35
C LYS F 1042 46.31 -3.13 -27.53
N PRO F 1043 47.15 -2.10 -27.73
CA PRO F 1043 48.48 -2.04 -27.13
C PRO F 1043 48.51 -1.50 -25.69
N LYS F 1044 49.68 -1.61 -25.07
CA LYS F 1044 49.96 -1.01 -23.78
C LYS F 1044 50.90 0.17 -24.00
N VAL F 1045 50.86 1.15 -23.10
CA VAL F 1045 51.61 2.40 -23.27
C VAL F 1045 51.86 3.10 -21.94
N LEU F 1046 52.93 3.90 -21.89
CA LEU F 1046 53.20 4.71 -20.70
C LEU F 1046 53.06 6.21 -20.93
N LEU F 1047 52.17 6.84 -20.18
CA LEU F 1047 51.92 8.29 -20.26
C LEU F 1047 52.20 8.94 -18.92
N SER F 1048 52.71 10.17 -18.98
CA SER F 1048 52.97 10.93 -17.76
C SER F 1048 52.37 12.32 -17.85
N GLY F 1049 51.68 12.72 -16.80
CA GLY F 1049 51.04 14.03 -16.73
C GLY F 1049 50.65 14.39 -15.31
N MET F 1050 49.52 15.11 -15.18
CA MET F 1050 49.01 15.57 -13.88
C MET F 1050 47.65 14.93 -13.56
N VAL F 1051 47.36 14.75 -12.27
CA VAL F 1051 46.10 14.13 -11.85
C VAL F 1051 45.09 15.19 -11.41
N GLU F 1052 43.83 14.99 -11.79
CA GLU F 1052 42.77 15.98 -11.55
C GLU F 1052 41.39 15.43 -11.16
N GLU F 1053 41.37 14.28 -10.46
CA GLU F 1053 40.09 13.68 -10.05
C GLU F 1053 40.12 12.99 -8.69
N VAL F 1054 39.02 13.16 -7.94
CA VAL F 1054 38.84 12.53 -6.62
C VAL F 1054 38.81 11.00 -6.74
N ARG F 1067 38.27 6.71 -12.43
CA ARG F 1067 38.13 7.70 -13.49
C ARG F 1067 38.88 9.01 -13.19
N PHE F 1068 40.18 8.89 -12.92
CA PHE F 1068 41.01 10.08 -12.73
C PHE F 1068 41.41 10.66 -14.08
N THR F 1069 41.59 11.97 -14.14
CA THR F 1069 41.97 12.65 -15.39
C THR F 1069 43.45 13.03 -15.42
N LEU F 1070 44.14 12.63 -16.48
CA LEU F 1070 45.58 12.93 -16.64
C LEU F 1070 45.80 13.99 -17.71
N SER F 1071 46.64 14.97 -17.40
CA SER F 1071 46.86 16.12 -18.30
C SER F 1071 48.33 16.49 -18.60
N ASP F 1072 48.62 16.64 -19.90
CA ASP F 1072 49.89 17.16 -20.40
C ASP F 1072 49.76 18.64 -20.67
N GLU F 1073 50.83 19.23 -21.19
CA GLU F 1073 50.76 20.59 -21.72
C GLU F 1073 50.07 20.55 -23.09
N THR F 1074 49.55 19.36 -23.43
CA THR F 1074 49.01 19.07 -24.75
C THR F 1074 47.58 18.55 -24.74
N GLY F 1075 47.03 18.28 -23.56
CA GLY F 1075 45.64 17.80 -23.46
C GLY F 1075 45.35 16.97 -22.21
N ALA F 1076 44.16 16.39 -22.16
CA ALA F 1076 43.74 15.57 -21.02
C ALA F 1076 43.13 14.24 -21.47
N LEU F 1077 42.93 13.33 -20.51
CA LEU F 1077 42.38 12.01 -20.80
C LEU F 1077 41.58 11.44 -19.65
N GLU F 1078 40.52 10.70 -19.98
CA GLU F 1078 39.85 9.82 -19.03
C GLU F 1078 40.72 8.57 -18.88
N VAL F 1079 40.99 8.15 -17.64
CA VAL F 1079 41.81 6.94 -17.40
C VAL F 1079 41.45 6.27 -16.07
N VAL F 1080 41.16 4.97 -16.14
CA VAL F 1080 40.76 4.19 -14.97
C VAL F 1080 41.68 2.99 -14.76
N LYS F 1094 46.01 12.75 -4.68
CA LYS F 1094 44.89 13.23 -5.49
C LYS F 1094 45.32 14.31 -6.48
N GLU F 1095 44.68 15.48 -6.44
CA GLU F 1095 44.95 16.55 -7.41
C GLU F 1095 46.33 17.21 -7.25
N ASP F 1096 46.82 17.78 -8.35
CA ASP F 1096 48.15 18.41 -8.43
C ASP F 1096 49.30 17.54 -7.91
N ILE F 1097 49.27 16.27 -8.29
CA ILE F 1097 50.37 15.34 -8.06
C ILE F 1097 50.70 14.67 -9.41
N PRO F 1098 51.96 14.76 -9.85
CA PRO F 1098 52.38 14.13 -11.12
C PRO F 1098 52.49 12.61 -11.02
N LEU F 1099 52.16 11.92 -12.11
CA LEU F 1099 52.25 10.46 -12.18
C LEU F 1099 52.71 9.96 -13.55
N LEU F 1100 53.45 8.87 -13.55
CA LEU F 1100 53.69 8.10 -14.76
C LEU F 1100 52.68 6.97 -14.71
N VAL F 1101 52.12 6.61 -15.86
CA VAL F 1101 51.06 5.61 -15.92
C VAL F 1101 51.29 4.58 -17.03
N LEU F 1102 51.23 3.29 -16.68
CA LEU F 1102 51.20 2.20 -17.66
C LEU F 1102 49.77 1.75 -17.88
N ALA F 1103 49.31 1.81 -19.13
CA ALA F 1103 47.90 1.59 -19.42
C ALA F 1103 47.63 0.96 -20.80
N GLU F 1104 46.50 0.26 -20.91
CA GLU F 1104 46.03 -0.30 -22.19
C GLU F 1104 45.11 0.62 -22.96
N VAL F 1105 45.29 0.64 -24.29
CA VAL F 1105 44.56 1.55 -25.16
C VAL F 1105 43.74 0.79 -26.22
N GLU F 1106 42.53 1.27 -26.49
CA GLU F 1106 41.67 0.69 -27.51
C GLU F 1106 41.23 1.73 -28.53
N ARG F 1112 39.70 5.01 -25.69
CA ARG F 1112 39.70 4.95 -24.23
C ARG F 1112 40.98 4.29 -23.69
N VAL F 1113 41.32 4.62 -22.44
CA VAL F 1113 42.57 4.17 -21.80
C VAL F 1113 42.32 3.56 -20.42
N LEU F 1114 42.85 2.35 -20.20
CA LEU F 1114 42.67 1.62 -18.93
C LEU F 1114 44.00 1.41 -18.21
N ALA F 1115 44.14 2.04 -17.05
CA ALA F 1115 45.38 1.99 -16.25
C ALA F 1115 45.65 0.59 -15.69
N GLN F 1116 46.93 0.21 -15.67
CA GLN F 1116 47.36 -1.08 -15.13
C GLN F 1116 48.44 -0.93 -14.04
N ALA F 1117 49.26 0.12 -14.15
CA ALA F 1117 50.29 0.41 -13.16
C ALA F 1117 50.56 1.92 -13.07
N VAL F 1118 51.04 2.36 -11.91
CA VAL F 1118 51.28 3.78 -11.65
C VAL F 1118 52.51 3.99 -10.76
N TRP F 1119 53.27 5.07 -11.02
CA TRP F 1119 54.41 5.45 -10.18
C TRP F 1119 54.44 6.94 -9.91
N THR F 1120 54.88 7.32 -8.71
CA THR F 1120 54.96 8.73 -8.32
C THR F 1120 56.24 9.39 -8.81
N LEU F 1121 56.28 10.72 -8.72
CA LEU F 1121 57.43 11.53 -9.14
C LEU F 1121 58.72 11.08 -8.47
N GLU F 1122 58.67 10.89 -7.16
CA GLU F 1122 59.84 10.51 -6.36
C GLU F 1122 60.27 9.08 -6.65
N GLU F 1123 59.30 8.24 -7.02
CA GLU F 1123 59.58 6.86 -7.42
C GLU F 1123 60.34 6.80 -8.75
N VAL F 1124 59.91 7.59 -9.72
CA VAL F 1124 60.55 7.68 -11.04
C VAL F 1124 61.97 8.25 -10.93
N LEU F 1125 62.25 9.13 -9.98
CA LEU F 1125 63.56 9.05 -9.33
C LEU F 1125 64.10 7.60 -9.35
N GLU F 1126 65.14 7.35 -10.14
CA GLU F 1126 65.46 5.98 -10.59
C GLU F 1126 66.96 5.70 -10.85
N ALA F 1127 67.26 4.66 -11.63
CA ALA F 1127 68.66 4.30 -11.94
C ALA F 1127 68.92 3.69 -13.32
N PRO F 1128 69.15 4.48 -12.85
CA PRO F 1128 69.63 4.22 -14.22
C PRO F 1128 70.74 3.15 -14.31
N LYS F 1129 71.43 3.07 -15.45
CA LYS F 1129 71.02 3.82 -16.64
C LYS F 1129 71.33 3.13 -17.97
N ALA F 1130 70.55 3.51 -18.99
CA ALA F 1130 70.66 2.96 -20.35
C ALA F 1130 70.83 4.08 -21.39
N LEU F 1131 71.44 3.76 -22.52
CA LEU F 1131 71.61 4.75 -23.59
C LEU F 1131 70.43 4.75 -24.53
N GLU F 1132 69.90 5.95 -24.77
CA GLU F 1132 68.81 6.14 -25.70
C GLU F 1132 69.26 7.09 -26.80
N VAL F 1133 69.16 6.62 -28.04
CA VAL F 1133 69.45 7.45 -29.20
C VAL F 1133 68.10 7.89 -29.74
N GLU F 1134 68.04 9.09 -30.30
CA GLU F 1134 66.81 9.59 -30.89
C GLU F 1134 66.96 9.80 -32.39
N VAL F 1135 66.28 8.97 -33.16
CA VAL F 1135 66.44 8.91 -34.60
C VAL F 1135 65.19 9.44 -35.29
N ASP F 1136 65.38 10.15 -36.39
CA ASP F 1136 64.28 10.65 -37.19
C ASP F 1136 63.77 9.59 -38.16
N HIS F 1137 62.66 9.89 -38.85
CA HIS F 1137 62.13 9.01 -39.90
C HIS F 1137 63.04 9.05 -41.13
N ALA F 1138 63.73 10.18 -41.31
CA ALA F 1138 64.73 10.32 -42.36
C ALA F 1138 66.03 9.65 -41.95
N LEU F 1139 66.13 8.35 -42.20
CA LEU F 1139 67.38 7.63 -42.03
C LEU F 1139 67.61 6.64 -43.17
N LEU F 1140 68.88 6.35 -43.44
CA LEU F 1140 69.26 5.68 -44.68
C LEU F 1140 69.37 4.17 -44.48
N ASP F 1141 69.90 3.48 -45.48
CA ASP F 1141 70.05 2.04 -45.43
C ASP F 1141 71.46 1.64 -45.00
N GLU F 1142 72.39 1.65 -45.95
CA GLU F 1142 73.78 1.32 -45.66
C GLU F 1142 74.23 1.94 -44.34
N LYS F 1143 73.63 1.47 -43.24
CA LYS F 1143 73.69 2.19 -41.97
C LYS F 1143 73.13 1.31 -40.86
N GLY F 1144 71.94 0.76 -41.11
CA GLY F 1144 71.30 -0.13 -40.16
C GLY F 1144 71.97 -1.48 -40.16
N ALA F 1146 74.95 -1.33 -41.91
CA ALA F 1146 75.60 -1.79 -40.68
C ALA F 1146 76.56 -0.75 -40.09
N ARG F 1147 76.40 0.52 -40.49
CA ARG F 1147 77.16 1.64 -39.94
C ARG F 1147 76.96 1.74 -38.44
N LEU F 1148 75.73 2.00 -38.05
CA LEU F 1148 75.33 2.09 -36.65
C LEU F 1148 75.56 0.75 -35.97
N LYS F 1149 75.26 -0.34 -36.67
CA LYS F 1149 75.40 -1.69 -36.12
C LYS F 1149 76.84 -2.04 -35.72
N SER F 1150 77.82 -1.58 -36.49
CA SER F 1150 79.23 -1.87 -36.18
C SER F 1150 79.78 -0.92 -35.12
N LEU F 1151 79.32 0.34 -35.15
CA LEU F 1151 79.71 1.33 -34.13
C LEU F 1151 79.44 0.81 -32.74
N LEU F 1152 78.28 0.20 -32.56
CA LEU F 1152 77.88 -0.38 -31.28
C LEU F 1152 78.56 -1.73 -31.04
N ASP F 1153 78.80 -2.48 -32.12
CA ASP F 1153 79.46 -3.79 -32.02
C ASP F 1153 80.86 -3.68 -31.39
N GLU F 1154 81.51 -2.54 -31.59
CA GLU F 1154 82.88 -2.32 -31.14
C GLU F 1154 83.02 -1.82 -29.70
N HIS F 1155 81.90 -1.57 -29.02
CA HIS F 1155 81.95 -1.08 -27.64
C HIS F 1155 81.02 -1.85 -26.70
N PRO F 1156 81.36 -3.13 -26.39
CA PRO F 1156 80.52 -3.96 -25.54
C PRO F 1156 80.46 -3.49 -24.08
N GLY F 1157 79.47 -4.02 -23.35
CA GLY F 1157 79.22 -3.67 -21.96
C GLY F 1157 77.93 -4.32 -21.48
N SER F 1158 77.04 -3.52 -20.88
CA SER F 1158 75.76 -4.03 -20.40
C SER F 1158 74.62 -3.00 -20.35
N LEU F 1159 74.69 -1.88 -20.95
CA LEU F 1159 73.56 -0.96 -21.01
C LEU F 1159 72.69 -1.30 -22.21
N PRO F 1160 71.38 -1.47 -22.00
CA PRO F 1160 70.49 -1.66 -23.14
C PRO F 1160 70.44 -0.40 -23.99
N VAL F 1161 70.18 -0.56 -25.28
CA VAL F 1161 70.08 0.59 -26.18
C VAL F 1161 68.63 0.74 -26.65
N TYR F 1162 68.09 1.93 -26.44
CA TYR F 1162 66.72 2.23 -26.84
C TYR F 1162 66.75 3.20 -28.01
N LEU F 1163 65.69 3.18 -28.81
CA LEU F 1163 65.57 4.10 -29.93
C LEU F 1163 64.20 4.76 -29.97
N ARG F 1164 64.19 6.08 -30.01
CA ARG F 1164 62.98 6.84 -30.24
C ARG F 1164 62.88 7.12 -31.74
N VAL F 1165 61.94 6.45 -32.40
CA VAL F 1165 61.76 6.64 -33.84
C VAL F 1165 60.53 7.51 -34.08
N LEU F 1166 60.77 8.81 -34.26
CA LEU F 1166 59.72 9.76 -34.59
C LEU F 1166 59.11 9.41 -35.96
N GLY F 1167 58.05 8.61 -35.93
CA GLY F 1167 57.39 8.11 -37.13
C GLY F 1167 56.43 9.11 -37.78
N PRO F 1168 55.76 8.70 -38.86
CA PRO F 1168 54.86 9.60 -39.59
C PRO F 1168 53.66 9.98 -38.75
N PHE F 1169 53.10 9.00 -38.04
CA PHE F 1169 51.95 9.19 -37.14
C PHE F 1169 52.14 8.37 -35.86
N GLY F 1170 52.83 8.95 -34.89
CA GLY F 1170 53.15 8.25 -33.64
C GLY F 1170 54.63 8.07 -33.43
N GLU F 1171 55.02 7.96 -32.16
CA GLU F 1171 56.42 7.86 -31.76
C GLU F 1171 56.69 6.50 -31.14
N ALA F 1172 57.34 5.64 -31.91
CA ALA F 1172 57.65 4.26 -31.48
C ALA F 1172 58.87 4.17 -30.56
N LEU F 1173 58.91 3.13 -29.73
CA LEU F 1173 60.00 2.91 -28.79
C LEU F 1173 60.65 1.54 -28.98
N PHE F 1174 61.61 1.46 -29.91
CA PHE F 1174 62.31 0.21 -30.18
C PHE F 1174 63.57 0.06 -29.31
N ALA F 1175 63.49 -0.82 -28.30
CA ALA F 1175 64.68 -1.25 -27.58
C ALA F 1175 65.42 -2.20 -28.51
N LEU F 1176 66.75 -2.11 -28.50
CA LEU F 1176 67.56 -2.70 -29.56
C LEU F 1176 67.39 -4.21 -29.76
N ARG F 1177 68.33 -5.00 -29.26
CA ARG F 1177 68.33 -6.45 -29.46
C ARG F 1177 69.41 -7.15 -28.65
N GLU F 1178 70.50 -7.46 -29.35
CA GLU F 1178 71.63 -8.19 -28.81
C GLU F 1178 72.64 -7.21 -28.21
N VAL F 1179 72.89 -6.13 -28.94
CA VAL F 1179 73.90 -5.13 -28.58
C VAL F 1179 73.64 -4.51 -27.20
N ARG F 1180 74.70 -4.46 -26.41
CA ARG F 1180 74.67 -3.84 -25.08
C ARG F 1180 75.90 -2.95 -24.95
N VAL F 1181 75.68 -1.63 -25.00
CA VAL F 1181 76.75 -0.64 -24.98
C VAL F 1181 77.37 -0.48 -23.59
N GLY F 1182 78.61 0.00 -23.55
CA GLY F 1182 79.33 0.16 -22.28
C GLY F 1182 79.55 1.57 -21.77
N GLU F 1183 78.53 2.42 -21.91
CA GLU F 1183 78.54 3.81 -21.40
C GLU F 1183 79.33 4.84 -22.22
N GLU F 1184 80.61 4.56 -22.47
CA GLU F 1184 81.51 5.47 -23.21
C GLU F 1184 80.90 5.89 -24.55
N ALA F 1185 80.01 5.07 -25.06
CA ALA F 1185 79.41 5.27 -26.39
C ALA F 1185 78.58 6.55 -26.54
N LEU F 1186 78.11 7.13 -25.44
CA LEU F 1186 77.30 8.35 -25.48
C LEU F 1186 78.06 9.51 -26.12
N GLY F 1187 79.24 9.80 -25.58
CA GLY F 1187 80.10 10.86 -26.08
C GLY F 1187 80.49 10.64 -27.54
N LEU F 1188 80.85 9.41 -27.87
CA LEU F 1188 81.26 9.05 -29.23
C LEU F 1188 80.08 8.97 -30.21
N LEU F 1189 78.87 8.86 -29.66
CA LEU F 1189 77.66 8.83 -30.49
C LEU F 1189 77.13 10.23 -30.76
N GLU F 1190 77.22 11.11 -29.76
CA GLU F 1190 76.89 12.51 -29.94
C GLU F 1190 77.97 13.18 -30.80
N ALA F 1191 78.97 12.40 -31.20
CA ALA F 1191 80.02 12.84 -32.11
C ALA F 1191 79.64 12.54 -33.56
N GLU F 1192 78.33 12.60 -33.84
CA GLU F 1192 77.76 12.46 -35.17
C GLU F 1192 76.34 13.03 -35.13
N GLY F 1193 75.66 13.03 -36.28
CA GLY F 1193 74.32 13.61 -36.39
C GLY F 1193 73.22 13.03 -35.52
N TYR F 1194 73.60 12.28 -34.47
CA TYR F 1194 72.66 11.61 -33.57
C TYR F 1194 72.59 12.28 -32.19
N ARG F 1195 71.36 12.58 -31.74
CA ARG F 1195 71.09 13.07 -30.39
C ARG F 1195 70.88 11.89 -29.43
N ALA F 1196 71.51 11.96 -28.26
CA ALA F 1196 71.45 10.85 -27.30
C ALA F 1196 71.46 11.29 -25.85
N TYR F 1197 70.95 10.40 -24.99
CA TYR F 1197 70.82 10.66 -23.57
C TYR F 1197 71.07 9.39 -22.76
N LEU F 1198 71.59 9.55 -21.55
CA LEU F 1198 71.72 8.44 -20.62
C LEU F 1198 70.46 8.43 -19.74
N VAL F 1199 69.47 7.64 -20.16
CA VAL F 1199 68.19 7.57 -19.46
C VAL F 1199 68.14 6.38 -18.50
N PRO F 1200 67.37 6.49 -17.40
CA PRO F 1200 67.21 5.33 -16.51
C PRO F 1200 66.59 4.13 -17.23
N ASP F 1201 67.03 2.93 -16.85
CA ASP F 1201 66.58 1.70 -17.51
C ASP F 1201 65.12 1.38 -17.23
N ARG F 1202 64.37 1.24 -18.30
CA ARG F 1202 62.93 1.00 -18.27
C ARG F 1202 62.56 -0.35 -17.63
N GLU F 1203 63.45 -1.33 -17.78
CA GLU F 1203 63.22 -2.70 -17.29
C GLU F 1203 62.85 -2.78 -15.82
N VAL F 1204 63.69 -2.19 -14.97
CA VAL F 1204 63.57 -2.23 -13.51
C VAL F 1204 62.15 -2.04 -12.97
N PHE F 1205 61.34 -1.26 -13.68
CA PHE F 1205 60.05 -0.81 -13.17
C PHE F 1205 58.91 -1.67 -13.69
#